data_3B5S
# 
_entry.id   3B5S 
# 
_audit_conform.dict_name       mmcif_pdbx.dic 
_audit_conform.dict_version    5.377 
_audit_conform.dict_location   http://mmcif.pdb.org/dictionaries/ascii/mmcif_pdbx.dic 
# 
loop_
_database_2.database_id 
_database_2.database_code 
_database_2.pdbx_database_accession 
_database_2.pdbx_DOI 
PDB   3B5S         pdb_00003b5s 10.2210/pdb3b5s/pdb 
NDB   UR0132       ?            ?                   
RCSB  RCSB045113   ?            ?                   
WWPDB D_1000045113 ?            ?                   
# 
loop_
_pdbx_database_related.db_name 
_pdbx_database_related.db_id 
_pdbx_database_related.details 
_pdbx_database_related.content_type 
PDB 2P7F 
;The Novel Use of a 2',5'-Phosphodiester Linkage as a Reaction Intermediate at the Active Site of a Small Ribozyme
;
unspecified 
PDB 3B58 .                                                                                                                   
unspecified 
PDB 3B5A .                                                                                                                   
unspecified 
PDB 3B5F .                                                                                                                   
unspecified 
PDB 3B91 .                                                                                                                   
unspecified 
# 
_pdbx_database_status.entry_id                        3B5S 
_pdbx_database_status.status_code                     REL 
_pdbx_database_status.status_code_sf                  REL 
_pdbx_database_status.deposit_site                    RCSB 
_pdbx_database_status.process_site                    RCSB 
_pdbx_database_status.recvd_initial_deposition_date   2007-10-26 
_pdbx_database_status.SG_entry                        N 
_pdbx_database_status.status_code_mr                  ? 
_pdbx_database_status.pdb_format_compatible           Y 
_pdbx_database_status.status_code_cs                  ? 
_pdbx_database_status.methods_development_category    ? 
_pdbx_database_status.status_code_nmr_data            ? 
# 
loop_
_audit_author.name 
_audit_author.pdbx_ordinal 
'MacElrevey, C.' 1 
'Krucinska, J.'  2 
'Wedekind, J.E.' 3 
# 
_citation.id                        primary 
_citation.title                     
'Structural effects of nucleobase variations at key active site residue Ade38 in the hairpin ribozyme.' 
_citation.journal_abbrev            Rna 
_citation.journal_volume            14 
_citation.page_first                1600 
_citation.page_last                 1616 
_citation.year                      2008 
_citation.journal_id_ASTM           RNARFU 
_citation.country                   UK 
_citation.journal_id_ISSN           1355-8382 
_citation.journal_id_CSD            2122 
_citation.book_publisher            ? 
_citation.pdbx_database_id_PubMed   18596253 
_citation.pdbx_database_id_DOI      10.1261/rna.1055308 
# 
loop_
_citation_author.citation_id 
_citation_author.name 
_citation_author.ordinal 
_citation_author.identifier_ORCID 
primary 'MacElrevey, C.' 1 ? 
primary 'Salter, J.D.'   2 ? 
primary 'Krucinska, J.'  3 ? 
primary 'Wedekind, J.E.' 4 ? 
# 
_cell.entry_id           3B5S 
_cell.length_a           93.500 
_cell.length_b           93.500 
_cell.length_c           133.420 
_cell.angle_alpha        90.00 
_cell.angle_beta         90.00 
_cell.angle_gamma        120.00 
_cell.Z_PDB              12 
_cell.pdbx_unique_axis   ? 
_cell.length_a_esd       ? 
_cell.length_b_esd       ? 
_cell.length_c_esd       ? 
_cell.angle_alpha_esd    ? 
_cell.angle_beta_esd     ? 
_cell.angle_gamma_esd    ? 
# 
_symmetry.entry_id                         3B5S 
_symmetry.space_group_name_H-M             'P 61 2 2' 
_symmetry.pdbx_full_space_group_name_H-M   ? 
_symmetry.Int_Tables_number                178 
_symmetry.cell_setting                     ? 
_symmetry.space_group_name_Hall            ? 
# 
loop_
_entity.id 
_entity.type 
_entity.src_method 
_entity.pdbx_description 
_entity.formula_weight 
_entity.pdbx_number_of_molecules 
_entity.pdbx_ec 
_entity.pdbx_mutation 
_entity.pdbx_fragment 
_entity.details 
1 polymer     syn 'Loop A Substrate strand'                  4066.497 1  ? ?                ? 
;2'-O-methyl modification at residue 5
;
2 polymer     syn '29-mer Loop A and Loop B Ribozyme strand' 9762.989 1  ? ?                ? 
'Synthetic polyethylene glycol linker at hinge position 14' 
3 polymer     syn 'Loop B S-turn strand'                     6006.583 1  ? 'A38(N6G), U39C' ? ? 
4 non-polymer syn 'SULFATE ION'                              96.063   1  ? ?                ? ? 
5 non-polymer syn 'COBALT HEXAMMINE(III)'                    161.116  2  ? ?                ? ? 
6 water       nat water                                      18.015   33 ? ?                ? ? 
# 
loop_
_entity_poly.entity_id 
_entity_poly.type 
_entity_poly.nstd_linkage 
_entity_poly.nstd_monomer 
_entity_poly.pdbx_seq_one_letter_code 
_entity_poly.pdbx_seq_one_letter_code_can 
_entity_poly.pdbx_strand_id 
_entity_poly.pdbx_target_identifier 
1 polyribonucleotide no yes 'UCCC(A2M)GUCCACCG'                  UCCCAGUCCACCG                  A ? 
2 polyribonucleotide no yes 'CGGUGAGAAGGG(S9L)GGCAGAGAAACACACGA' CGGUGAGAAGGGXGGCAGAGAAACACACGA B ? 
3 polyribonucleotide no yes 'UCGUGGU(N6G)CAUUACCUGCC'            UCGUGGUGCAUUACCUGCC            C ? 
# 
loop_
_entity_poly_seq.entity_id 
_entity_poly_seq.num 
_entity_poly_seq.mon_id 
_entity_poly_seq.hetero 
1 1  U   n 
1 2  C   n 
1 3  C   n 
1 4  C   n 
1 5  A2M n 
1 6  G   n 
1 7  U   n 
1 8  C   n 
1 9  C   n 
1 10 A   n 
1 11 C   n 
1 12 C   n 
1 13 G   n 
2 1  C   n 
2 2  G   n 
2 3  G   n 
2 4  U   n 
2 5  G   n 
2 6  A   n 
2 7  G   n 
2 8  A   n 
2 9  A   n 
2 10 G   n 
2 11 G   n 
2 12 G   n 
2 13 S9L n 
2 14 G   n 
2 15 G   n 
2 16 C   n 
2 17 A   n 
2 18 G   n 
2 19 A   n 
2 20 G   n 
2 21 A   n 
2 22 A   n 
2 23 A   n 
2 24 C   n 
2 25 A   n 
2 26 C   n 
2 27 A   n 
2 28 C   n 
2 29 G   n 
2 30 A   n 
3 1  U   n 
3 2  C   n 
3 3  G   n 
3 4  U   n 
3 5  G   n 
3 6  G   n 
3 7  U   n 
3 8  N6G n 
3 9  C   n 
3 10 A   n 
3 11 U   n 
3 12 U   n 
3 13 A   n 
3 14 C   n 
3 15 C   n 
3 16 U   n 
3 17 G   n 
3 18 C   n 
3 19 C   n 
# 
loop_
_pdbx_entity_src_syn.entity_id 
_pdbx_entity_src_syn.pdbx_src_id 
_pdbx_entity_src_syn.pdbx_alt_source_flag 
_pdbx_entity_src_syn.pdbx_beg_seq_num 
_pdbx_entity_src_syn.pdbx_end_seq_num 
_pdbx_entity_src_syn.organism_scientific 
_pdbx_entity_src_syn.organism_common_name 
_pdbx_entity_src_syn.ncbi_taxonomy_id 
_pdbx_entity_src_syn.details 
1 1 sample ? ? ? ? ? 'solid-phase synthesis at Keck Institute, Yale'         
2 1 sample ? ? ? ? ? 'solid phase chemical synthesis at Dharmacon, Colorado' 
3 1 sample ? ? ? ? ? 'solid phase chemical synthesis at Dharmacon, Colorado' 
# 
loop_
_struct_ref.id 
_struct_ref.entity_id 
_struct_ref.db_name 
_struct_ref.db_code 
_struct_ref.pdbx_db_accession 
_struct_ref.pdbx_align_begin 
_struct_ref.pdbx_seq_one_letter_code 
_struct_ref.pdbx_db_isoform 
1 1 PDB 3B58 3B58 1 'UCCC(A2M)GUCCACCG'                  ? 
2 2 PDB 3B58 3B58 1 'CGGUGAGAAGGG(S9L)GGCAGAGAAACACACGA' ? 
3 3 PDB 3B58 3B58 1 'UCGUGGU(N6G)CAUUACCUGCC'            ? 
# 
loop_
_struct_ref_seq.align_id 
_struct_ref_seq.ref_id 
_struct_ref_seq.pdbx_PDB_id_code 
_struct_ref_seq.pdbx_strand_id 
_struct_ref_seq.seq_align_beg 
_struct_ref_seq.pdbx_seq_align_beg_ins_code 
_struct_ref_seq.seq_align_end 
_struct_ref_seq.pdbx_seq_align_end_ins_code 
_struct_ref_seq.pdbx_db_accession 
_struct_ref_seq.db_align_beg 
_struct_ref_seq.pdbx_db_align_beg_ins_code 
_struct_ref_seq.db_align_end 
_struct_ref_seq.pdbx_db_align_end_ins_code 
_struct_ref_seq.pdbx_auth_seq_align_beg 
_struct_ref_seq.pdbx_auth_seq_align_end 
1 1 3B5S A 1 ? 13 ? 3B58 1 ? 13 ? 1  13 
2 2 3B5S B 1 ? 30 ? 3B58 1 ? 30 ? 2  31 
3 3 3B5S C 1 ? 19 ? 3B58 1 ? 19 ? 31 49 
# 
loop_
_chem_comp.id 
_chem_comp.type 
_chem_comp.mon_nstd_flag 
_chem_comp.name 
_chem_comp.pdbx_synonyms 
_chem_comp.formula 
_chem_comp.formula_weight 
A   'RNA linking' y "ADENOSINE-5'-MONOPHOSPHATE"                                                                                  
? 'C10 H14 N5 O7 P' 347.221 
A2M 'RNA linking' n 
;2'-O-methyladenosine 5'-(dihydrogen phosphate)
;
? 'C11 H16 N5 O7 P' 361.248 
C   'RNA linking' y "CYTIDINE-5'-MONOPHOSPHATE"                                                                                   
? 'C9 H14 N3 O8 P'  323.197 
G   'RNA linking' y "GUANOSINE-5'-MONOPHOSPHATE"                                                                                  
? 'C10 H14 N5 O8 P' 363.221 
HOH non-polymer   . WATER                                                                                                         
? 'H2 O'            18.015  
N6G 'RNA linking' n '((2R,3S,4R,5S)-5-(2,6-DIAMINO-9H-PURIN-9-YL)-3,4-DIHYDROXY-TETRAHYDROFURAN-2-YL)METHYL DIHYDROGEN PHOSPHATE' 
? 'C10 H15 N6 O7 P' 362.236 
NCO non-polymer   . 'COBALT HEXAMMINE(III)'                                                                                       
? 'Co H18 N6 3'     161.116 
S9L non-polymer   . '2-[2-(2-HYDROXYETHOXY)ETHOXY]ETHYL DIHYDROGEN PHOSPHATE'                                                     
? 'C6 H15 O7 P'     230.153 
SO4 non-polymer   . 'SULFATE ION'                                                                                                 
? 'O4 S -2'         96.063  
U   'RNA linking' y "URIDINE-5'-MONOPHOSPHATE"                                                                                    
? 'C9 H13 N2 O9 P'  324.181 
# 
_exptl.entry_id          3B5S 
_exptl.method            'X-RAY DIFFRACTION' 
_exptl.crystals_number   1 
# 
_exptl_crystal.id                    1 
_exptl_crystal.density_meas          ? 
_exptl_crystal.density_Matthews      4.24 
_exptl_crystal.density_percent_sol   78. 
_exptl_crystal.description           ? 
_exptl_crystal.F_000                 ? 
_exptl_crystal.preparation           ? 
# 
_exptl_crystal_grow.crystal_id      1 
_exptl_crystal_grow.method          'VAPOR DIFFUSION, HANGING DROP' 
_exptl_crystal_grow.temp            293 
_exptl_crystal_grow.pH              7.0 
_exptl_crystal_grow.pdbx_details    
;PEG 2K MME, lithium sulfate, sodium cacodylate, spermidine, cobalt hexaammine, pH 7.0, VAPOR DIFFUSION, HANGING DROP, temperature 293K
;
_exptl_crystal_grow.temp_details    ? 
_exptl_crystal_grow.pdbx_pH_range   . 
# 
loop_
_exptl_crystal_grow_comp.crystal_id 
_exptl_crystal_grow_comp.id 
_exptl_crystal_grow_comp.sol_id 
_exptl_crystal_grow_comp.name 
_exptl_crystal_grow_comp.conc 
_exptl_crystal_grow_comp.volume 
_exptl_crystal_grow_comp.details 
1 1 1 'PEG 2K MME'        ? ? ? 
1 2 1 Li2SO4              ? ? ? 
1 3 1 'sodium cacodylate' ? ? ? 
1 4 1 spermidine          ? ? ? 
1 5 1 'cobalt hexaammine' ? ? ? 
1 6 2 'PEG 2K MME'        ? ? ? 
1 7 2 Li2SO4              ? ? ? 
1 8 2 spermidine          ? ? ? 
# 
_diffrn.id                     1 
_diffrn.ambient_temp           100 
_diffrn.ambient_temp_details   ? 
_diffrn.crystal_id             1 
# 
_diffrn_detector.diffrn_id              1 
_diffrn_detector.detector               CCD 
_diffrn_detector.type                   'ADSC QUANTUM 210' 
_diffrn_detector.pdbx_collection_date   2006-09-30 
_diffrn_detector.details                
'BENT TRIANGULAR ASYMMETRIC CUT SI(111) MONOCHROMATOR (PROVIDES HORIZONTAL FOCUSSING), RH-COATED SI MIRROR FOR VERTICAL FOCUSSING' 
# 
_diffrn_radiation.diffrn_id                        1 
_diffrn_radiation.wavelength_id                    1 
_diffrn_radiation.pdbx_monochromatic_or_laue_m_l   M 
_diffrn_radiation.monochromator                    'horizontal focusing 5.05 degree asymmetric cut Si (111)' 
_diffrn_radiation.pdbx_diffrn_protocol             'SINGLE WAVELENGTH' 
_diffrn_radiation.pdbx_scattering_type             x-ray 
# 
_diffrn_radiation_wavelength.id           1 
_diffrn_radiation_wavelength.wavelength   0.977 
_diffrn_radiation_wavelength.wt           1.0 
# 
_diffrn_source.diffrn_id                   1 
_diffrn_source.source                      SYNCHROTRON 
_diffrn_source.type                        'CHESS BEAMLINE A1' 
_diffrn_source.pdbx_synchrotron_site       CHESS 
_diffrn_source.pdbx_synchrotron_beamline   A1 
_diffrn_source.pdbx_wavelength             ? 
_diffrn_source.pdbx_wavelength_list        0.977 
# 
_reflns.entry_id                     3B5S 
_reflns.observed_criterion_sigma_I   ? 
_reflns.observed_criterion_sigma_F   ? 
_reflns.d_resolution_low             40.49 
_reflns.d_resolution_high            2.25 
_reflns.number_obs                   16724 
_reflns.number_all                   16976 
_reflns.percent_possible_obs         98.5 
_reflns.pdbx_Rmerge_I_obs            ? 
_reflns.pdbx_Rsym_value              0.037 
_reflns.pdbx_netI_over_sigmaI        25.5 
_reflns.B_iso_Wilson_estimate        113.4 
_reflns.pdbx_redundancy              7.8 
_reflns.R_free_details               ? 
_reflns.pdbx_chi_squared             ? 
_reflns.pdbx_scaling_rejects         ? 
_reflns.pdbx_ordinal                 1 
_reflns.pdbx_diffrn_id               1 
# 
_reflns_shell.d_res_high             2.25 
_reflns_shell.d_res_low              2.35 
_reflns_shell.percent_possible_all   98.1 
_reflns_shell.Rmerge_I_obs           ? 
_reflns_shell.pdbx_Rsym_value        .476 
_reflns_shell.meanI_over_sigI_obs    3.5 
_reflns_shell.pdbx_redundancy        8.8 
_reflns_shell.percent_possible_obs   ? 
_reflns_shell.number_unique_all      1615 
_reflns_shell.number_measured_all    ? 
_reflns_shell.number_measured_obs    ? 
_reflns_shell.number_unique_obs      ? 
_reflns_shell.pdbx_chi_squared       ? 
_reflns_shell.pdbx_ordinal           1 
_reflns_shell.pdbx_diffrn_id         1 
# 
_refine.entry_id                                 3B5S 
_refine.ls_number_reflns_obs                     16669 
_refine.ls_number_reflns_all                     16976 
_refine.pdbx_ls_sigma_I                          ? 
_refine.pdbx_ls_sigma_F                          -3.0 
_refine.pdbx_data_cutoff_high_absF               860219.44 
_refine.pdbx_data_cutoff_low_absF                0.000000 
_refine.pdbx_data_cutoff_high_rms_absF           ? 
_refine.ls_d_res_low                             40.49 
_refine.ls_d_res_high                            2.25 
_refine.ls_percent_reflns_obs                    98.1 
_refine.ls_R_factor_obs                          0.223 
_refine.ls_R_factor_all                          ? 
_refine.ls_R_factor_R_work                       0.223 
_refine.ls_R_factor_R_free                       0.241 
_refine.ls_R_factor_R_free_error                 0.006 
_refine.ls_R_factor_R_free_error_details         ? 
_refine.ls_percent_reflns_R_free                 10.0 
_refine.ls_number_reflns_R_free                  1669 
_refine.ls_number_parameters                     ? 
_refine.ls_number_restraints                     ? 
_refine.occupancy_min                            ? 
_refine.occupancy_max                            ? 
_refine.correlation_coeff_Fo_to_Fc               ? 
_refine.correlation_coeff_Fo_to_Fc_free          ? 
_refine.B_iso_mean                               71.1 
_refine.aniso_B[1][1]                            -7.78 
_refine.aniso_B[2][2]                            -7.78 
_refine.aniso_B[3][3]                            15.56 
_refine.aniso_B[1][2]                            -6.36 
_refine.aniso_B[1][3]                            0.00 
_refine.aniso_B[2][3]                            0.00 
_refine.solvent_model_details                    'FLAT MODEL' 
_refine.solvent_model_param_ksol                 0.32 
_refine.solvent_model_param_bsol                 58 
_refine.pdbx_solvent_vdw_probe_radii             ? 
_refine.pdbx_solvent_ion_probe_radii             ? 
_refine.pdbx_solvent_shrinkage_radii             ? 
_refine.pdbx_ls_cross_valid_method               THROUGHOUT 
_refine.details                                  'Alternate conformation at U1 of chain A' 
_refine.pdbx_starting_model                      2OUE 
_refine.pdbx_method_to_determine_struct          'FOURIER SYNTHESIS' 
_refine.pdbx_isotropic_thermal_model             RESTRAINED 
_refine.pdbx_stereochemistry_target_values       'Engh & Huber' 
_refine.pdbx_stereochem_target_val_spec_case     ? 
_refine.pdbx_R_Free_selection_details            RANDOM 
_refine.pdbx_overall_ESU_R                       ? 
_refine.pdbx_overall_ESU_R_Free                  ? 
_refine.overall_SU_ML                            ? 
_refine.overall_SU_B                             ? 
_refine.ls_redundancy_reflns_obs                 ? 
_refine.overall_SU_R_Cruickshank_DPI             ? 
_refine.overall_SU_R_free                        ? 
_refine.ls_wR_factor_R_free                      ? 
_refine.ls_wR_factor_R_work                      ? 
_refine.overall_FOM_free_R_set                   ? 
_refine.overall_FOM_work_R_set                   ? 
_refine.pdbx_overall_phase_error                 ? 
_refine.pdbx_refine_id                           'X-RAY DIFFRACTION' 
_refine.pdbx_diffrn_id                           1 
_refine.pdbx_TLS_residual_ADP_flag               ? 
_refine.pdbx_overall_SU_R_free_Cruickshank_DPI   ? 
_refine.pdbx_overall_SU_R_Blow_DPI               ? 
_refine.pdbx_overall_SU_R_free_Blow_DPI          ? 
# 
_refine_analyze.entry_id                        3B5S 
_refine_analyze.Luzzati_coordinate_error_obs    0.49 
_refine_analyze.Luzzati_sigma_a_obs             0.42 
_refine_analyze.Luzzati_d_res_low_obs           40.49 
_refine_analyze.Luzzati_coordinate_error_free   0.55 
_refine_analyze.Luzzati_sigma_a_free            0.46 
_refine_analyze.Luzzati_d_res_low_free          ? 
_refine_analyze.number_disordered_residues      ? 
_refine_analyze.occupancy_sum_hydrogen          ? 
_refine_analyze.occupancy_sum_non_hydrogen      ? 
_refine_analyze.pdbx_refine_id                  'X-RAY DIFFRACTION' 
# 
_refine_hist.pdbx_refine_id                   'X-RAY DIFFRACTION' 
_refine_hist.cycle_id                         LAST 
_refine_hist.pdbx_number_atoms_protein        0 
_refine_hist.pdbx_number_atoms_nucleic_acid   1312 
_refine_hist.pdbx_number_atoms_ligand         19 
_refine_hist.number_atoms_solvent             33 
_refine_hist.number_atoms_total               1364 
_refine_hist.d_res_high                       2.25 
_refine_hist.d_res_low                        40.49 
# 
loop_
_refine_ls_restr.type 
_refine_ls_restr.dev_ideal 
_refine_ls_restr.dev_ideal_target 
_refine_ls_restr.weight 
_refine_ls_restr.number 
_refine_ls_restr.pdbx_refine_id 
_refine_ls_restr.pdbx_restraint_function 
c_bond_d           0.009 ? ? ? 'X-RAY DIFFRACTION' ? 
c_angle_deg        1.6   ? ? ? 'X-RAY DIFFRACTION' ? 
c_dihedral_angle_d 17.6  ? ? ? 'X-RAY DIFFRACTION' ? 
c_improper_angle_d 1.85  ? ? ? 'X-RAY DIFFRACTION' ? 
# 
_refine_ls_shell.pdbx_total_number_of_bins_used   4 
_refine_ls_shell.d_res_high                       2.25 
_refine_ls_shell.d_res_low                        2.48 
_refine_ls_shell.number_reflns_R_work             3645 
_refine_ls_shell.R_factor_R_work                  0.482 
_refine_ls_shell.percent_reflns_obs               98.0 
_refine_ls_shell.R_factor_R_free                  0.517 
_refine_ls_shell.R_factor_R_free_error            0.026 
_refine_ls_shell.percent_reflns_R_free            9.9 
_refine_ls_shell.number_reflns_R_free             402 
_refine_ls_shell.number_reflns_all                ? 
_refine_ls_shell.R_factor_all                     ? 
_refine_ls_shell.number_reflns_obs                3645 
_refine_ls_shell.redundancy_reflns_obs            ? 
_refine_ls_shell.pdbx_refine_id                   'X-RAY DIFFRACTION' 
# 
loop_
_pdbx_xplor_file.serial_no 
_pdbx_xplor_file.param_file 
_pdbx_xplor_file.topol_file 
_pdbx_xplor_file.pdbx_refine_id 
1 water_rep.param dna-rna0107.top 'X-RAY DIFFRACTION' 
2 dna-rna0107.par water.top       'X-RAY DIFFRACTION' 
3 cobalt.par      cobalt.top      'X-RAY DIFFRACTION' 
4 ion.param       ion.top         'X-RAY DIFFRACTION' 
# 
_struct.entry_id                  3B5S 
_struct.title                     
;Minimally Hinged Hairpin Ribozyme Incorporates A38DAP Mutation and 2'-O-methyl Modification at the Active Site
;
_struct.pdbx_model_details        ? 
_struct.pdbx_CASP_flag            N 
_struct.pdbx_model_type_details   ? 
# 
_struct_keywords.entry_id        3B5S 
_struct_keywords.pdbx_keywords   RNA 
_struct_keywords.text            
;hairpin ribozyme; RNA; 2, 6 diaminopurine; 2'-O-methyl, RNA
;
# 
loop_
_struct_asym.id 
_struct_asym.pdbx_blank_PDB_chainid_flag 
_struct_asym.pdbx_modified 
_struct_asym.entity_id 
_struct_asym.details 
A N N 1 ? 
B N N 2 ? 
C N N 3 ? 
D N N 4 ? 
E N N 5 ? 
F N N 5 ? 
G N N 6 ? 
H N N 6 ? 
I N N 6 ? 
# 
_struct_biol.id        1 
_struct_biol.details   ? 
# 
loop_
_struct_conn.id 
_struct_conn.conn_type_id 
_struct_conn.pdbx_leaving_atom_flag 
_struct_conn.pdbx_PDB_id 
_struct_conn.ptnr1_label_asym_id 
_struct_conn.ptnr1_label_comp_id 
_struct_conn.ptnr1_label_seq_id 
_struct_conn.ptnr1_label_atom_id 
_struct_conn.pdbx_ptnr1_label_alt_id 
_struct_conn.pdbx_ptnr1_PDB_ins_code 
_struct_conn.pdbx_ptnr1_standard_comp_id 
_struct_conn.ptnr1_symmetry 
_struct_conn.ptnr2_label_asym_id 
_struct_conn.ptnr2_label_comp_id 
_struct_conn.ptnr2_label_seq_id 
_struct_conn.ptnr2_label_atom_id 
_struct_conn.pdbx_ptnr2_label_alt_id 
_struct_conn.pdbx_ptnr2_PDB_ins_code 
_struct_conn.ptnr1_auth_asym_id 
_struct_conn.ptnr1_auth_comp_id 
_struct_conn.ptnr1_auth_seq_id 
_struct_conn.ptnr2_auth_asym_id 
_struct_conn.ptnr2_auth_comp_id 
_struct_conn.ptnr2_auth_seq_id 
_struct_conn.ptnr2_symmetry 
_struct_conn.pdbx_ptnr3_label_atom_id 
_struct_conn.pdbx_ptnr3_label_seq_id 
_struct_conn.pdbx_ptnr3_label_comp_id 
_struct_conn.pdbx_ptnr3_label_asym_id 
_struct_conn.pdbx_ptnr3_label_alt_id 
_struct_conn.pdbx_ptnr3_PDB_ins_code 
_struct_conn.details 
_struct_conn.pdbx_dist_value 
_struct_conn.pdbx_value_order 
_struct_conn.pdbx_role 
covale1  covale both ? A C   4  "O3'" ? ? ? 1_555 A A2M 5  P  ? ? A C   4  A A2M 5  1_555 ? ? ? ? ? ? ?                    1.614 ? 
? 
covale2  covale one  ? A A2M 5  "O3'" ? ? ? 1_555 A G   6  P  ? ? A A2M 5  A G   6  1_555 ? ? ? ? ? ? ?                    1.619 ? 
? 
covale3  covale both ? B G   12 "O3'" ? ? ? 1_555 B S9L 13 P  ? ? B G   13 B S9L 14 1_555 ? ? ? ? ? ? ?                    1.612 ? 
? 
covale4  covale both ? B S9L 13 "O3'" ? ? ? 1_555 B G   14 P  ? ? B S9L 14 B G   15 1_555 ? ? ? ? ? ? ?                    1.609 ? 
? 
covale5  covale both ? C U   7  "O3'" ? ? ? 1_555 C N6G 8  P  ? ? C U   37 C N6G 38 1_555 ? ? ? ? ? ? ?                    1.596 ? 
? 
covale6  covale both ? C N6G 8  "O3'" ? ? ? 1_555 C C   9  P  ? ? C N6G 38 C C   39 1_555 ? ? ? ? ? ? ?                    1.606 ? 
? 
hydrog1  hydrog ?    ? A C   2  N3    ? ? ? 1_555 B G   12 N1 ? ? A C   2  B G   13 1_555 ? ? ? ? ? ? WATSON-CRICK         ?     ? 
? 
hydrog2  hydrog ?    ? A C   2  N4    ? ? ? 1_555 B G   12 O6 ? ? A C   2  B G   13 1_555 ? ? ? ? ? ? WATSON-CRICK         ?     ? 
? 
hydrog3  hydrog ?    ? A C   2  O2    ? ? ? 1_555 B G   12 N2 ? ? A C   2  B G   13 1_555 ? ? ? ? ? ? WATSON-CRICK         ?     ? 
? 
hydrog4  hydrog ?    ? A C   3  N3    ? ? ? 1_555 B G   11 N1 ? ? A C   3  B G   12 1_555 ? ? ? ? ? ? WATSON-CRICK         ?     ? 
? 
hydrog5  hydrog ?    ? A C   3  N4    ? ? ? 1_555 B G   11 O6 ? ? A C   3  B G   12 1_555 ? ? ? ? ? ? WATSON-CRICK         ?     ? 
? 
hydrog6  hydrog ?    ? A C   3  O2    ? ? ? 1_555 B G   11 N2 ? ? A C   3  B G   12 1_555 ? ? ? ? ? ? WATSON-CRICK         ?     ? 
? 
hydrog7  hydrog ?    ? A C   4  N3    ? ? ? 1_555 B G   10 N1 ? ? A C   4  B G   11 1_555 ? ? ? ? ? ? WATSON-CRICK         ?     ? 
? 
hydrog8  hydrog ?    ? A C   4  N4    ? ? ? 1_555 B G   10 O6 ? ? A C   4  B G   11 1_555 ? ? ? ? ? ? WATSON-CRICK         ?     ? 
? 
hydrog9  hydrog ?    ? A C   4  O2    ? ? ? 1_555 B G   10 N2 ? ? A C   4  B G   11 1_555 ? ? ? ? ? ? WATSON-CRICK         ?     ? 
? 
hydrog10 hydrog ?    ? A A2M 5  N3    ? ? ? 1_555 B A   8  N6 ? ? A A2M 5  B A   9  1_555 ? ? ? ? ? ? 'A2M-A MISPAIR'      ?     ? 
? 
hydrog11 hydrog ?    ? A G   6  N1    ? ? ? 1_555 B C   24 N3 ? ? A G   6  B C   25 1_555 ? ? ? ? ? ? WATSON-CRICK         ?     ? 
? 
hydrog12 hydrog ?    ? A G   6  N2    ? ? ? 1_555 B C   24 O2 ? ? A G   6  B C   25 1_555 ? ? ? ? ? ? WATSON-CRICK         ?     ? 
? 
hydrog13 hydrog ?    ? A G   6  O6    ? ? ? 1_555 B C   24 N4 ? ? A G   6  B C   25 1_555 ? ? ? ? ? ? WATSON-CRICK         ?     ? 
? 
hydrog14 hydrog ?    ? A U   7  O4    ? ? ? 1_555 B G   7  N2 ? ? A U   7  B G   8  1_555 ? ? ? ? ? ? 'U-G MISPAIR'        ?     ? 
? 
hydrog15 hydrog ?    ? A C   8  N4    ? ? ? 1_555 B A   6  N1 ? ? A C   8  B A   7  1_555 ? ? ? ? ? ? 'C-A MISPAIR'        ?     ? 
? 
hydrog16 hydrog ?    ? A C   9  N3    ? ? ? 1_555 B G   5  N1 ? ? A C   9  B G   6  1_555 ? ? ? ? ? ? WATSON-CRICK         ?     ? 
? 
hydrog17 hydrog ?    ? A C   9  N4    ? ? ? 1_555 B G   5  O6 ? ? A C   9  B G   6  1_555 ? ? ? ? ? ? WATSON-CRICK         ?     ? 
? 
hydrog18 hydrog ?    ? A C   9  O2    ? ? ? 1_555 B G   5  N2 ? ? A C   9  B G   6  1_555 ? ? ? ? ? ? WATSON-CRICK         ?     ? 
? 
hydrog19 hydrog ?    ? A A   10 N1    ? ? ? 1_555 B U   4  N3 ? ? A A   10 B U   5  1_555 ? ? ? ? ? ? WATSON-CRICK         ?     ? 
? 
hydrog20 hydrog ?    ? A A   10 N6    ? ? ? 1_555 B U   4  O4 ? ? A A   10 B U   5  1_555 ? ? ? ? ? ? WATSON-CRICK         ?     ? 
? 
hydrog21 hydrog ?    ? A C   11 N3    ? ? ? 1_555 B G   3  N1 ? ? A C   11 B G   4  1_555 ? ? ? ? ? ? WATSON-CRICK         ?     ? 
? 
hydrog22 hydrog ?    ? A C   11 N4    ? ? ? 1_555 B G   3  O6 ? ? A C   11 B G   4  1_555 ? ? ? ? ? ? WATSON-CRICK         ?     ? 
? 
hydrog23 hydrog ?    ? A C   11 O2    ? ? ? 1_555 B G   3  N2 ? ? A C   11 B G   4  1_555 ? ? ? ? ? ? WATSON-CRICK         ?     ? 
? 
hydrog24 hydrog ?    ? A C   12 N3    ? ? ? 1_555 B G   2  N1 ? ? A C   12 B G   3  1_555 ? ? ? ? ? ? WATSON-CRICK         ?     ? 
? 
hydrog25 hydrog ?    ? A C   12 N4    ? ? ? 1_555 B G   2  O6 ? ? A C   12 B G   3  1_555 ? ? ? ? ? ? WATSON-CRICK         ?     ? 
? 
hydrog26 hydrog ?    ? A C   12 O2    ? ? ? 1_555 B G   2  N2 ? ? A C   12 B G   3  1_555 ? ? ? ? ? ? WATSON-CRICK         ?     ? 
? 
hydrog27 hydrog ?    ? A G   13 N1    ? ? ? 1_555 B C   1  N3 ? ? A G   13 B C   2  1_555 ? ? ? ? ? ? WATSON-CRICK         ?     ? 
? 
hydrog28 hydrog ?    ? A G   13 N2    ? ? ? 1_555 B C   1  O2 ? ? A G   13 B C   2  1_555 ? ? ? ? ? ? WATSON-CRICK         ?     ? 
? 
hydrog29 hydrog ?    ? A G   13 O6    ? ? ? 1_555 B C   1  N4 ? ? A G   13 B C   2  1_555 ? ? ? ? ? ? WATSON-CRICK         ?     ? 
? 
hydrog30 hydrog ?    ? B G   14 N1    ? ? ? 1_555 C C   19 N3 ? ? B G   15 C C   49 1_555 ? ? ? ? ? ? WATSON-CRICK         ?     ? 
? 
hydrog31 hydrog ?    ? B G   14 N2    ? ? ? 1_555 C C   19 O2 ? ? B G   15 C C   49 1_555 ? ? ? ? ? ? WATSON-CRICK         ?     ? 
? 
hydrog32 hydrog ?    ? B G   14 O6    ? ? ? 1_555 C C   19 N4 ? ? B G   15 C C   49 1_555 ? ? ? ? ? ? WATSON-CRICK         ?     ? 
? 
hydrog33 hydrog ?    ? B G   15 N1    ? ? ? 1_555 C C   18 N3 ? ? B G   16 C C   48 1_555 ? ? ? ? ? ? WATSON-CRICK         ?     ? 
? 
hydrog34 hydrog ?    ? B G   15 N2    ? ? ? 1_555 C C   18 O2 ? ? B G   16 C C   48 1_555 ? ? ? ? ? ? WATSON-CRICK         ?     ? 
? 
hydrog35 hydrog ?    ? B G   15 O6    ? ? ? 1_555 C C   18 N4 ? ? B G   16 C C   48 1_555 ? ? ? ? ? ? WATSON-CRICK         ?     ? 
? 
hydrog36 hydrog ?    ? B C   16 N3    ? ? ? 1_555 C G   17 N1 ? ? B C   17 C G   47 1_555 ? ? ? ? ? ? WATSON-CRICK         ?     ? 
? 
hydrog37 hydrog ?    ? B C   16 N4    ? ? ? 1_555 C G   17 O6 ? ? B C   17 C G   47 1_555 ? ? ? ? ? ? WATSON-CRICK         ?     ? 
? 
hydrog38 hydrog ?    ? B C   16 O2    ? ? ? 1_555 C G   17 N2 ? ? B C   17 C G   47 1_555 ? ? ? ? ? ? WATSON-CRICK         ?     ? 
? 
hydrog39 hydrog ?    ? B A   17 N1    ? ? ? 1_555 C U   16 N3 ? ? B A   18 C U   46 1_555 ? ? ? ? ? ? WATSON-CRICK         ?     ? 
? 
hydrog40 hydrog ?    ? B A   17 N6    ? ? ? 1_555 C U   16 O4 ? ? B A   18 C U   46 1_555 ? ? ? ? ? ? WATSON-CRICK         ?     ? 
? 
hydrog41 hydrog ?    ? B G   18 N1    ? ? ? 1_555 C C   15 N3 ? ? B G   19 C C   45 1_555 ? ? ? ? ? ? WATSON-CRICK         ?     ? 
? 
hydrog42 hydrog ?    ? B G   18 N2    ? ? ? 1_555 C C   15 O2 ? ? B G   19 C C   45 1_555 ? ? ? ? ? ? WATSON-CRICK         ?     ? 
? 
hydrog43 hydrog ?    ? B G   18 O6    ? ? ? 1_555 C C   15 N4 ? ? B G   19 C C   45 1_555 ? ? ? ? ? ? WATSON-CRICK         ?     ? 
? 
hydrog44 hydrog ?    ? B A   19 N1    ? ? ? 1_555 C C   14 N4 ? ? B A   20 C C   44 1_555 ? ? ? ? ? ? 'A-C MISPAIR'        ?     ? 
? 
hydrog45 hydrog ?    ? B G   20 N2    ? ? ? 1_555 C A   13 N7 ? ? B G   21 C A   43 1_555 ? ? ? ? ? ? TYPE_11_PAIR         ?     ? 
? 
hydrog46 hydrog ?    ? B G   20 N3    ? ? ? 1_555 C A   13 N6 ? ? B G   21 C A   43 1_555 ? ? ? ? ? ? TYPE_11_PAIR         ?     ? 
? 
hydrog47 hydrog ?    ? B A   21 N6    ? ? ? 1_555 C U   11 O2 ? ? B A   22 C U   41 1_555 ? ? ? ? ? ? 'REVERSED HOOGSTEEN' ?     ? 
? 
hydrog48 hydrog ?    ? B A   21 N7    ? ? ? 1_555 C U   11 N3 ? ? B A   22 C U   41 1_555 ? ? ? ? ? ? 'REVERSED HOOGSTEEN' ?     ? 
? 
hydrog49 hydrog ?    ? B A   22 N6    ? ? ? 1_555 C A   10 N1 ? ? B A   23 C A   40 1_555 ? ? ? ? ? ? TYPE_5_PAIR          ?     ? 
? 
hydrog50 hydrog ?    ? B A   22 N7    ? ? ? 1_555 C A   10 N6 ? ? B A   23 C A   40 1_555 ? ? ? ? ? ? TYPE_5_PAIR          ?     ? 
? 
hydrog51 hydrog ?    ? B A   23 N6    ? ? ? 1_555 C N6G 8  N7 ? ? B A   24 C N6G 38 1_555 ? ? ? ? ? ? 'A-N6G MISPAIR'      ?     ? 
? 
hydrog52 hydrog ?    ? B A   25 N1    ? ? ? 1_555 C G   6  N1 ? ? B A   26 C G   36 1_555 ? ? ? ? ? ? TYPE_8_PAIR          ?     ? 
? 
hydrog53 hydrog ?    ? B A   25 N6    ? ? ? 1_555 C G   6  O6 ? ? B A   26 C G   36 1_555 ? ? ? ? ? ? TYPE_8_PAIR          ?     ? 
? 
hydrog54 hydrog ?    ? B C   26 N3    ? ? ? 1_555 C G   5  N1 ? ? B C   27 C G   35 1_555 ? ? ? ? ? ? WATSON-CRICK         ?     ? 
? 
hydrog55 hydrog ?    ? B C   26 N4    ? ? ? 1_555 C G   5  O6 ? ? B C   27 C G   35 1_555 ? ? ? ? ? ? WATSON-CRICK         ?     ? 
? 
hydrog56 hydrog ?    ? B C   26 O2    ? ? ? 1_555 C G   5  N2 ? ? B C   27 C G   35 1_555 ? ? ? ? ? ? WATSON-CRICK         ?     ? 
? 
hydrog57 hydrog ?    ? B A   27 N1    ? ? ? 1_555 C U   4  N3 ? ? B A   28 C U   34 1_555 ? ? ? ? ? ? WATSON-CRICK         ?     ? 
? 
hydrog58 hydrog ?    ? B A   27 N6    ? ? ? 1_555 C U   4  O4 ? ? B A   28 C U   34 1_555 ? ? ? ? ? ? WATSON-CRICK         ?     ? 
? 
hydrog59 hydrog ?    ? B C   28 N3    ? ? ? 1_555 C G   3  N1 ? ? B C   29 C G   33 1_555 ? ? ? ? ? ? WATSON-CRICK         ?     ? 
? 
hydrog60 hydrog ?    ? B C   28 N4    ? ? ? 1_555 C G   3  O6 ? ? B C   29 C G   33 1_555 ? ? ? ? ? ? WATSON-CRICK         ?     ? 
? 
hydrog61 hydrog ?    ? B C   28 O2    ? ? ? 1_555 C G   3  N2 ? ? B C   29 C G   33 1_555 ? ? ? ? ? ? WATSON-CRICK         ?     ? 
? 
hydrog62 hydrog ?    ? B G   29 N1    ? ? ? 1_555 C C   2  N3 ? ? B G   30 C C   32 1_555 ? ? ? ? ? ? WATSON-CRICK         ?     ? 
? 
hydrog63 hydrog ?    ? B G   29 N2    ? ? ? 1_555 C C   2  O2 ? ? B G   30 C C   32 1_555 ? ? ? ? ? ? WATSON-CRICK         ?     ? 
? 
hydrog64 hydrog ?    ? B G   29 O6    ? ? ? 1_555 C C   2  N4 ? ? B G   30 C C   32 1_555 ? ? ? ? ? ? WATSON-CRICK         ?     ? 
? 
hydrog65 hydrog ?    ? B A   30 N1    ? ? ? 1_555 C U   1  N3 ? ? B A   31 C U   31 1_555 ? ? ? ? ? ? WATSON-CRICK         ?     ? 
? 
hydrog66 hydrog ?    ? B A   30 N6    ? ? ? 1_555 C U   1  O4 ? ? B A   31 C U   31 1_555 ? ? ? ? ? ? WATSON-CRICK         ?     ? 
? 
# 
loop_
_struct_conn_type.id 
_struct_conn_type.criteria 
_struct_conn_type.reference 
covale ? ? 
hydrog ? ? 
# 
_atom_sites.entry_id                    3B5S 
_atom_sites.fract_transf_matrix[1][1]   -0.00805161 
_atom_sites.fract_transf_matrix[1][2]   0.00671943 
_atom_sites.fract_transf_matrix[1][3]   -0.00652185 
_atom_sites.fract_transf_matrix[2][1]   0.00114418 
_atom_sites.fract_transf_matrix[2][2]   0.00081108 
_atom_sites.fract_transf_matrix[2][3]   -0.01227011 
_atom_sites.fract_transf_matrix[3][1]   -0.00437832 
_atom_sites.fract_transf_matrix[3][2]   -0.00602946 
_atom_sites.fract_transf_matrix[3][3]   -0.00080684 
_atom_sites.fract_transf_vector[1]      0.435139 
_atom_sites.fract_transf_vector[2]      0.212585 
_atom_sites.fract_transf_vector[3]      0.383585 
# 
loop_
_atom_type.symbol 
C  
CO 
N  
O  
P  
S  
# 
loop_
_atom_site.group_PDB 
_atom_site.id 
_atom_site.type_symbol 
_atom_site.label_atom_id 
_atom_site.label_alt_id 
_atom_site.label_comp_id 
_atom_site.label_asym_id 
_atom_site.label_entity_id 
_atom_site.label_seq_id 
_atom_site.pdbx_PDB_ins_code 
_atom_site.Cartn_x 
_atom_site.Cartn_y 
_atom_site.Cartn_z 
_atom_site.occupancy 
_atom_site.B_iso_or_equiv 
_atom_site.pdbx_formal_charge 
_atom_site.auth_seq_id 
_atom_site.auth_comp_id 
_atom_site.auth_asym_id 
_atom_site.auth_atom_id 
_atom_site.pdbx_PDB_model_num 
ATOM   1    O  "O5'" A U   A 1 1  ? -11.935 -1.936  -13.783 0.50 89.58  ? 1   U   A "O5'" 1 
ATOM   2    O  "O5'" B U   A 1 1  ? -11.324 -1.556  -13.697 0.50 91.84  ? 1   U   A "O5'" 1 
ATOM   3    C  "C5'" A U   A 1 1  ? -12.700 -2.509  -14.850 0.50 84.98  ? 1   U   A "C5'" 1 
ATOM   4    C  "C5'" B U   A 1 1  ? -12.294 -2.088  -14.584 0.50 87.30  ? 1   U   A "C5'" 1 
ATOM   5    C  "C4'" A U   A 1 1  ? -11.844 -3.412  -15.714 0.50 84.27  ? 1   U   A "C4'" 1 
ATOM   6    C  "C4'" B U   A 1 1  ? -11.662 -3.055  -15.554 0.50 84.98  ? 1   U   A "C4'" 1 
ATOM   7    O  "O4'" A U   A 1 1  ? -11.457 -2.721  -16.932 0.50 83.71  ? 1   U   A "O4'" 1 
ATOM   8    O  "O4'" B U   A 1 1  ? -11.163 -2.349  -16.718 0.50 84.28  ? 1   U   A "O4'" 1 
ATOM   9    C  "C3'" A U   A 1 1  ? -10.545 -3.855  -15.059 0.50 83.72  ? 1   U   A "C3'" 1 
ATOM   10   C  "C3'" B U   A 1 1  ? -10.449 -3.814  -15.055 0.50 84.10  ? 1   U   A "C3'" 1 
ATOM   11   O  "O3'" A U   A 1 1  ? -10.763 -5.079  -14.358 0.50 80.20  ? 1   U   A "O3'" 1 
ATOM   12   O  "O3'" B U   A 1 1  ? -10.835 -4.929  -14.260 0.50 80.76  ? 1   U   A "O3'" 1 
ATOM   13   C  "C2'" A U   A 1 1  ? -9.592  -3.960  -16.252 0.50 83.85  ? 1   U   A "C2'" 1 
ATOM   14   C  "C2'" B U   A 1 1  ? -9.793  -4.250  -16.364 0.50 84.17  ? 1   U   A "C2'" 1 
ATOM   15   O  "O2'" A U   A 1 1  ? -9.713  -5.152  -17.009 0.50 88.03  ? 1   U   A "O2'" 1 
ATOM   16   O  "O2'" B U   A 1 1  ? -10.393 -5.393  -16.940 0.50 86.87  ? 1   U   A "O2'" 1 
ATOM   17   C  "C1'" A U   A 1 1  ? -10.049 -2.760  -17.084 0.50 82.66  ? 1   U   A "C1'" 1 
ATOM   18   C  "C1'" B U   A 1 1  ? -10.015 -3.014  -17.236 0.50 83.43  ? 1   U   A "C1'" 1 
ATOM   19   N  N1    A U   A 1 1  ? -9.559  -1.491  -16.542 0.50 79.27  ? 1   U   A N1    1 
ATOM   20   N  N1    B U   A 1 1  ? -8.876  -2.087  -17.141 0.50 80.73  ? 1   U   A N1    1 
ATOM   21   C  C2    A U   A 1 1  ? -8.258  -1.079  -16.813 0.50 76.99  ? 1   U   A C2    1 
ATOM   22   C  C2    B U   A 1 1  ? -7.737  -2.363  -17.880 0.50 79.79  ? 1   U   A C2    1 
ATOM   23   O  O2    A U   A 1 1  ? -7.478  -1.702  -17.537 0.50 78.33  ? 1   U   A O2    1 
ATOM   24   O  O2    B U   A 1 1  ? -7.647  -3.329  -18.629 0.50 78.77  ? 1   U   A O2    1 
ATOM   25   N  N3    A U   A 1 1  ? -7.915  0.106   -16.214 0.50 76.07  ? 1   U   A N3    1 
ATOM   26   N  N3    B U   A 1 1  ? -6.709  -1.456  -17.706 0.50 77.52  ? 1   U   A N3    1 
ATOM   27   C  C4    A U   A 1 1  ? -8.716  0.898   -15.409 0.50 74.50  ? 1   U   A C4    1 
ATOM   28   C  C4    B U   A 1 1  ? -6.729  -0.332  -16.883 0.50 77.45  ? 1   U   A C4    1 
ATOM   29   O  O4    A U   A 1 1  ? -8.249  1.939   -14.940 0.50 71.49  ? 1   U   A O4    1 
ATOM   30   O  O4    B U   A 1 1  ? -5.721  0.398   -16.781 0.50 74.79  ? 1   U   A O4    1 
ATOM   31   C  C5    A U   A 1 1  ? -10.032 0.421   -15.198 0.50 74.75  ? 1   U   A C5    1 
ATOM   32   C  C5    B U   A 1 1  ? -7.946  -0.130  -16.175 0.50 77.95  ? 1   U   A C5    1 
ATOM   33   C  C6    A U   A 1 1  ? -10.401 -0.721  -15.751 0.50 75.54  ? 1   U   A C6    1 
ATOM   34   C  C6    B U   A 1 1  ? -8.950  -0.986  -16.321 0.50 79.58  ? 1   U   A C6    1 
ATOM   35   P  P     . C   A 1 2  ? -9.912  -5.448  -13.048 1.00 77.55  ? 2   C   A P     1 
ATOM   36   O  OP1   . C   A 1 2  ? -10.074 -6.892  -12.918 1.00 78.36  ? 2   C   A OP1   1 
ATOM   37   O  OP2   . C   A 1 2  ? -10.236 -4.541  -11.889 1.00 71.41  ? 2   C   A OP2   1 
ATOM   38   O  "O5'" . C   A 1 2  ? -8.407  -5.163  -13.509 1.00 67.22  ? 2   C   A "O5'" 1 
ATOM   39   C  "C5'" . C   A 1 2  ? -7.689  -6.083  -14.324 1.00 57.52  ? 2   C   A "C5'" 1 
ATOM   40   C  "C4'" . C   A 1 2  ? -6.265  -5.625  -14.470 1.00 60.87  ? 2   C   A "C4'" 1 
ATOM   41   O  "O4'" . C   A 1 2  ? -6.288  -4.304  -15.068 1.00 63.01  ? 2   C   A "O4'" 1 
ATOM   42   C  "C3'" . C   A 1 2  ? -5.492  -5.417  -13.174 1.00 56.17  ? 2   C   A "C3'" 1 
ATOM   43   O  "O3'" . C   A 1 2  ? -4.938  -6.615  -12.638 1.00 50.45  ? 2   C   A "O3'" 1 
ATOM   44   C  "C2'" . C   A 1 2  ? -4.421  -4.432  -13.624 1.00 55.48  ? 2   C   A "C2'" 1 
ATOM   45   O  "O2'" . C   A 1 2  ? -3.395  -5.042  -14.372 1.00 59.41  ? 2   C   A "O2'" 1 
ATOM   46   C  "C1'" . C   A 1 2  ? -5.220  -3.530  -14.556 1.00 59.52  ? 2   C   A "C1'" 1 
ATOM   47   N  N1    . C   A 1 2  ? -5.761  -2.332  -13.897 1.00 56.61  ? 2   C   A N1    1 
ATOM   48   C  C2    . C   A 1 2  ? -4.902  -1.269  -13.677 1.00 54.58  ? 2   C   A C2    1 
ATOM   49   O  O2    . C   A 1 2  ? -3.717  -1.377  -13.982 1.00 56.75  ? 2   C   A O2    1 
ATOM   50   N  N3    . C   A 1 2  ? -5.374  -0.145  -13.124 1.00 54.20  ? 2   C   A N3    1 
ATOM   51   C  C4    . C   A 1 2  ? -6.641  -0.065  -12.765 1.00 55.83  ? 2   C   A C4    1 
ATOM   52   N  N4    . C   A 1 2  ? -7.051  1.086   -12.227 1.00 54.34  ? 2   C   A N4    1 
ATOM   53   C  C5    . C   A 1 2  ? -7.542  -1.149  -12.943 1.00 55.98  ? 2   C   A C5    1 
ATOM   54   C  C6    . C   A 1 2  ? -7.065  -2.253  -13.519 1.00 53.55  ? 2   C   A C6    1 
ATOM   55   P  P     . C   A 1 3  ? -4.835  -6.821  -11.045 1.00 54.84  ? 3   C   A P     1 
ATOM   56   O  OP1   . C   A 1 3  ? -4.647  -8.264  -10.786 1.00 58.81  ? 3   C   A OP1   1 
ATOM   57   O  OP2   . C   A 1 3  ? -5.928  -6.095  -10.370 1.00 55.02  ? 3   C   A OP2   1 
ATOM   58   O  "O5'" . C   A 1 3  ? -3.497  -6.047  -10.644 1.00 50.51  ? 3   C   A "O5'" 1 
ATOM   59   C  "C5'" . C   A 1 3  ? -2.229  -6.357  -11.218 1.00 51.28  ? 3   C   A "C5'" 1 
ATOM   60   C  "C4'" . C   A 1 3  ? -1.186  -5.389  -10.720 1.00 54.67  ? 3   C   A "C4'" 1 
ATOM   61   O  "O4'" . C   A 1 3  ? -1.422  -4.091  -11.306 1.00 51.64  ? 3   C   A "O4'" 1 
ATOM   62   C  "C3'" . C   A 1 3  ? -1.202  -5.112  -9.231  1.00 53.35  ? 3   C   A "C3'" 1 
ATOM   63   O  "O3'" . C   A 1 3  ? -0.496  -6.061  -8.453  1.00 55.96  ? 3   C   A "O3'" 1 
ATOM   64   C  "C2'" . C   A 1 3  ? -0.513  -3.768  -9.158  1.00 55.50  ? 3   C   A "C2'" 1 
ATOM   65   O  "O2'" . C   A 1 3  ? 0.869   -3.902  -9.316  1.00 54.17  ? 3   C   A "O2'" 1 
ATOM   66   C  "C1'" . C   A 1 3  ? -1.086  -3.079  -10.384 1.00 52.98  ? 3   C   A "C1'" 1 
ATOM   67   N  N1    . C   A 1 3  ? -2.282  -2.251  -10.101 1.00 51.17  ? 3   C   A N1    1 
ATOM   68   C  C2    . C   A 1 3  ? -2.084  -0.969  -9.626  1.00 52.53  ? 3   C   A C2    1 
ATOM   69   O  O2    . C   A 1 3  ? -0.930  -0.578  -9.441  1.00 51.42  ? 3   C   A O2    1 
ATOM   70   N  N3    . C   A 1 3  ? -3.150  -0.179  -9.371  1.00 52.18  ? 3   C   A N3    1 
ATOM   71   C  C4    . C   A 1 3  ? -4.377  -0.630  -9.584  1.00 54.67  ? 3   C   A C4    1 
ATOM   72   N  N4    . C   A 1 3  ? -5.385  0.194   -9.345  1.00 53.81  ? 3   C   A N4    1 
ATOM   73   C  C5    . C   A 1 3  ? -4.622  -1.937  -10.053 1.00 51.64  ? 3   C   A C5    1 
ATOM   74   C  C6    . C   A 1 3  ? -3.553  -2.716  -10.299 1.00 48.77  ? 3   C   A C6    1 
ATOM   75   P  P     . C   A 1 4  ? -1.086  -6.551  -7.039  1.00 54.71  ? 4   C   A P     1 
ATOM   76   O  OP1   . C   A 1 4  ? -0.293  -7.714  -6.611  1.00 65.86  ? 4   C   A OP1   1 
ATOM   77   O  OP2   . C   A 1 4  ? -2.557  -6.655  -7.153  1.00 53.56  ? 4   C   A OP2   1 
ATOM   78   O  "O5'" . C   A 1 4  ? -0.858  -5.337  -6.037  1.00 57.62  ? 4   C   A "O5'" 1 
ATOM   79   C  "C5'" . C   A 1 4  ? 0.427   -4.872  -5.770  1.00 48.86  ? 4   C   A "C5'" 1 
ATOM   80   C  "C4'" . C   A 1 4  ? 0.404   -3.491  -5.154  1.00 54.86  ? 4   C   A "C4'" 1 
ATOM   81   O  "O4'" . C   A 1 4  ? -0.294  -2.571  -6.022  1.00 52.46  ? 4   C   A "O4'" 1 
ATOM   82   C  "C3'" . C   A 1 4  ? -0.349  -3.355  -3.847  1.00 51.34  ? 4   C   A "C3'" 1 
ATOM   83   O  "O3'" . C   A 1 4  ? 0.494   -3.747  -2.747  1.00 57.79  ? 4   C   A "O3'" 1 
ATOM   84   C  "C2'" . C   A 1 4  ? -0.607  -1.852  -3.809  1.00 54.41  ? 4   C   A "C2'" 1 
ATOM   85   O  "O2'" . C   A 1 4  ? 0.539   -1.127  -3.488  1.00 52.06  ? 4   C   A "O2'" 1 
ATOM   86   C  "C1'" . C   A 1 4  ? -0.863  -1.538  -5.262  1.00 50.72  ? 4   C   A "C1'" 1 
ATOM   87   N  N1    . C   A 1 4  ? -2.254  -1.266  -5.620  1.00 50.61  ? 4   C   A N1    1 
ATOM   88   C  C2    . C   A 1 4  ? -2.706  0.003   -5.370  1.00 52.74  ? 4   C   A C2    1 
ATOM   89   O  O2    . C   A 1 4  ? -1.901  0.820   -4.931  1.00 53.00  ? 4   C   A O2    1 
ATOM   90   N  N3    . C   A 1 4  ? -3.996  0.331   -5.609  1.00 49.17  ? 4   C   A N3    1 
ATOM   91   C  C4    . C   A 1 4  ? -4.821  -0.576  -6.107  1.00 51.70  ? 4   C   A C4    1 
ATOM   92   N  N4    . C   A 1 4  ? -6.088  -0.207  -6.312  1.00 51.67  ? 4   C   A N4    1 
ATOM   93   C  C5    . C   A 1 4  ? -4.387  -1.900  -6.412  1.00 49.23  ? 4   C   A C5    1 
ATOM   94   C  C6    . C   A 1 4  ? -3.096  -2.197  -6.153  1.00 47.51  ? 4   C   A C6    1 
HETATM 95   P  P     . A2M A 1 5  ? 0.019   -4.867  -1.685  1.00 59.35  ? 5   A2M A P     1 
HETATM 96   O  OP1   . A2M A 1 5  ? 1.198   -5.100  -0.823  1.00 63.21  ? 5   A2M A OP1   1 
HETATM 97   O  "O5'" . A2M A 1 5  ? -1.144  -4.186  -0.836  1.00 57.66  ? 5   A2M A "O5'" 1 
HETATM 98   C  "C5'" . A2M A 1 5  ? -0.911  -3.085  0.026   1.00 53.58  ? 5   A2M A "C5'" 1 
HETATM 99   C  "C4'" . A2M A 1 5  ? -2.228  -2.518  0.499   1.00 57.25  ? 5   A2M A "C4'" 1 
HETATM 100  O  "O4'" . A2M A 1 5  ? -3.077  -2.245  -0.629  1.00 50.98  ? 5   A2M A "O4'" 1 
HETATM 101  C  "C3'" . A2M A 1 5  ? -2.997  -3.515  1.362   1.00 56.40  ? 5   A2M A "C3'" 1 
HETATM 102  O  "O3'" . A2M A 1 5  ? -3.720  -2.684  2.318   1.00 61.45  ? 5   A2M A "O3'" 1 
HETATM 103  C  "C2'" . A2M A 1 5  ? -3.902  -4.220  0.371   1.00 57.78  ? 5   A2M A "C2'" 1 
HETATM 104  O  "O2'" . A2M A 1 5  ? -5.126  -4.712  0.856   1.00 59.10  ? 5   A2M A "O2'" 1 
HETATM 105  C  "C1'" . A2M A 1 5  ? -4.169  -3.093  -0.608  1.00 57.72  ? 5   A2M A "C1'" 1 
HETATM 106  C  "CM'" . A2M A 1 5  ? -4.994  -6.070  1.416   1.00 59.55  ? 5   A2M A "CM'" 1 
HETATM 107  N  N9    . A2M A 1 5  ? -4.617  -3.426  -1.944  1.00 59.32  ? 5   A2M A N9    1 
HETATM 108  C  C8    . A2M A 1 5  ? -4.067  -4.299  -2.845  1.00 58.08  ? 5   A2M A C8    1 
HETATM 109  N  N7    . A2M A 1 5  ? -4.783  -4.457  -3.917  1.00 61.26  ? 5   A2M A N7    1 
HETATM 110  C  C5    . A2M A 1 5  ? -5.872  -3.608  -3.726  1.00 60.60  ? 5   A2M A C5    1 
HETATM 111  C  C6    . A2M A 1 5  ? -7.003  -3.316  -4.515  1.00 62.43  ? 5   A2M A C6    1 
HETATM 112  N  N6    . A2M A 1 5  ? -7.211  -3.854  -5.708  1.00 63.71  ? 5   A2M A N6    1 
HETATM 113  N  N1    . A2M A 1 5  ? -7.908  -2.431  -4.037  1.00 62.03  ? 5   A2M A N1    1 
HETATM 114  C  C2    . A2M A 1 5  ? -7.668  -1.865  -2.855  1.00 61.82  ? 5   A2M A C2    1 
HETATM 115  N  N3    . A2M A 1 5  ? -6.640  -2.048  -2.024  1.00 62.01  ? 5   A2M A N3    1 
HETATM 116  C  C4    . A2M A 1 5  ? -5.768  -2.949  -2.524  1.00 60.05  ? 5   A2M A C4    1 
HETATM 117  O  OP2   . A2M A 1 5  ? -0.623  -6.012  -2.362  1.00 52.08  ? 5   A2M A OP2   1 
ATOM   118  P  P     . G   A 1 6  ? -4.503  -3.328  3.581   1.00 64.57  ? 6   G   A P     1 
ATOM   119  O  OP1   . G   A 1 6  ? -3.596  -4.363  4.171   1.00 53.94  ? 6   G   A OP1   1 
ATOM   120  O  OP2   . G   A 1 6  ? -5.924  -3.640  3.221   1.00 53.04  ? 6   G   A OP2   1 
ATOM   121  O  "O5'" . G   A 1 6  ? -4.626  -2.118  4.618   1.00 62.97  ? 6   G   A "O5'" 1 
ATOM   122  C  "C5'" . G   A 1 6  ? -3.461  -1.436  5.012   1.00 62.85  ? 6   G   A "C5'" 1 
ATOM   123  C  "C4'" . G   A 1 6  ? -3.239  -1.522  6.497   1.00 58.38  ? 6   G   A "C4'" 1 
ATOM   124  O  "O4'" . G   A 1 6  ? -1.973  -0.900  6.787   1.00 52.06  ? 6   G   A "O4'" 1 
ATOM   125  C  "C3'" . G   A 1 6  ? -4.296  -0.773  7.288   1.00 57.39  ? 6   G   A "C3'" 1 
ATOM   126  O  "O3'" . G   A 1 6  ? -4.518  -1.417  8.546   1.00 56.90  ? 6   G   A "O3'" 1 
ATOM   127  C  "C2'" . G   A 1 6  ? -3.690  0.614   7.489   1.00 54.02  ? 6   G   A "C2'" 1 
ATOM   128  O  "O2'" . G   A 1 6  ? -3.982  1.206   8.732   1.00 61.02  ? 6   G   A "O2'" 1 
ATOM   129  C  "C1'" . G   A 1 6  ? -2.192  0.298   7.466   1.00 52.54  ? 6   G   A "C1'" 1 
ATOM   130  N  N9    . G   A 1 6  ? -1.217  1.287   7.024   1.00 53.24  ? 6   G   A N9    1 
ATOM   131  C  C8    . G   A 1 6  ? 0.045   1.479   7.542   1.00 52.03  ? 6   G   A C8    1 
ATOM   132  N  N7    . G   A 1 6  ? 0.673   2.485   7.008   1.00 53.35  ? 6   G   A N7    1 
ATOM   133  C  C5    . G   A 1 6  ? -0.227  2.984   6.076   1.00 51.42  ? 6   G   A C5    1 
ATOM   134  C  C6    . G   A 1 6  ? -0.122  4.099   5.219   1.00 53.13  ? 6   G   A C6    1 
ATOM   135  O  O6    . G   A 1 6  ? 0.799   4.935   5.143   1.00 53.80  ? 6   G   A O6    1 
ATOM   136  N  N1    . G   A 1 6  ? -1.253  4.218   4.403   1.00 53.56  ? 6   G   A N1    1 
ATOM   137  C  C2    . G   A 1 6  ? -2.359  3.384   4.434   1.00 51.53  ? 6   G   A C2    1 
ATOM   138  N  N2    . G   A 1 6  ? -3.352  3.636   3.569   1.00 53.72  ? 6   G   A N2    1 
ATOM   139  N  N3    . G   A 1 6  ? -2.481  2.372   5.254   1.00 51.81  ? 6   G   A N3    1 
ATOM   140  C  C4    . G   A 1 6  ? -1.383  2.230   6.046   1.00 51.95  ? 6   G   A C4    1 
ATOM   141  P  P     . U   A 1 7  ? -5.777  -2.368  8.815   1.00 62.90  ? 7   U   A P     1 
ATOM   142  O  OP1   . U   A 1 7  ? -5.593  -2.790  10.216  1.00 69.24  ? 7   U   A OP1   1 
ATOM   143  O  OP2   . U   A 1 7  ? -5.937  -3.375  7.766   1.00 64.86  ? 7   U   A OP2   1 
ATOM   144  O  "O5'" . U   A 1 7  ? -7.037  -1.402  8.782   1.00 59.08  ? 7   U   A "O5'" 1 
ATOM   145  C  "C5'" . U   A 1 7  ? -7.127  -0.322  9.690   1.00 63.50  ? 7   U   A "C5'" 1 
ATOM   146  C  "C4'" . U   A 1 7  ? -8.347  0.505   9.411   1.00 65.35  ? 7   U   A "C4'" 1 
ATOM   147  O  "O4'" . U   A 1 7  ? -8.207  1.151   8.112   1.00 63.72  ? 7   U   A "O4'" 1 
ATOM   148  C  "C3'" . U   A 1 7  ? -9.643  -0.274  9.281   1.00 64.38  ? 7   U   A "C3'" 1 
ATOM   149  O  "O3'" . U   A 1 7  ? -10.182 -0.643  10.545  1.00 66.73  ? 7   U   A "O3'" 1 
ATOM   150  C  "C2'" . U   A 1 7  ? -10.501 0.719   8.502   1.00 65.30  ? 7   U   A "C2'" 1 
ATOM   151  O  "O2'" . U   A 1 7  ? -10.938 1.806   9.294   1.00 66.98  ? 7   U   A "O2'" 1 
ATOM   152  C  "C1'" . U   A 1 7  ? -9.483  1.283   7.513   1.00 64.85  ? 7   U   A "C1'" 1 
ATOM   153  N  N1    . U   A 1 7  ? -9.490  0.601   6.210   1.00 65.11  ? 7   U   A N1    1 
ATOM   154  C  C2    . U   A 1 7  ? -10.534 0.905   5.352   1.00 66.69  ? 7   U   A C2    1 
ATOM   155  O  O2    . U   A 1 7  ? -11.385 1.732   5.625   1.00 66.79  ? 7   U   A O2    1 
ATOM   156  N  N3    . U   A 1 7  ? -10.535 0.214   4.167   1.00 67.76  ? 7   U   A N3    1 
ATOM   157  C  C4    . U   A 1 7  ? -9.609  -0.719  3.754   1.00 68.63  ? 7   U   A C4    1 
ATOM   158  O  O4    . U   A 1 7  ? -9.764  -1.270  2.669   1.00 71.82  ? 7   U   A O4    1 
ATOM   159  C  C5    . U   A 1 7  ? -8.537  -0.962  4.677   1.00 68.32  ? 7   U   A C5    1 
ATOM   160  C  C6    . U   A 1 7  ? -8.516  -0.313  5.848   1.00 63.98  ? 7   U   A C6    1 
ATOM   161  P  P     . C   A 1 8  ? -10.891 -2.069  10.736  1.00 73.82  ? 8   C   A P     1 
ATOM   162  O  OP1   . C   A 1 8  ? -11.425 -2.070  12.109  1.00 79.09  ? 8   C   A OP1   1 
ATOM   163  O  OP2   . C   A 1 8  ? -9.993  -3.164  10.293  1.00 72.90  ? 8   C   A OP2   1 
ATOM   164  O  "O5'" . C   A 1 8  ? -12.136 -1.982  9.761   1.00 72.31  ? 8   C   A "O5'" 1 
ATOM   165  C  "C5'" . C   A 1 8  ? -13.081 -0.922  9.881   1.00 75.57  ? 8   C   A "C5'" 1 
ATOM   166  C  "C4'" . C   A 1 8  ? -14.082 -0.971  8.747   1.00 79.59  ? 8   C   A "C4'" 1 
ATOM   167  O  "O4'" . C   A 1 8  ? -13.435 -0.607  7.503   1.00 80.29  ? 8   C   A "O4'" 1 
ATOM   168  C  "C3'" . C   A 1 8  ? -14.673 -2.343  8.462   1.00 82.29  ? 8   C   A "C3'" 1 
ATOM   169  O  "O3'" . C   A 1 8  ? -15.741 -2.651  9.340   1.00 84.99  ? 8   C   A "O3'" 1 
ATOM   170  C  "C2'" . C   A 1 8  ? -15.117 -2.204  7.012   1.00 81.53  ? 8   C   A "C2'" 1 
ATOM   171  O  "O2'" . C   A 1 8  ? -16.323 -1.494  6.883   1.00 79.82  ? 8   C   A "O2'" 1 
ATOM   172  C  "C1'" . C   A 1 8  ? -13.982 -1.365  6.432   1.00 78.30  ? 8   C   A "C1'" 1 
ATOM   173  N  N1    . C   A 1 8  ? -12.906 -2.189  5.843   1.00 76.60  ? 8   C   A N1    1 
ATOM   174  C  C2    . C   A 1 8  ? -13.029 -2.619  4.508   1.00 77.39  ? 8   C   A C2    1 
ATOM   175  O  O2    . C   A 1 8  ? -14.031 -2.287  3.851   1.00 78.23  ? 8   C   A O2    1 
ATOM   176  N  N3    . C   A 1 8  ? -12.049 -3.380  3.974   1.00 76.10  ? 8   C   A N3    1 
ATOM   177  C  C4    . C   A 1 8  ? -10.981 -3.720  4.710   1.00 76.76  ? 8   C   A C4    1 
ATOM   178  N  N4    . C   A 1 8  ? -10.032 -4.486  4.142   1.00 75.46  ? 8   C   A N4    1 
ATOM   179  C  C5    . C   A 1 8  ? -10.833 -3.295  6.060   1.00 74.15  ? 8   C   A C5    1 
ATOM   180  C  C6    . C   A 1 8  ? -11.808 -2.539  6.579   1.00 74.08  ? 8   C   A C6    1 
ATOM   181  P  P     . C   A 1 9  ? -15.988 -4.169  9.789   1.00 87.19  ? 9   C   A P     1 
ATOM   182  O  OP1   . C   A 1 9  ? -17.135 -4.059  10.722  1.00 92.37  ? 9   C   A OP1   1 
ATOM   183  O  OP2   . C   A 1 9  ? -14.728 -4.827  10.252  1.00 81.64  ? 9   C   A OP2   1 
ATOM   184  O  "O5'" . C   A 1 9  ? -16.472 -4.869  8.440   1.00 86.62  ? 9   C   A "O5'" 1 
ATOM   185  C  "C5'" . C   A 1 9  ? -17.639 -4.418  7.763   1.00 87.29  ? 9   C   A "C5'" 1 
ATOM   186  C  "C4'" . C   A 1 9  ? -17.951 -5.300  6.573   1.00 91.35  ? 9   C   A "C4'" 1 
ATOM   187  O  "O4'" . C   A 1 9  ? -17.000 -5.024  5.508   1.00 91.02  ? 9   C   A "O4'" 1 
ATOM   188  C  "C3'" . C   A 1 9  ? -17.856 -6.812  6.778   1.00 93.42  ? 9   C   A "C3'" 1 
ATOM   189  O  "O3'" . C   A 1 9  ? -19.022 -7.400  7.355   1.00 97.52  ? 9   C   A "O3'" 1 
ATOM   190  C  "C2'" . C   A 1 9  ? -17.649 -7.305  5.355   1.00 92.18  ? 9   C   A "C2'" 1 
ATOM   191  O  "O2'" . C   A 1 9  ? -18.863 -7.322  4.624   1.00 89.65  ? 9   C   A "O2'" 1 
ATOM   192  C  "C1'" . C   A 1 9  ? -16.727 -6.222  4.795   1.00 88.73  ? 9   C   A "C1'" 1 
ATOM   193  N  N1    . C   A 1 9  ? -15.310 -6.567  4.968   1.00 86.24  ? 9   C   A N1    1 
ATOM   194  C  C2    . C   A 1 9  ? -14.681 -7.312  3.985   1.00 86.53  ? 9   C   A C2    1 
ATOM   195  O  O2    . C   A 1 9  ? -15.341 -7.677  3.002   1.00 88.93  ? 9   C   A O2    1 
ATOM   196  N  N3    . C   A 1 9  ? -13.377 -7.619  4.121   1.00 82.94  ? 9   C   A N3    1 
ATOM   197  C  C4    . C   A 1 9  ? -12.708 -7.209  5.189   1.00 80.34  ? 9   C   A C4    1 
ATOM   198  N  N4    . C   A 1 9  ? -11.418 -7.506  5.265   1.00 77.58  ? 9   C   A N4    1 
ATOM   199  C  C5    . C   A 1 9  ? -13.329 -6.466  6.220   1.00 82.43  ? 9   C   A C5    1 
ATOM   200  C  C6    . C   A 1 9  ? -14.619 -6.167  6.070   1.00 85.49  ? 9   C   A C6    1 
ATOM   201  P  P     . A   A 1 10 ? -18.926 -8.835  8.094   1.00 100.07 ? 10  A   A P     1 
ATOM   202  O  OP1   . A   A 1 10 ? -20.296 -9.105  8.595   1.00 100.97 ? 10  A   A OP1   1 
ATOM   203  O  OP2   . A   A 1 10 ? -17.777 -8.886  9.039   1.00 97.89  ? 10  A   A OP2   1 
ATOM   204  O  "O5'" . A   A 1 10 ? -18.638 -9.864  6.915   1.00 99.18  ? 10  A   A "O5'" 1 
ATOM   205  C  "C5'" . A   A 1 10 ? -19.644 -10.167 5.948   1.00 98.89  ? 10  A   A "C5'" 1 
ATOM   206  C  "C4'" . A   A 1 10 ? -19.154 -11.242 5.004   1.00 100.38 ? 10  A   A "C4'" 1 
ATOM   207  O  "O4'" . A   A 1 10 ? -18.053 -10.723 4.209   1.00 99.24  ? 10  A   A "O4'" 1 
ATOM   208  C  "C3'" . A   A 1 10 ? -18.584 -12.490 5.662   1.00 102.59 ? 10  A   A "C3'" 1 
ATOM   209  O  "O3'" . A   A 1 10 ? -19.602 -13.411 6.054   1.00 105.83 ? 10  A   A "O3'" 1 
ATOM   210  C  "C2'" . A   A 1 10 ? -17.662 -13.041 4.574   1.00 101.22 ? 10  A   A "C2'" 1 
ATOM   211  O  "O2'" . A   A 1 10 ? -18.326 -13.788 3.569   1.00 104.38 ? 10  A   A "O2'" 1 
ATOM   212  C  "C1'" . A   A 1 10 ? -17.091 -11.748 3.990   1.00 97.24  ? 10  A   A "C1'" 1 
ATOM   213  N  N9    . A   A 1 10 ? -15.845 -11.354 4.644   1.00 92.90  ? 10  A   A N9    1 
ATOM   214  C  C8    . A   A 1 10 ? -15.652 -10.400 5.623   1.00 92.41  ? 10  A   A C8    1 
ATOM   215  N  N7    . A   A 1 10 ? -14.405 -10.277 6.003   1.00 89.92  ? 10  A   A N7    1 
ATOM   216  C  C5    . A   A 1 10 ? -13.729 -11.213 5.227   1.00 90.13  ? 10  A   A C5    1 
ATOM   217  C  C6    . A   A 1 10 ? -12.363 -11.575 5.146   1.00 88.93  ? 10  A   A C6    1 
ATOM   218  N  N6    . A   A 1 10 ? -11.396 -11.016 5.888   1.00 86.21  ? 10  A   A N6    1 
ATOM   219  N  N1    . A   A 1 10 ? -12.026 -12.546 4.263   1.00 88.92  ? 10  A   A N1    1 
ATOM   220  C  C2    . A   A 1 10 ? -12.999 -13.109 3.516   1.00 89.53  ? 10  A   A C2    1 
ATOM   221  N  N3    . A   A 1 10 ? -14.308 -12.853 3.500   1.00 90.06  ? 10  A   A N3    1 
ATOM   222  C  C4    . A   A 1 10 ? -14.608 -11.885 4.386   1.00 90.71  ? 10  A   A C4    1 
ATOM   223  P  P     . C   A 1 11 ? -19.376 -14.334 7.352   1.00 108.49 ? 11  C   A P     1 
ATOM   224  O  OP1   . C   A 1 11 ? -20.713 -14.808 7.757   1.00 107.51 ? 11  C   A OP1   1 
ATOM   225  O  OP2   . C   A 1 11 ? -18.534 -13.577 8.319   1.00 106.70 ? 11  C   A OP2   1 
ATOM   226  O  "O5'" . C   A 1 11 ? -18.519 -15.564 6.814   1.00 107.25 ? 11  C   A "O5'" 1 
ATOM   227  C  "C5'" . C   A 1 11 ? -19.004 -16.366 5.743   1.00 108.39 ? 11  C   A "C5'" 1 
ATOM   228  C  "C4'" . C   A 1 11 ? -17.880 -17.155 5.118   1.00 109.55 ? 11  C   A "C4'" 1 
ATOM   229  O  "O4'" . C   A 1 11 ? -16.941 -16.237 4.497   1.00 107.90 ? 11  C   A "O4'" 1 
ATOM   230  C  "C3'" . C   A 1 11 ? -17.019 -17.948 6.088   1.00 110.92 ? 11  C   A "C3'" 1 
ATOM   231  O  "O3'" . C   A 1 11 ? -17.587 -19.198 6.438   1.00 114.07 ? 11  C   A "O3'" 1 
ATOM   232  C  "C2'" . C   A 1 11 ? -15.723 -18.105 5.308   1.00 109.48 ? 11  C   A "C2'" 1 
ATOM   233  O  "O2'" . C   A 1 11 ? -15.783 -19.114 4.317   1.00 111.04 ? 11  C   A "O2'" 1 
ATOM   234  C  "C1'" . C   A 1 11 ? -15.617 -16.740 4.638   1.00 106.41 ? 11  C   A "C1'" 1 
ATOM   235  N  N1    . C   A 1 11 ? -14.846 -15.828 5.493   1.00 103.13 ? 11  C   A N1    1 
ATOM   236  C  C2    . C   A 1 11 ? -13.459 -15.983 5.552   1.00 101.33 ? 11  C   A C2    1 
ATOM   237  O  O2    . C   A 1 11 ? -12.921 -16.873 4.870   1.00 102.30 ? 11  C   A O2    1 
ATOM   238  N  N3    . C   A 1 11 ? -12.741 -15.163 6.346   1.00 99.04  ? 11  C   A N3    1 
ATOM   239  C  C4    . C   A 1 11 ? -13.353 -14.227 7.068   1.00 99.26  ? 11  C   A C4    1 
ATOM   240  N  N4    . C   A 1 11 ? -12.602 -13.458 7.837   1.00 98.66  ? 11  C   A N4    1 
ATOM   241  C  C5    . C   A 1 11 ? -14.762 -14.047 7.028   1.00 99.82  ? 11  C   A C5    1 
ATOM   242  C  C6    . C   A 1 11 ? -15.464 -14.859 6.230   1.00 101.60 ? 11  C   A C6    1 
ATOM   243  P  P     . C   A 1 12 ? -17.243 -19.854 7.865   1.00 116.99 ? 12  C   A P     1 
ATOM   244  O  OP1   . C   A 1 12 ? -18.018 -21.126 7.935   1.00 116.87 ? 12  C   A OP1   1 
ATOM   245  O  OP2   . C   A 1 12 ? -17.436 -18.813 8.905   1.00 116.07 ? 12  C   A OP2   1 
ATOM   246  O  "O5'" . C   A 1 12 ? -15.706 -20.254 7.755   1.00 113.16 ? 12  C   A "O5'" 1 
ATOM   247  C  "C5'" . C   A 1 12 ? -15.332 -21.304 6.877   1.00 111.35 ? 12  C   A "C5'" 1 
ATOM   248  C  "C4'" . C   A 1 12 ? -13.840 -21.509 6.862   1.00 110.70 ? 12  C   A "C4'" 1 
ATOM   249  O  "O4'" . C   A 1 12 ? -13.187 -20.297 6.395   1.00 110.06 ? 12  C   A "O4'" 1 
ATOM   250  C  "C3'" . C   A 1 12 ? -13.186 -21.750 8.210   1.00 111.81 ? 12  C   A "C3'" 1 
ATOM   251  O  "O3'" . C   A 1 12 ? -13.327 -23.073 8.691   1.00 113.95 ? 12  C   A "O3'" 1 
ATOM   252  C  "C2'" . C   A 1 12 ? -11.738 -21.377 7.930   1.00 111.28 ? 12  C   A "C2'" 1 
ATOM   253  O  "O2'" . C   A 1 12 ? -11.035 -22.377 7.211   1.00 110.14 ? 12  C   A "O2'" 1 
ATOM   254  C  "C1'" . C   A 1 12 ? -11.926 -20.153 7.041   1.00 108.88 ? 12  C   A "C1'" 1 
ATOM   255  N  N1    . C   A 1 12 ? -11.915 -18.910 7.836   1.00 106.32 ? 12  C   A N1    1 
ATOM   256  C  C2    . C   A 1 12 ? -10.668 -18.389 8.265   1.00 105.59 ? 12  C   A C2    1 
ATOM   257  O  O2    . C   A 1 12 ? -9.614  -18.995 7.955   1.00 103.45 ? 12  C   A O2    1 
ATOM   258  N  N3    . C   A 1 12 ? -10.648 -17.247 8.997   1.00 104.32 ? 12  C   A N3    1 
ATOM   259  C  C4    . C   A 1 12 ? -11.792 -16.631 9.308   1.00 104.24 ? 12  C   A C4    1 
ATOM   260  N  N4    . C   A 1 12 ? -11.719 -15.508 10.022  1.00 103.47 ? 12  C   A N4    1 
ATOM   261  C  C5    . C   A 1 12 ? -13.062 -17.137 8.894   1.00 104.42 ? 12  C   A C5    1 
ATOM   262  C  C6    . C   A 1 12 ? -13.077 -18.267 8.167   1.00 105.49 ? 12  C   A C6    1 
ATOM   263  P  P     . G   A 1 13 ? -13.332 -23.340 10.279  1.00 116.24 ? 13  G   A P     1 
ATOM   264  O  OP1   . G   A 1 13 ? -13.706 -24.767 10.456  1.00 116.46 ? 13  G   A OP1   1 
ATOM   265  O  OP2   . G   A 1 13 ? -14.145 -22.267 10.937  1.00 114.89 ? 13  G   A OP2   1 
ATOM   266  O  "O5'" . G   A 1 13 ? -11.802 -23.195 10.713  1.00 110.44 ? 13  G   A "O5'" 1 
ATOM   267  C  "C5'" . G   A 1 13 ? -10.830 -24.139 10.266  1.00 104.86 ? 13  G   A "C5'" 1 
ATOM   268  C  "C4'" . G   A 1 13 ? -9.442  -23.724 10.708  1.00 101.79 ? 13  G   A "C4'" 1 
ATOM   269  O  "O4'" . G   A 1 13 ? -9.149  -22.405 10.173  1.00 99.31  ? 13  G   A "O4'" 1 
ATOM   270  C  "C3'" . G   A 1 13 ? -9.234  -23.555 12.207  1.00 101.71 ? 13  G   A "C3'" 1 
ATOM   271  O  "O3'" . G   A 1 13 ? -9.210  -24.745 12.997  1.00 102.91 ? 13  G   A "O3'" 1 
ATOM   272  C  "C2'" . G   A 1 13 ? -8.036  -22.611 12.265  1.00 100.14 ? 13  G   A "C2'" 1 
ATOM   273  O  "O2'" . G   A 1 13 ? -6.773  -23.223 12.040  1.00 98.27  ? 13  G   A "O2'" 1 
ATOM   274  C  "C1'" . G   A 1 13 ? -8.354  -21.672 11.100  1.00 94.94  ? 13  G   A "C1'" 1 
ATOM   275  N  N9    . G   A 1 13 ? -9.087  -20.466 11.502  1.00 87.67  ? 13  G   A N9    1 
ATOM   276  C  C8    . G   A 1 13 ? -10.438 -20.215 11.358  1.00 86.26  ? 13  G   A C8    1 
ATOM   277  N  N7    . G   A 1 13 ? -10.799 -19.038 11.809  1.00 85.26  ? 13  G   A N7    1 
ATOM   278  C  C5    . G   A 1 13 ? -9.615  -18.469 12.279  1.00 84.18  ? 13  G   A C5    1 
ATOM   279  C  C6    . G   A 1 13 ? -9.369  -17.187 12.887  1.00 83.03  ? 13  G   A C6    1 
ATOM   280  O  O6    . G   A 1 13 ? -10.175 -16.251 13.110  1.00 80.62  ? 13  G   A O6    1 
ATOM   281  N  N1    . G   A 1 13 ? -8.022  -17.046 13.237  1.00 83.07  ? 13  G   A N1    1 
ATOM   282  C  C2    . G   A 1 13 ? -7.032  -17.995 13.025  1.00 84.61  ? 13  G   A C2    1 
ATOM   283  N  N2    . G   A 1 13 ? -5.793  -17.673 13.444  1.00 86.30  ? 13  G   A N2    1 
ATOM   284  N  N3    . G   A 1 13 ? -7.243  -19.169 12.446  1.00 85.02  ? 13  G   A N3    1 
ATOM   285  C  C4    . G   A 1 13 ? -8.547  -19.343 12.106  1.00 85.33  ? 13  G   A C4    1 
ATOM   286  O  "O5'" . C   B 2 1  ? -4.115  -9.553  16.004  1.00 108.62 ? 2   C   B "O5'" 1 
ATOM   287  C  "C5'" . C   B 2 1  ? -2.811  -10.021 16.371  1.00 106.99 ? 2   C   B "C5'" 1 
ATOM   288  C  "C4'" . C   B 2 1  ? -2.478  -11.445 15.958  1.00 105.78 ? 2   C   B "C4'" 1 
ATOM   289  O  "O4'" . C   B 2 1  ? -3.399  -12.364 16.603  1.00 103.44 ? 2   C   B "O4'" 1 
ATOM   290  C  "C3'" . C   B 2 1  ? -2.633  -11.781 14.481  1.00 106.46 ? 2   C   B "C3'" 1 
ATOM   291  O  "O3'" . C   B 2 1  ? -1.531  -11.343 13.692  1.00 109.78 ? 2   C   B "O3'" 1 
ATOM   292  C  "C2'" . C   B 2 1  ? -2.810  -13.299 14.507  1.00 104.13 ? 2   C   B "C2'" 1 
ATOM   293  O  "O2'" . C   B 2 1  ? -1.618  -14.039 14.690  1.00 105.30 ? 2   C   B "O2'" 1 
ATOM   294  C  "C1'" . C   B 2 1  ? -3.690  -13.460 15.739  1.00 99.40  ? 2   C   B "C1'" 1 
ATOM   295  N  N1    . C   B 2 1  ? -5.114  -13.397 15.356  1.00 93.91  ? 2   C   B N1    1 
ATOM   296  C  C2    . C   B 2 1  ? -5.718  -14.550 14.837  1.00 92.28  ? 2   C   B C2    1 
ATOM   297  O  O2    . C   B 2 1  ? -5.036  -15.598 14.757  1.00 91.62  ? 2   C   B O2    1 
ATOM   298  N  N3    . C   B 2 1  ? -7.022  -14.494 14.440  1.00 90.63  ? 2   C   B N3    1 
ATOM   299  C  C4    . C   B 2 1  ? -7.707  -13.348 14.544  1.00 90.77  ? 2   C   B C4    1 
ATOM   300  N  N4    . C   B 2 1  ? -8.969  -13.330 14.104  1.00 90.09  ? 2   C   B N4    1 
ATOM   301  C  C5    . C   B 2 1  ? -7.124  -12.168 15.093  1.00 90.57  ? 2   C   B C5    1 
ATOM   302  C  C6    . C   B 2 1  ? -5.836  -12.235 15.480  1.00 91.95  ? 2   C   B C6    1 
ATOM   303  P  P     . G   B 2 2  ? -1.743  -11.017 12.129  1.00 109.27 ? 3   G   B P     1 
ATOM   304  O  OP1   . G   B 2 2  ? -0.465  -10.381 11.696  1.00 109.12 ? 3   G   B OP1   1 
ATOM   305  O  OP2   . G   B 2 2  ? -3.028  -10.273 11.963  1.00 103.75 ? 3   G   B OP2   1 
ATOM   306  O  "O5'" . G   B 2 2  ? -1.861  -12.468 11.451  1.00 104.62 ? 3   G   B "O5'" 1 
ATOM   307  C  "C5'" . G   B 2 2  ? -0.783  -13.412 11.541  1.00 102.52 ? 3   G   B "C5'" 1 
ATOM   308  C  "C4'" . G   B 2 2  ? -1.191  -14.778 11.006  1.00 101.55 ? 3   G   B "C4'" 1 
ATOM   309  O  "O4'" . G   B 2 2  ? -2.239  -15.345 11.845  1.00 98.85  ? 3   G   B "O4'" 1 
ATOM   310  C  "C3'" . G   B 2 2  ? -1.789  -14.831 9.604   1.00 103.46 ? 3   G   B "C3'" 1 
ATOM   311  O  "O3'" . G   B 2 2  ? -0.826  -14.760 8.554   1.00 106.73 ? 3   G   B "O3'" 1 
ATOM   312  C  "C2'" . G   B 2 2  ? -2.584  -16.140 9.634   1.00 100.04 ? 3   G   B "C2'" 1 
ATOM   313  O  "O2'" . G   B 2 2  ? -1.844  -17.341 9.455   1.00 99.16  ? 3   G   B "O2'" 1 
ATOM   314  C  "C1'" . G   B 2 2  ? -3.148  -16.099 11.050  1.00 95.66  ? 3   G   B "C1'" 1 
ATOM   315  N  N9    . G   B 2 2  ? -4.439  -15.423 11.045  1.00 89.99  ? 3   G   B N9    1 
ATOM   316  C  C8    . G   B 2 2  ? -4.731  -14.164 11.528  1.00 87.87  ? 3   G   B C8    1 
ATOM   317  N  N7    . G   B 2 2  ? -5.983  -13.828 11.368  1.00 87.04  ? 3   G   B N7    1 
ATOM   318  C  C5    . G   B 2 2  ? -6.561  -14.930 10.748  1.00 87.35  ? 3   G   B C5    1 
ATOM   319  C  C6    . G   B 2 2  ? -7.910  -15.158 10.326  1.00 87.31  ? 3   G   B C6    1 
ATOM   320  O  O6    . G   B 2 2  ? -8.897  -14.397 10.433  1.00 86.66  ? 3   G   B O6    1 
ATOM   321  N  N1    . G   B 2 2  ? -8.052  -16.418 9.723   1.00 85.35  ? 3   G   B N1    1 
ATOM   322  C  C2    . G   B 2 2  ? -7.024  -17.340 9.543   1.00 88.23  ? 3   G   B C2    1 
ATOM   323  N  N2    . G   B 2 2  ? -7.348  -18.485 8.914   1.00 87.94  ? 3   G   B N2    1 
ATOM   324  N  N3    . G   B 2 2  ? -5.771  -17.142 9.941   1.00 87.40  ? 3   G   B N3    1 
ATOM   325  C  C4    . G   B 2 2  ? -5.612  -15.924 10.533  1.00 89.03  ? 3   G   B C4    1 
ATOM   326  P  P     . G   B 2 3  ? -1.201  -13.996 7.185   1.00 107.96 ? 4   G   B P     1 
ATOM   327  O  OP1   . G   B 2 3  ? 0.081   -13.897 6.423   1.00 105.71 ? 4   G   B OP1   1 
ATOM   328  O  OP2   . G   B 2 3  ? -1.951  -12.755 7.539   1.00 102.89 ? 4   G   B OP2   1 
ATOM   329  O  "O5'" . G   B 2 3  ? -2.193  -15.003 6.432   1.00 104.43 ? 4   G   B "O5'" 1 
ATOM   330  C  "C5'" . G   B 2 3  ? -1.758  -16.324 6.120   1.00 105.00 ? 4   G   B "C5'" 1 
ATOM   331  C  "C4'" . G   B 2 3  ? -2.859  -17.129 5.463   1.00 106.44 ? 4   G   B "C4'" 1 
ATOM   332  O  "O4'" . G   B 2 3  ? -3.879  -17.470 6.440   1.00 104.59 ? 4   G   B "O4'" 1 
ATOM   333  C  "C3'" . G   B 2 3  ? -3.628  -16.437 4.345   1.00 108.10 ? 4   G   B "C3'" 1 
ATOM   334  O  "O3'" . G   B 2 3  ? -2.949  -16.490 3.093   1.00 113.57 ? 4   G   B "O3'" 1 
ATOM   335  C  "C2'" . G   B 2 3  ? -4.932  -17.227 4.320   1.00 104.88 ? 4   G   B "C2'" 1 
ATOM   336  O  "O2'" . G   B 2 3  ? -4.870  -18.435 3.586   1.00 105.03 ? 4   G   B "O2'" 1 
ATOM   337  C  "C1'" . G   B 2 3  ? -5.150  -17.485 5.809   1.00 101.68 ? 4   G   B "C1'" 1 
ATOM   338  N  N9    . G   B 2 3  ? -5.945  -16.390 6.339   1.00 95.32  ? 4   G   B N9    1 
ATOM   339  C  C8    . G   B 2 3  ? -5.502  -15.276 7.014   1.00 94.52  ? 4   G   B C8    1 
ATOM   340  N  N7    . G   B 2 3  ? -6.459  -14.433 7.295   1.00 92.86  ? 4   G   B N7    1 
ATOM   341  C  C5    . G   B 2 3  ? -7.606  -15.038 6.795   1.00 91.89  ? 4   G   B C5    1 
ATOM   342  C  C6    . G   B 2 3  ? -8.955  -14.600 6.802   1.00 91.13  ? 4   G   B C6    1 
ATOM   343  O  O6    . G   B 2 3  ? -9.427  -13.560 7.294   1.00 90.61  ? 4   G   B O6    1 
ATOM   344  N  N1    . G   B 2 3  ? -9.793  -15.515 6.157   1.00 90.40  ? 4   G   B N1    1 
ATOM   345  C  C2    . G   B 2 3  ? -9.386  -16.709 5.596   1.00 90.86  ? 4   G   B C2    1 
ATOM   346  N  N2    . G   B 2 3  ? -10.337 -17.452 5.006   1.00 90.67  ? 4   G   B N2    1 
ATOM   347  N  N3    . G   B 2 3  ? -8.132  -17.137 5.606   1.00 90.91  ? 4   G   B N3    1 
ATOM   348  C  C4    . G   B 2 3  ? -7.302  -16.255 6.211   1.00 92.77  ? 4   G   B C4    1 
ATOM   349  P  P     . U   B 2 4  ? -3.180  -15.323 2.006   1.00 115.53 ? 5   U   B P     1 
ATOM   350  O  OP1   . U   B 2 4  ? -2.131  -15.525 0.975   1.00 115.84 ? 5   U   B OP1   1 
ATOM   351  O  OP2   . U   B 2 4  ? -3.267  -14.013 2.720   1.00 113.26 ? 5   U   B OP2   1 
ATOM   352  O  "O5'" . U   B 2 4  ? -4.608  -15.670 1.377   1.00 113.00 ? 5   U   B "O5'" 1 
ATOM   353  C  "C5'" . U   B 2 4  ? -4.840  -16.922 0.729   1.00 109.88 ? 5   U   B "C5'" 1 
ATOM   354  C  "C4'" . U   B 2 4  ? -6.308  -17.097 0.400   1.00 108.51 ? 5   U   B "C4'" 1 
ATOM   355  O  "O4'" . U   B 2 4  ? -7.058  -17.192 1.642   1.00 106.40 ? 5   U   B "O4'" 1 
ATOM   356  C  "C3'" . U   B 2 4  ? -6.998  -15.960 -0.344  1.00 108.69 ? 5   U   B "C3'" 1 
ATOM   357  O  "O3'" . U   B 2 4  ? -6.782  -15.921 -1.745  1.00 109.77 ? 5   U   B "O3'" 1 
ATOM   358  C  "C2'" . U   B 2 4  ? -8.457  -16.185 0.015   1.00 106.75 ? 5   U   B "C2'" 1 
ATOM   359  O  "O2'" . U   B 2 4  ? -9.020  -17.272 -0.690  1.00 104.50 ? 5   U   B "O2'" 1 
ATOM   360  C  "C1'" . U   B 2 4  ? -8.329  -16.560 1.488   1.00 104.28 ? 5   U   B "C1'" 1 
ATOM   361  N  N1    . U   B 2 4  ? -8.371  -15.355 2.339   1.00 101.93 ? 5   U   B N1    1 
ATOM   362  C  C2    . U   B 2 4  ? -9.614  -14.803 2.625   1.00 100.83 ? 5   U   B C2    1 
ATOM   363  O  O2    . U   B 2 4  ? -10.665 -15.279 2.218   1.00 99.15  ? 5   U   B O2    1 
ATOM   364  N  N3    . U   B 2 4  ? -9.577  -13.668 3.402   1.00 98.91  ? 5   U   B N3    1 
ATOM   365  C  C4    . U   B 2 4  ? -8.456  -13.037 3.909   1.00 99.10  ? 5   U   B C4    1 
ATOM   366  O  O4    . U   B 2 4  ? -8.581  -11.973 4.518   1.00 97.22  ? 5   U   B O4    1 
ATOM   367  C  C5    . U   B 2 4  ? -7.219  -13.669 3.587   1.00 99.68  ? 5   U   B C5    1 
ATOM   368  C  C6    . U   B 2 4  ? -7.215  -14.778 2.834   1.00 101.22 ? 5   U   B C6    1 
ATOM   369  P  P     . G   B 2 5  ? -6.823  -14.498 -2.506  1.00 108.22 ? 6   G   B P     1 
ATOM   370  O  OP1   . G   B 2 5  ? -6.416  -14.777 -3.906  1.00 110.54 ? 6   G   B OP1   1 
ATOM   371  O  OP2   . G   B 2 5  ? -6.085  -13.475 -1.706  1.00 106.01 ? 6   G   B OP2   1 
ATOM   372  O  "O5'" . G   B 2 5  ? -8.356  -14.068 -2.504  1.00 102.71 ? 6   G   B "O5'" 1 
ATOM   373  C  "C5'" . G   B 2 5  ? -9.316  -14.851 -3.184  1.00 97.19  ? 6   G   B "C5'" 1 
ATOM   374  C  "C4'" . G   B 2 5  ? -10.709 -14.369 -2.875  1.00 93.94  ? 6   G   B "C4'" 1 
ATOM   375  O  "O4'" . G   B 2 5  ? -10.938 -14.463 -1.446  1.00 94.80  ? 6   G   B "O4'" 1 
ATOM   376  C  "C3'" . G   B 2 5  ? -10.961 -12.901 -3.167  1.00 93.06  ? 6   G   B "C3'" 1 
ATOM   377  O  "O3'" . G   B 2 5  ? -11.241 -12.668 -4.534  1.00 94.41  ? 6   G   B "O3'" 1 
ATOM   378  C  "C2'" . G   B 2 5  ? -12.144 -12.598 -2.263  1.00 92.04  ? 6   G   B "C2'" 1 
ATOM   379  O  "O2'" . G   B 2 5  ? -13.371 -13.068 -2.773  1.00 90.62  ? 6   G   B "O2'" 1 
ATOM   380  C  "C1'" . G   B 2 5  ? -11.771 -13.401 -1.024  1.00 89.47  ? 6   G   B "C1'" 1 
ATOM   381  N  N9    . G   B 2 5  ? -11.045 -12.571 -0.068  1.00 85.85  ? 6   G   B N9    1 
ATOM   382  C  C8    . G   B 2 5  ? -9.700  -12.594 0.223   1.00 84.91  ? 6   G   B C8    1 
ATOM   383  N  N7    . G   B 2 5  ? -9.351  -11.691 1.101   1.00 83.94  ? 6   G   B N7    1 
ATOM   384  C  C5    . G   B 2 5  ? -10.539 -11.042 1.414   1.00 82.69  ? 6   G   B C5    1 
ATOM   385  C  C6    . G   B 2 5  ? -10.798 -9.962  2.306   1.00 81.17  ? 6   G   B C6    1 
ATOM   386  O  O6    . G   B 2 5  ? -9.996  -9.340  3.025   1.00 80.20  ? 6   G   B O6    1 
ATOM   387  N  N1    . G   B 2 5  ? -12.155 -9.620  2.310   1.00 78.44  ? 6   G   B N1    1 
ATOM   388  C  C2    . G   B 2 5  ? -13.130 -10.238 1.566   1.00 79.19  ? 6   G   B C2    1 
ATOM   389  N  N2    . G   B 2 5  ? -14.371 -9.784  1.716   1.00 76.69  ? 6   G   B N2    1 
ATOM   390  N  N3    . G   B 2 5  ? -12.900 -11.232 0.733   1.00 80.80  ? 6   G   B N3    1 
ATOM   391  C  C4    . G   B 2 5  ? -11.593 -11.583 0.706   1.00 82.95  ? 6   G   B C4    1 
ATOM   392  P  P     . A   B 2 6  ? -10.834 -11.266 -5.203  1.00 96.40  ? 7   A   B P     1 
ATOM   393  O  OP1   . A   B 2 6  ? -11.160 -11.375 -6.644  1.00 96.53  ? 7   A   B OP1   1 
ATOM   394  O  OP2   . A   B 2 6  ? -9.450  -10.932 -4.781  1.00 92.15  ? 7   A   B OP2   1 
ATOM   395  O  "O5'" . A   B 2 6  ? -11.879 -10.231 -4.590  1.00 89.86  ? 7   A   B "O5'" 1 
ATOM   396  C  "C5'" . A   B 2 6  ? -13.278 -10.379 -4.843  1.00 86.23  ? 7   A   B "C5'" 1 
ATOM   397  C  "C4'" . A   B 2 6  ? -14.078 -9.460  -3.958  1.00 83.82  ? 7   A   B "C4'" 1 
ATOM   398  O  "O4'" . A   B 2 6  ? -13.801 -9.759  -2.566  1.00 84.40  ? 7   A   B "O4'" 1 
ATOM   399  C  "C3'" . A   B 2 6  ? -13.761 -7.986  -4.093  1.00 83.92  ? 7   A   B "C3'" 1 
ATOM   400  O  "O3'" . A   B 2 6  ? -14.483 -7.425  -5.180  1.00 83.56  ? 7   A   B "O3'" 1 
ATOM   401  C  "C2'" . A   B 2 6  ? -14.228 -7.437  -2.747  1.00 84.12  ? 7   A   B "C2'" 1 
ATOM   402  O  "O2'" . A   B 2 6  ? -15.633 -7.265  -2.683  1.00 83.74  ? 7   A   B "O2'" 1 
ATOM   403  C  "C1'" . A   B 2 6  ? -13.805 -8.561  -1.803  1.00 81.67  ? 7   A   B "C1'" 1 
ATOM   404  N  N9    . A   B 2 6  ? -12.469 -8.384  -1.224  1.00 79.73  ? 7   A   B N9    1 
ATOM   405  C  C8    . A   B 2 6  ? -11.332 -9.062  -1.603  1.00 78.06  ? 7   A   B C8    1 
ATOM   406  N  N7    . A   B 2 6  ? -10.264 -8.740  -0.923  1.00 77.96  ? 7   A   B N7    1 
ATOM   407  C  C5    . A   B 2 6  ? -10.719 -7.780  -0.032  1.00 76.69  ? 7   A   B C5    1 
ATOM   408  C  C6    . A   B 2 6  ? -10.065 -7.049  0.969   1.00 75.59  ? 7   A   B C6    1 
ATOM   409  N  N6    . A   B 2 6  ? -8.759  -7.183  1.247   1.00 70.81  ? 7   A   B N6    1 
ATOM   410  N  N1    . A   B 2 6  ? -10.803 -6.165  1.687   1.00 73.63  ? 7   A   B N1    1 
ATOM   411  C  C2    . A   B 2 6  ? -12.111 -6.038  1.409   1.00 75.61  ? 7   A   B C2    1 
ATOM   412  N  N3    . A   B 2 6  ? -12.843 -6.672  0.490   1.00 76.39  ? 7   A   B N3    1 
ATOM   413  C  C4    . A   B 2 6  ? -12.078 -7.543  -0.205  1.00 77.80  ? 7   A   B C4    1 
ATOM   414  P  P     . G   B 2 7  ? -13.800 -6.300  -6.091  1.00 86.96  ? 8   G   B P     1 
ATOM   415  O  OP1   . G   B 2 7  ? -14.804 -5.810  -7.066  1.00 86.31  ? 8   G   B OP1   1 
ATOM   416  O  OP2   . G   B 2 7  ? -12.491 -6.825  -6.560  1.00 80.94  ? 8   G   B OP2   1 
ATOM   417  O  "O5'" . G   B 2 7  ? -13.544 -5.096  -5.083  1.00 84.33  ? 8   G   B "O5'" 1 
ATOM   418  C  "C5'" . G   B 2 7  ? -14.616 -4.507  -4.333  1.00 80.22  ? 8   G   B "C5'" 1 
ATOM   419  C  "C4'" . G   B 2 7  ? -14.056 -3.642  -3.215  1.00 78.90  ? 8   G   B "C4'" 1 
ATOM   420  O  "O4'" . G   B 2 7  ? -13.288 -4.464  -2.298  1.00 78.36  ? 8   G   B "O4'" 1 
ATOM   421  C  "C3'" . G   B 2 7  ? -13.085 -2.560  -3.660  1.00 77.07  ? 8   G   B "C3'" 1 
ATOM   422  O  "O3'" . G   B 2 7  ? -13.844 -1.402  -4.037  1.00 75.72  ? 8   G   B "O3'" 1 
ATOM   423  C  "C2'" . G   B 2 7  ? -12.271 -2.325  -2.392  1.00 76.61  ? 8   G   B "C2'" 1 
ATOM   424  O  "O2'" . G   B 2 7  ? -12.996 -1.547  -1.459  1.00 79.05  ? 8   G   B "O2'" 1 
ATOM   425  C  "C1'" . G   B 2 7  ? -12.174 -3.736  -1.818  1.00 71.98  ? 8   G   B "C1'" 1 
ATOM   426  N  N9    . G   B 2 7  ? -10.956 -4.490  -2.106  1.00 71.24  ? 8   G   B N9    1 
ATOM   427  C  C8    . G   B 2 7  ? -10.731 -5.371  -3.142  1.00 70.11  ? 8   G   B C8    1 
ATOM   428  N  N7    . G   B 2 7  ? -9.549  -5.924  -3.108  1.00 69.79  ? 8   G   B N7    1 
ATOM   429  C  C5    . G   B 2 7  ? -8.954  -5.368  -1.984  1.00 66.67  ? 8   G   B C5    1 
ATOM   430  C  C6    . G   B 2 7  ? -7.669  -5.583  -1.426  1.00 65.76  ? 8   G   B C6    1 
ATOM   431  O  O6    . G   B 2 7  ? -6.777  -6.352  -1.812  1.00 64.93  ? 8   G   B O6    1 
ATOM   432  N  N1    . G   B 2 7  ? -7.467  -4.795  -0.289  1.00 65.29  ? 8   G   B N1    1 
ATOM   433  C  C2    . G   B 2 7  ? -8.385  -3.926  0.253   1.00 64.32  ? 8   G   B C2    1 
ATOM   434  N  N2    . G   B 2 7  ? -7.992  -3.249  1.342   1.00 63.30  ? 8   G   B N2    1 
ATOM   435  N  N3    . G   B 2 7  ? -9.597  -3.731  -0.240  1.00 66.44  ? 8   G   B N3    1 
ATOM   436  C  C4    . G   B 2 7  ? -9.810  -4.475  -1.359  1.00 67.75  ? 8   G   B C4    1 
ATOM   437  P  P     . A   B 2 8  ? -13.102 -0.114  -4.635  1.00 79.13  ? 9   A   B P     1 
ATOM   438  O  OP1   . A   B 2 8  ? -13.876 0.490   -5.732  1.00 78.40  ? 9   A   B OP1   1 
ATOM   439  O  OP2   . A   B 2 8  ? -11.671 -0.511  -4.849  1.00 73.55  ? 9   A   B OP2   1 
ATOM   440  O  "O5'" . A   B 2 8  ? -13.225 0.919   -3.445  1.00 74.55  ? 9   A   B "O5'" 1 
ATOM   441  C  "C5'" . A   B 2 8  ? -14.484 1.217   -2.863  1.00 70.62  ? 9   A   B "C5'" 1 
ATOM   442  C  "C4'" . A   B 2 8  ? -14.277 2.170   -1.720  1.00 69.63  ? 9   A   B "C4'" 1 
ATOM   443  O  "O4'" . A   B 2 8  ? -13.661 1.455   -0.610  1.00 71.89  ? 9   A   B "O4'" 1 
ATOM   444  C  "C3'" . A   B 2 8  ? -13.319 3.314   -2.014  1.00 70.94  ? 9   A   B "C3'" 1 
ATOM   445  O  "O3'" . A   B 2 8  ? -13.965 4.415   -2.645  1.00 72.75  ? 9   A   B "O3'" 1 
ATOM   446  C  "C2'" . A   B 2 8  ? -12.852 3.676   -0.613  1.00 68.29  ? 9   A   B "C2'" 1 
ATOM   447  O  "O2'" . A   B 2 8  ? -13.908 4.337   0.050   1.00 72.69  ? 9   A   B "O2'" 1 
ATOM   448  C  "C1'" . A   B 2 8  ? -12.715 2.298   0.037   1.00 67.14  ? 9   A   B "C1'" 1 
ATOM   449  N  N9    . A   B 2 8  ? -11.399 1.672   -0.112  1.00 67.61  ? 9   A   B N9    1 
ATOM   450  C  C8    . A   B 2 8  ? -11.075 0.665   -0.981  1.00 67.48  ? 9   A   B C8    1 
ATOM   451  N  N7    . A   B 2 8  ? -9.858  0.229   -0.862  1.00 67.50  ? 9   A   B N7    1 
ATOM   452  C  C5    . A   B 2 8  ? -9.328  1.005   0.152   1.00 66.66  ? 9   A   B C5    1 
ATOM   453  C  C6    . A   B 2 8  ? -8.083  0.995   0.781   1.00 66.92  ? 9   A   B C6    1 
ATOM   454  N  N6    . A   B 2 8  ? -7.116  0.114   0.504   1.00 65.55  ? 9   A   B N6    1 
ATOM   455  N  N1    . A   B 2 8  ? -7.862  1.920   1.736   1.00 66.41  ? 9   A   B N1    1 
ATOM   456  C  C2    . A   B 2 8  ? -8.855  2.775   2.050   1.00 67.03  ? 9   A   B C2    1 
ATOM   457  N  N3    . A   B 2 8  ? -10.082 2.853   1.557   1.00 65.32  ? 9   A   B N3    1 
ATOM   458  C  C4    . A   B 2 8  ? -10.257 1.928   0.601   1.00 67.43  ? 9   A   B C4    1 
ATOM   459  P  P     . A   B 2 9  ? -13.188 5.262   -3.773  1.00 78.19  ? 10  A   B P     1 
ATOM   460  O  OP1   . A   B 2 9  ? -14.154 6.228   -4.334  1.00 82.35  ? 10  A   B OP1   1 
ATOM   461  O  OP2   . A   B 2 9  ? -12.463 4.325   -4.671  1.00 78.12  ? 10  A   B OP2   1 
ATOM   462  O  "O5'" . A   B 2 9  ? -12.083 6.079   -2.975  1.00 76.28  ? 10  A   B "O5'" 1 
ATOM   463  C  "C5'" . A   B 2 9  ? -12.442 7.006   -1.957  1.00 70.63  ? 10  A   B "C5'" 1 
ATOM   464  C  "C4'" . A   B 2 9  ? -11.204 7.468   -1.231  1.00 70.19  ? 10  A   B "C4'" 1 
ATOM   465  O  "O4'" . A   B 2 9  ? -10.673 6.376   -0.453  1.00 67.54  ? 10  A   B "O4'" 1 
ATOM   466  C  "C3'" . A   B 2 9  ? -10.061 7.888   -2.133  1.00 67.45  ? 10  A   B "C3'" 1 
ATOM   467  O  "O3'" . A   B 2 9  ? -10.186 9.254   -2.511  1.00 70.03  ? 10  A   B "O3'" 1 
ATOM   468  C  "C2'" . A   B 2 9  ? -8.858  7.682   -1.237  1.00 66.27  ? 10  A   B "C2'" 1 
ATOM   469  O  "O2'" . A   B 2 9  ? -8.678  8.736   -0.349  1.00 67.96  ? 10  A   B "O2'" 1 
ATOM   470  C  "C1'" . A   B 2 9  ? -9.265  6.430   -0.465  1.00 63.99  ? 10  A   B "C1'" 1 
ATOM   471  N  N9    . A   B 2 9  ? -8.764  5.194   -1.067  1.00 64.53  ? 10  A   B N9    1 
ATOM   472  C  C8    . A   B 2 9  ? -9.378  4.330   -1.945  1.00 65.11  ? 10  A   B C8    1 
ATOM   473  N  N7    . A   B 2 9  ? -8.622  3.320   -2.306  1.00 64.64  ? 10  A   B N7    1 
ATOM   474  C  C5    . A   B 2 9  ? -7.439  3.533   -1.616  1.00 60.75  ? 10  A   B C5    1 
ATOM   475  C  C6    . A   B 2 9  ? -6.230  2.826   -1.566  1.00 57.90  ? 10  A   B C6    1 
ATOM   476  N  N6    . A   B 2 9  ? -6.009  1.702   -2.254  1.00 52.20  ? 10  A   B N6    1 
ATOM   477  N  N1    . A   B 2 9  ? -5.243  3.313   -0.778  1.00 59.32  ? 10  A   B N1    1 
ATOM   478  C  C2    . A   B 2 9  ? -5.469  4.430   -0.094  1.00 59.85  ? 10  A   B C2    1 
ATOM   479  N  N3    . A   B 2 9  ? -6.562  5.183   -0.053  1.00 60.88  ? 10  A   B N3    1 
ATOM   480  C  C4    . A   B 2 9  ? -7.519  4.677   -0.847  1.00 61.81  ? 10  A   B C4    1 
ATOM   481  P  P     . G   B 2 10 ? -9.780  9.709   -3.989  1.00 72.68  ? 11  G   B P     1 
ATOM   482  O  OP1   . G   B 2 10 ? -10.046 11.145  -4.174  1.00 76.65  ? 11  G   B OP1   1 
ATOM   483  O  OP2   . G   B 2 10 ? -10.419 8.725   -4.886  1.00 72.83  ? 11  G   B OP2   1 
ATOM   484  O  "O5'" . G   B 2 10 ? -8.200  9.563   -3.986  1.00 67.60  ? 11  G   B "O5'" 1 
ATOM   485  C  "C5'" . G   B 2 10 ? -7.387  10.456  -3.219  1.00 67.78  ? 11  G   B "C5'" 1 
ATOM   486  C  "C4'" . G   B 2 10 ? -5.992  9.909   -3.080  1.00 66.03  ? 11  G   B "C4'" 1 
ATOM   487  O  "O4'" . G   B 2 10 ? -6.062  8.625   -2.416  1.00 64.57  ? 11  G   B "O4'" 1 
ATOM   488  C  "C3'" . G   B 2 10 ? -5.267  9.596   -4.369  1.00 65.37  ? 11  G   B "C3'" 1 
ATOM   489  O  "O3'" . G   B 2 10 ? -4.591  10.697  -4.927  1.00 64.87  ? 11  G   B "O3'" 1 
ATOM   490  C  "C2'" . G   B 2 10 ? -4.256  8.562   -3.924  1.00 62.31  ? 11  G   B "C2'" 1 
ATOM   491  O  "O2'" . G   B 2 10 ? -3.172  9.151   -3.260  1.00 59.44  ? 11  G   B "O2'" 1 
ATOM   492  C  "C1'" . G   B 2 10 ? -5.083  7.750   -2.942  1.00 65.58  ? 11  G   B "C1'" 1 
ATOM   493  N  N9    . G   B 2 10 ? -5.752  6.630   -3.604  1.00 63.81  ? 11  G   B N9    1 
ATOM   494  C  C8    . G   B 2 10 ? -7.064  6.573   -4.004  1.00 62.32  ? 11  G   B C8    1 
ATOM   495  N  N7    . G   B 2 10 ? -7.379  5.440   -4.577  1.00 64.19  ? 11  G   B N7    1 
ATOM   496  C  C5    . G   B 2 10 ? -6.209  4.699   -4.555  1.00 60.74  ? 11  G   B C5    1 
ATOM   497  C  C6    . G   B 2 10 ? -5.940  3.383   -5.011  1.00 59.98  ? 11  G   B C6    1 
ATOM   498  O  O6    . G   B 2 10 ? -6.711  2.573   -5.536  1.00 57.06  ? 11  G   B O6    1 
ATOM   499  N  N1    . G   B 2 10 ? -4.623  3.027   -4.779  1.00 55.35  ? 11  G   B N1    1 
ATOM   500  C  C2    . G   B 2 10 ? -3.688  3.808   -4.160  1.00 57.90  ? 11  G   B C2    1 
ATOM   501  N  N2    . G   B 2 10 ? -2.483  3.266   -3.982  1.00 54.97  ? 11  G   B N2    1 
ATOM   502  N  N3    . G   B 2 10 ? -3.906  5.024   -3.737  1.00 56.46  ? 11  G   B N3    1 
ATOM   503  C  C4    . G   B 2 10 ? -5.188  5.413   -3.958  1.00 61.26  ? 11  G   B C4    1 
ATOM   504  P  P     . G   B 2 11 ? -4.302  10.728  -6.503  1.00 68.00  ? 12  G   B P     1 
ATOM   505  O  OP1   . G   B 2 11 ? -3.840  12.095  -6.893  1.00 70.68  ? 12  G   B OP1   1 
ATOM   506  O  OP2   . G   B 2 11 ? -5.484  10.128  -7.143  1.00 63.82  ? 12  G   B OP2   1 
ATOM   507  O  "O5'" . G   B 2 11 ? -3.035  9.793   -6.705  1.00 63.13  ? 12  G   B "O5'" 1 
ATOM   508  C  "C5'" . G   B 2 11 ? -1.781  10.183  -6.156  1.00 62.27  ? 12  G   B "C5'" 1 
ATOM   509  C  "C4'" . G   B 2 11 ? -0.771  9.084   -6.292  1.00 62.42  ? 12  G   B "C4'" 1 
ATOM   510  O  "O4'" . G   B 2 11 ? -1.271  7.895   -5.637  1.00 58.78  ? 12  G   B "O4'" 1 
ATOM   511  C  "C3'" . G   B 2 11 ? -0.527  8.617   -7.711  1.00 63.58  ? 12  G   B "C3'" 1 
ATOM   512  O  "O3'" . G   B 2 11 ? 0.361   9.456   -8.418  1.00 69.04  ? 12  G   B "O3'" 1 
ATOM   513  C  "C2'" . G   B 2 11 ? 0.044   7.234   -7.475  1.00 56.78  ? 12  G   B "C2'" 1 
ATOM   514  O  "O2'" . G   B 2 11 ? 1.368   7.312   -6.971  1.00 61.45  ? 12  G   B "O2'" 1 
ATOM   515  C  "C1'" . G   B 2 11 ? -0.843  6.762   -6.346  1.00 56.84  ? 12  G   B "C1'" 1 
ATOM   516  N  N9    . G   B 2 11 ? -2.009  6.062   -6.853  1.00 54.41  ? 12  G   B N9    1 
ATOM   517  C  C8    . G   B 2 11 ? -3.299  6.520   -6.920  1.00 51.63  ? 12  G   B C8    1 
ATOM   518  N  N7    . G   B 2 11 ? -4.131  5.626   -7.379  1.00 52.60  ? 12  G   B N7    1 
ATOM   519  C  C5    . G   B 2 11 ? -3.329  4.508   -7.624  1.00 53.02  ? 12  G   B C5    1 
ATOM   520  C  C6    . G   B 2 11 ? -3.661  3.226   -8.105  1.00 49.82  ? 12  G   B C6    1 
ATOM   521  O  O6    . G   B 2 11 ? -4.763  2.792   -8.413  1.00 53.90  ? 12  G   B O6    1 
ATOM   522  N  N1    . G   B 2 11 ? -2.539  2.406   -8.218  1.00 49.96  ? 12  G   B N1    1 
ATOM   523  C  C2    . G   B 2 11 ? -1.263  2.778   -7.925  1.00 52.05  ? 12  G   B C2    1 
ATOM   524  N  N2    . G   B 2 11 ? -0.324  1.863   -8.124  1.00 49.50  ? 12  G   B N2    1 
ATOM   525  N  N3    . G   B 2 11 ? -0.932  3.964   -7.468  1.00 51.65  ? 12  G   B N3    1 
ATOM   526  C  C4    . G   B 2 11 ? -2.016  4.779   -7.337  1.00 52.01  ? 12  G   B C4    1 
ATOM   527  P  P     . G   B 2 12 ? 0.216   9.598   -10.004 1.00 73.33  ? 13  G   B P     1 
ATOM   528  O  OP1   . G   B 2 12 ? 1.313   10.510  -10.410 1.00 75.27  ? 13  G   B OP1   1 
ATOM   529  O  OP2   . G   B 2 12 ? -1.202  9.930   -10.334 1.00 67.72  ? 13  G   B OP2   1 
ATOM   530  O  "O5'" . G   B 2 12 ? 0.621   8.158   -10.528 1.00 72.70  ? 13  G   B "O5'" 1 
ATOM   531  C  "C5'" . G   B 2 12 ? 1.922   7.665   -10.258 1.00 69.78  ? 13  G   B "C5'" 1 
ATOM   532  C  "C4'" . G   B 2 12 ? 2.091   6.254   -10.754 1.00 68.70  ? 13  G   B "C4'" 1 
ATOM   533  O  "O4'" . G   B 2 12 ? 1.196   5.374   -10.045 1.00 65.79  ? 13  G   B "O4'" 1 
ATOM   534  C  "C3'" . G   B 2 12 ? 1.744   6.027   -12.212 1.00 70.33  ? 13  G   B "C3'" 1 
ATOM   535  O  "O3'" . G   B 2 12 ? 2.858   6.467   -13.009 1.00 79.57  ? 13  G   B "O3'" 1 
ATOM   536  C  "C2'" . G   B 2 12 ? 1.468   4.525   -12.225 1.00 65.96  ? 13  G   B "C2'" 1 
ATOM   537  O  "O2'" . G   B 2 12 ? 2.631   3.738   -12.139 1.00 64.30  ? 13  G   B "O2'" 1 
ATOM   538  C  "C1'" . G   B 2 12 ? 0.760   4.345   -10.895 1.00 62.17  ? 13  G   B "C1'" 1 
ATOM   539  N  N9    . G   B 2 12 ? -0.685  4.407   -11.022 1.00 50.63  ? 13  G   B N9    1 
ATOM   540  C  C8    . G   B 2 12 ? -1.527  5.463   -10.732 1.00 51.02  ? 13  G   B C8    1 
ATOM   541  N  N7    . G   B 2 12 ? -2.785  5.191   -10.950 1.00 53.15  ? 13  G   B N7    1 
ATOM   542  C  C5    . G   B 2 12 ? -2.760  3.877   -11.409 1.00 49.32  ? 13  G   B C5    1 
ATOM   543  C  C6    . G   B 2 12 ? -3.813  3.043   -11.796 1.00 50.88  ? 13  G   B C6    1 
ATOM   544  O  O6    . G   B 2 12 ? -5.017  3.297   -11.827 1.00 52.77  ? 13  G   B O6    1 
ATOM   545  N  N1    . G   B 2 12 ? -3.359  1.782   -12.178 1.00 52.39  ? 13  G   B N1    1 
ATOM   546  C  C2    . G   B 2 12 ? -2.043  1.385   -12.177 1.00 50.42  ? 13  G   B C2    1 
ATOM   547  N  N2    . G   B 2 12 ? -1.797  0.135   -12.543 1.00 54.51  ? 13  G   B N2    1 
ATOM   548  N  N3    . G   B 2 12 ? -1.042  2.162   -11.826 1.00 51.03  ? 13  G   B N3    1 
ATOM   549  C  C4    . G   B 2 12 ? -1.473  3.388   -11.458 1.00 50.74  ? 13  G   B C4    1 
HETATM 550  P  P     . S9L B 2 13 ? 2.690   6.704   -14.595 1.00 77.83  ? 14  S9L B P     1 
HETATM 551  O  O1P   . S9L B 2 13 ? 1.289   7.128   -14.883 1.00 75.25  ? 14  S9L B O1P   1 
HETATM 552  O  O2P   . S9L B 2 13 ? 3.871   7.499   -15.043 1.00 84.81  ? 14  S9L B O2P   1 
HETATM 553  O  "O5'" . S9L B 2 13 ? 2.921   5.278   -15.197 1.00 82.79  ? 14  S9L B "O5'" 1 
HETATM 554  C  C12   . S9L B 2 13 ? 4.181   4.627   -14.952 1.00 90.35  ? 14  S9L B C12   1 
HETATM 555  C  C22   . S9L B 2 13 ? 4.017   3.108   -15.164 1.00 94.61  ? 14  S9L B C22   1 
HETATM 556  O  OH3   . S9L B 2 13 ? 3.706   2.738   -16.535 1.00 103.81 ? 14  S9L B OH3   1 
HETATM 557  C  C13   . S9L B 2 13 ? 4.578   3.572   -18.745 1.00 107.50 ? 14  S9L B C13   1 
HETATM 558  C  C23   . S9L B 2 13 ? 3.622   3.798   -17.548 1.00 107.09 ? 14  S9L B C23   1 
HETATM 559  O  OH4   . S9L B 2 13 ? 4.077   2.480   -19.555 1.00 107.34 ? 14  S9L B OH4   1 
HETATM 560  C  C14   . S9L B 2 13 ? 6.066   1.118   -20.137 1.00 91.83  ? 14  S9L B C14   1 
HETATM 561  C  C24   . S9L B 2 13 ? 4.977   2.098   -20.618 1.00 99.85  ? 14  S9L B C24   1 
HETATM 562  O  "O3'" . S9L B 2 13 ? 5.585   0.287   -19.076 1.00 77.26  ? 14  S9L B "O3'" 1 
ATOM   563  P  P     . G   B 2 14 ? 6.880   -0.370  -18.382 1.00 72.60  ? 15  G   B P     1 
ATOM   564  O  OP1   . G   B 2 14 ? 6.618   -0.609  -16.927 1.00 73.90  ? 15  G   B OP1   1 
ATOM   565  O  OP2   . G   B 2 14 ? 8.064   0.426   -18.796 1.00 75.83  ? 15  G   B OP2   1 
ATOM   566  O  "O5'" . G   B 2 14 ? 7.001   -1.798  -19.082 1.00 67.24  ? 15  G   B "O5'" 1 
ATOM   567  C  "C5'" . G   B 2 14 ? 5.896   -2.415  -19.763 1.00 59.16  ? 15  G   B "C5'" 1 
ATOM   568  C  "C4'" . G   B 2 14 ? 6.213   -3.867  -19.987 1.00 58.86  ? 15  G   B "C4'" 1 
ATOM   569  O  "O4'" . G   B 2 14 ? 7.240   -3.978  -20.990 1.00 61.90  ? 15  G   B "O4'" 1 
ATOM   570  C  "C3'" . G   B 2 14 ? 6.777   -4.591  -18.783 1.00 58.78  ? 15  G   B "C3'" 1 
ATOM   571  O  "O3'" . G   B 2 14 ? 5.689   -5.073  -18.006 1.00 54.06  ? 15  G   B "O3'" 1 
ATOM   572  C  "C2'" . G   B 2 14 ? 7.551   -5.721  -19.442 1.00 57.03  ? 15  G   B "C2'" 1 
ATOM   573  O  "O2'" . G   B 2 14 ? 6.746   -6.782  -19.880 1.00 56.39  ? 15  G   B "O2'" 1 
ATOM   574  C  "C1'" . G   B 2 14 ? 8.127   -5.019  -20.668 1.00 55.71  ? 15  G   B "C1'" 1 
ATOM   575  N  N9    . G   B 2 14 ? 9.448   -4.462  -20.453 1.00 56.58  ? 15  G   B N9    1 
ATOM   576  C  C8    . G   B 2 14 ? 9.789   -3.153  -20.238 1.00 56.43  ? 15  G   B C8    1 
ATOM   577  N  N7    . G   B 2 14 ? 11.064  -2.982  -20.050 1.00 51.68  ? 15  G   B N7    1 
ATOM   578  C  C5    . G   B 2 14 ? 11.595  -4.262  -20.160 1.00 56.24  ? 15  G   B C5    1 
ATOM   579  C  C6    . G   B 2 14 ? 12.929  -4.725  -20.067 1.00 54.53  ? 15  G   B C6    1 
ATOM   580  O  O6    . G   B 2 14 ? 13.972  -4.067  -19.860 1.00 50.84  ? 15  G   B O6    1 
ATOM   581  N  N1    . G   B 2 14 ? 13.002  -6.111  -20.256 1.00 50.38  ? 15  G   B N1    1 
ATOM   582  C  C2    . G   B 2 14 ? 11.939  -6.949  -20.509 1.00 58.01  ? 15  G   B C2    1 
ATOM   583  N  N2    . G   B 2 14 ? 12.182  -8.257  -20.667 1.00 53.08  ? 15  G   B N2    1 
ATOM   584  N  N3    . G   B 2 14 ? 10.712  -6.523  -20.598 1.00 53.19  ? 15  G   B N3    1 
ATOM   585  C  C4    . G   B 2 14 ? 10.611  -5.178  -20.416 1.00 54.24  ? 15  G   B C4    1 
ATOM   586  P  P     . G   B 2 15 ? 5.839   -5.406  -16.436 1.00 58.35  ? 16  G   B P     1 
ATOM   587  O  OP1   . G   B 2 15 ? 4.422   -5.591  -16.053 1.00 65.53  ? 16  G   B OP1   1 
ATOM   588  O  OP2   . G   B 2 15 ? 6.716   -4.478  -15.686 1.00 55.34  ? 16  G   B OP2   1 
ATOM   589  O  "O5'" . G   B 2 15 ? 6.563   -6.821  -16.351 1.00 60.16  ? 16  G   B "O5'" 1 
ATOM   590  C  "C5'" . G   B 2 15 ? 5.921   -8.028  -16.757 1.00 56.42  ? 16  G   B "C5'" 1 
ATOM   591  C  "C4'" . G   B 2 15 ? 6.931   -9.147  -16.738 1.00 59.89  ? 16  G   B "C4'" 1 
ATOM   592  O  "O4'" . G   B 2 15 ? 7.930   -8.910  -17.765 1.00 56.98  ? 16  G   B "O4'" 1 
ATOM   593  C  "C3'" . G   B 2 15 ? 7.748   -9.225  -15.468 1.00 60.58  ? 16  G   B "C3'" 1 
ATOM   594  O  "O3'" . G   B 2 15 ? 7.080   -9.919  -14.443 1.00 52.47  ? 16  G   B "O3'" 1 
ATOM   595  C  "C2'" . G   B 2 15 ? 9.002   -9.949  -15.925 1.00 60.07  ? 16  G   B "C2'" 1 
ATOM   596  O  "O2'" . G   B 2 15 ? 8.771   -11.335 -16.077 1.00 61.53  ? 16  G   B "O2'" 1 
ATOM   597  C  "C1'" . G   B 2 15 ? 9.221   -9.305  -17.292 1.00 61.17  ? 16  G   B "C1'" 1 
ATOM   598  N  N9    . G   B 2 15 ? 10.071  -8.115  -17.205 1.00 62.50  ? 16  G   B N9    1 
ATOM   599  C  C8    . G   B 2 15 ? 9.657   -6.802  -17.164 1.00 64.93  ? 16  G   B C8    1 
ATOM   600  N  N7    . G   B 2 15 ? 10.647  -5.957  -17.095 1.00 66.03  ? 16  G   B N7    1 
ATOM   601  C  C5    . G   B 2 15 ? 11.783  -6.755  -17.097 1.00 64.52  ? 16  G   B C5    1 
ATOM   602  C  C6    . G   B 2 15 ? 13.163  -6.403  -17.055 1.00 66.07  ? 16  G   B C6    1 
ATOM   603  O  O6    . G   B 2 15 ? 13.681  -5.265  -17.007 1.00 62.68  ? 16  G   B O6    1 
ATOM   604  N  N1    . G   B 2 15 ? 13.970  -7.531  -17.074 1.00 64.68  ? 16  G   B N1    1 
ATOM   605  C  C2    . G   B 2 15 ? 13.527  -8.822  -17.131 1.00 66.05  ? 16  G   B C2    1 
ATOM   606  N  N2    . G   B 2 15 ? 14.476  -9.758  -17.135 1.00 65.47  ? 16  G   B N2    1 
ATOM   607  N  N3    . G   B 2 15 ? 12.260  -9.168  -17.179 1.00 65.31  ? 16  G   B N3    1 
ATOM   608  C  C4    . G   B 2 15 ? 11.443  -8.089  -17.157 1.00 63.32  ? 16  G   B C4    1 
ATOM   609  P  P     . C   B 2 16 ? 7.249   -9.432  -12.937 1.00 59.54  ? 17  C   B P     1 
ATOM   610  O  OP1   . C   B 2 16 ? 6.240   -10.225 -12.213 1.00 57.69  ? 17  C   B OP1   1 
ATOM   611  O  OP2   . C   B 2 16 ? 7.233   -7.944  -12.923 1.00 60.17  ? 17  C   B OP2   1 
ATOM   612  O  "O5'" . C   B 2 16 ? 8.676   -9.964  -12.505 1.00 57.97  ? 17  C   B "O5'" 1 
ATOM   613  C  "C5'" . C   B 2 16 ? 8.898   -11.365 -12.401 1.00 60.72  ? 17  C   B "C5'" 1 
ATOM   614  C  "C4'" . C   B 2 16 ? 10.363  -11.655 -12.289 1.00 60.48  ? 17  C   B "C4'" 1 
ATOM   615  O  "O4'" . C   B 2 16 ? 11.019  -11.141 -13.468 1.00 63.57  ? 17  C   B "O4'" 1 
ATOM   616  C  "C3'" . C   B 2 16 ? 11.071  -10.941 -11.166 1.00 63.57  ? 17  C   B "C3'" 1 
ATOM   617  O  "O3'" . C   B 2 16 ? 10.906  -11.584 -9.927  1.00 67.49  ? 17  C   B "O3'" 1 
ATOM   618  C  "C2'" . C   B 2 16 ? 12.499  -10.976 -11.654 1.00 60.20  ? 17  C   B "C2'" 1 
ATOM   619  O  "O2'" . C   B 2 16 ? 12.974  -12.299 -11.570 1.00 60.88  ? 17  C   B "O2'" 1 
ATOM   620  C  "C1'" . C   B 2 16 ? 12.300  -10.640 -13.123 1.00 61.05  ? 17  C   B "C1'" 1 
ATOM   621  N  N1    . C   B 2 16 ? 12.333  -9.173  -13.358 1.00 61.74  ? 17  C   B N1    1 
ATOM   622  C  C2    . C   B 2 16 ? 13.576  -8.545  -13.464 1.00 62.18  ? 17  C   B C2    1 
ATOM   623  O  O2    . C   B 2 16 ? 14.607  -9.223  -13.324 1.00 62.39  ? 17  C   B O2    1 
ATOM   624  N  N3    . C   B 2 16 ? 13.634  -7.220  -13.707 1.00 61.40  ? 17  C   B N3    1 
ATOM   625  C  C4    . C   B 2 16 ? 12.519  -6.517  -13.821 1.00 63.46  ? 17  C   B C4    1 
ATOM   626  N  N4    . C   B 2 16 ? 12.639  -5.196  -14.055 1.00 60.44  ? 17  C   B N4    1 
ATOM   627  C  C5    . C   B 2 16 ? 11.236  -7.120  -13.701 1.00 61.80  ? 17  C   B C5    1 
ATOM   628  C  C6    . C   B 2 16 ? 11.189  -8.438  -13.476 1.00 61.80  ? 17  C   B C6    1 
ATOM   629  P  P     . A   B 2 17 ? 10.839  -10.704 -8.593  1.00 71.43  ? 18  A   B P     1 
ATOM   630  O  OP1   . A   B 2 17 ? 10.485  -11.633 -7.494  1.00 70.94  ? 18  A   B OP1   1 
ATOM   631  O  OP2   . A   B 2 17 ? 10.003  -9.498  -8.842  1.00 71.07  ? 18  A   B OP2   1 
ATOM   632  O  "O5'" . A   B 2 17 ? 12.345  -10.236 -8.410  1.00 70.40  ? 18  A   B "O5'" 1 
ATOM   633  C  "C5'" . A   B 2 17 ? 13.365  -11.182 -8.157  1.00 70.61  ? 18  A   B "C5'" 1 
ATOM   634  C  "C4'" . A   B 2 17 ? 14.709  -10.514 -8.115  1.00 71.22  ? 18  A   B "C4'" 1 
ATOM   635  O  "O4'" . A   B 2 17 ? 15.011  -9.981  -9.427  1.00 68.97  ? 18  A   B "O4'" 1 
ATOM   636  C  "C3'" . A   B 2 17 ? 14.792  -9.299  -7.214  1.00 70.72  ? 18  A   B "C3'" 1 
ATOM   637  O  "O3'" . A   B 2 17 ? 15.021  -9.631  -5.858  1.00 75.71  ? 18  A   B "O3'" 1 
ATOM   638  C  "C2'" . A   B 2 17 ? 15.972  -8.558  -7.807  1.00 71.28  ? 18  A   B "C2'" 1 
ATOM   639  O  "O2'" . A   B 2 17 ? 17.191  -9.150  -7.422  1.00 72.04  ? 18  A   B "O2'" 1 
ATOM   640  C  "C1'" . A   B 2 17 ? 15.743  -8.783  -9.294  1.00 68.39  ? 18  A   B "C1'" 1 
ATOM   641  N  N9    . A   B 2 17 ? 14.954  -7.683  -9.829  1.00 68.25  ? 18  A   B N9    1 
ATOM   642  C  C8    . A   B 2 17 ? 13.624  -7.631  -10.144 1.00 67.18  ? 18  A   B C8    1 
ATOM   643  N  N7    . A   B 2 17 ? 13.231  -6.456  -10.576 1.00 67.11  ? 18  A   B N7    1 
ATOM   644  C  C5    . A   B 2 17 ? 14.390  -5.693  -10.559 1.00 65.02  ? 18  A   B C5    1 
ATOM   645  C  C6    . A   B 2 17 ? 14.643  -4.374  -10.900 1.00 63.54  ? 18  A   B C6    1 
ATOM   646  N  N6    . A   B 2 17 ? 13.714  -3.544  -11.328 1.00 59.02  ? 18  A   B N6    1 
ATOM   647  N  N1    . A   B 2 17 ? 15.896  -3.922  -10.778 1.00 63.20  ? 18  A   B N1    1 
ATOM   648  C  C2    . A   B 2 17 ? 16.832  -4.751  -10.321 1.00 62.18  ? 18  A   B C2    1 
ATOM   649  N  N3    . A   B 2 17 ? 16.721  -6.015  -9.949  1.00 63.47  ? 18  A   B N3    1 
ATOM   650  C  C4    . A   B 2 17 ? 15.455  -6.432  -10.099 1.00 67.55  ? 18  A   B C4    1 
ATOM   651  P  P     . G   B 2 18 ? 14.436  -8.681  -4.712  1.00 79.66  ? 19  G   B P     1 
ATOM   652  O  OP1   . G   B 2 18 ? 14.536  -9.461  -3.442  1.00 78.62  ? 19  G   B OP1   1 
ATOM   653  O  OP2   . G   B 2 18 ? 13.117  -8.163  -5.166  1.00 81.46  ? 19  G   B OP2   1 
ATOM   654  O  "O5'" . G   B 2 18 ? 15.435  -7.435  -4.698  1.00 79.05  ? 19  G   B "O5'" 1 
ATOM   655  C  "C5'" . G   B 2 18 ? 16.840  -7.636  -4.581  1.00 78.58  ? 19  G   B "C5'" 1 
ATOM   656  C  "C4'" . G   B 2 18 ? 17.608  -6.336  -4.727  1.00 78.63  ? 19  G   B "C4'" 1 
ATOM   657  O  "O4'" . G   B 2 18 ? 17.590  -5.897  -6.115  1.00 75.64  ? 19  G   B "O4'" 1 
ATOM   658  C  "C3'" . G   B 2 18 ? 17.064  -5.128  -3.975  1.00 79.56  ? 19  G   B "C3'" 1 
ATOM   659  O  "O3'" . G   B 2 18 ? 17.417  -5.123  -2.589  1.00 80.20  ? 19  G   B "O3'" 1 
ATOM   660  C  "C2'" . G   B 2 18 ? 17.699  -3.972  -4.739  1.00 77.82  ? 19  G   B "C2'" 1 
ATOM   661  O  "O2'" . G   B 2 18 ? 19.057  -3.756  -4.417  1.00 81.91  ? 19  G   B "O2'" 1 
ATOM   662  C  "C1'" . G   B 2 18 ? 17.631  -4.486  -6.169  1.00 75.72  ? 19  G   B "C1'" 1 
ATOM   663  N  N9    . G   B 2 18 ? 16.435  -3.991  -6.814  1.00 71.42  ? 19  G   B N9    1 
ATOM   664  C  C8    . G   B 2 18 ? 15.254  -4.656  -7.023  1.00 72.33  ? 19  G   B C8    1 
ATOM   665  N  N7    . G   B 2 18 ? 14.348  -3.911  -7.591  1.00 72.15  ? 19  G   B N7    1 
ATOM   666  C  C5    . G   B 2 18 ? 14.985  -2.692  -7.781  1.00 68.63  ? 19  G   B C5    1 
ATOM   667  C  C6    . G   B 2 18 ? 14.506  -1.497  -8.342  1.00 68.63  ? 19  G   B C6    1 
ATOM   668  O  O6    . G   B 2 18 ? 13.385  -1.261  -8.784  1.00 66.09  ? 19  G   B O6    1 
ATOM   669  N  N1    . G   B 2 18 ? 15.479  -0.502  -8.340  1.00 69.98  ? 19  G   B N1    1 
ATOM   670  C  C2    . G   B 2 18 ? 16.752  -0.643  -7.849  1.00 68.12  ? 19  G   B C2    1 
ATOM   671  N  N2    . G   B 2 18 ? 17.537  0.436   -7.925  1.00 71.09  ? 19  G   B N2    1 
ATOM   672  N  N3    . G   B 2 18 ? 17.214  -1.760  -7.315  1.00 70.27  ? 19  G   B N3    1 
ATOM   673  C  C4    . G   B 2 18 ? 16.278  -2.736  -7.313  1.00 70.53  ? 19  G   B C4    1 
ATOM   674  P  P     . A   B 2 19 ? 16.468  -4.386  -1.511  1.00 82.88  ? 20  A   B P     1 
ATOM   675  O  OP1   . A   B 2 19 ? 17.178  -4.564  -0.215  1.00 82.96  ? 20  A   B OP1   1 
ATOM   676  O  OP2   . A   B 2 19 ? 15.088  -4.878  -1.659  1.00 84.48  ? 20  A   B OP2   1 
ATOM   677  O  "O5'" . A   B 2 19 ? 16.498  -2.851  -1.948  1.00 76.26  ? 20  A   B "O5'" 1 
ATOM   678  C  "C5'" . A   B 2 19 ? 17.705  -2.093  -1.819  1.00 72.49  ? 20  A   B "C5'" 1 
ATOM   679  C  "C4'" . A   B 2 19 ? 17.577  -0.716  -2.445  1.00 71.09  ? 20  A   B "C4'" 1 
ATOM   680  O  "O4'" . A   B 2 19 ? 17.286  -0.849  -3.860  1.00 71.73  ? 20  A   B "O4'" 1 
ATOM   681  C  "C3'" . A   B 2 19 ? 16.451  0.163   -1.930  1.00 72.12  ? 20  A   B "C3'" 1 
ATOM   682  O  "O3'" . A   B 2 19 ? 16.789  0.853   -0.736  1.00 73.73  ? 20  A   B "O3'" 1 
ATOM   683  C  "C2'" . A   B 2 19 ? 16.253  1.135   -3.085  1.00 69.90  ? 20  A   B "C2'" 1 
ATOM   684  O  "O2'" . A   B 2 19 ? 17.258  2.121   -3.125  1.00 71.29  ? 20  A   B "O2'" 1 
ATOM   685  C  "C1'" . A   B 2 19 ? 16.441  0.210   -4.277  1.00 72.02  ? 20  A   B "C1'" 1 
ATOM   686  N  N9    . A   B 2 19 ? 15.159  -0.346  -4.686  1.00 68.65  ? 20  A   B N9    1 
ATOM   687  C  C8    . A   B 2 19 ? 14.683  -1.624  -4.489  1.00 67.17  ? 20  A   B C8    1 
ATOM   688  N  N7    . A   B 2 19 ? 13.481  -1.820  -4.970  1.00 66.10  ? 20  A   B N7    1 
ATOM   689  C  C5    . A   B 2 19 ? 13.145  -0.594  -5.535  1.00 64.25  ? 20  A   B C5    1 
ATOM   690  C  C6    . A   B 2 19 ? 12.013  -0.148  -6.220  1.00 66.41  ? 20  A   B C6    1 
ATOM   691  N  N6    . A   B 2 19 ? 10.963  -0.936  -6.495  1.00 64.22  ? 20  A   B N6    1 
ATOM   692  N  N1    . A   B 2 19 ? 11.986  1.146   -6.627  1.00 67.70  ? 20  A   B N1    1 
ATOM   693  C  C2    . A   B 2 19 ? 13.043  1.923   -6.380  1.00 68.53  ? 20  A   B C2    1 
ATOM   694  N  N3    . A   B 2 19 ? 14.179  1.620   -5.765  1.00 67.79  ? 20  A   B N3    1 
ATOM   695  C  C4    . A   B 2 19 ? 14.168  0.329   -5.355  1.00 66.45  ? 20  A   B C4    1 
ATOM   696  P  P     . G   B 2 20 ? 15.704  0.968   0.440   1.00 76.36  ? 21  G   B P     1 
ATOM   697  O  OP1   . G   B 2 20 ? 16.303  1.645   1.620   1.00 80.22  ? 21  G   B OP1   1 
ATOM   698  O  OP2   . G   B 2 20 ? 15.151  -0.410  0.573   1.00 74.50  ? 21  G   B OP2   1 
ATOM   699  O  "O5'" . G   B 2 20 ? 14.629  1.972   -0.164  1.00 70.28  ? 21  G   B "O5'" 1 
ATOM   700  C  "C5'" . G   B 2 20 ? 15.018  3.295   -0.520  1.00 70.28  ? 21  G   B "C5'" 1 
ATOM   701  C  "C4'" . G   B 2 20 ? 13.962  3.972   -1.368  1.00 68.94  ? 21  G   B "C4'" 1 
ATOM   702  O  "O4'" . G   B 2 20 ? 13.763  3.232   -2.602  1.00 67.99  ? 21  G   B "O4'" 1 
ATOM   703  C  "C3'" . G   B 2 20 ? 12.574  4.055   -0.766  1.00 69.58  ? 21  G   B "C3'" 1 
ATOM   704  O  "O3'" . G   B 2 20 ? 12.454  5.123   0.148   1.00 72.74  ? 21  G   B "O3'" 1 
ATOM   705  C  "C2'" . G   B 2 20 ? 11.700  4.226   -2.001  1.00 66.68  ? 21  G   B "C2'" 1 
ATOM   706  O  "O2'" . G   B 2 20 ? 11.738  5.525   -2.547  1.00 66.65  ? 21  G   B "O2'" 1 
ATOM   707  C  "C1'" . G   B 2 20 ? 12.393  3.289   -2.980  1.00 67.78  ? 21  G   B "C1'" 1 
ATOM   708  N  N9    . G   B 2 20 ? 11.808  1.943   -2.926  1.00 63.31  ? 21  G   B N9    1 
ATOM   709  C  C8    . G   B 2 20 ? 12.259  0.846   -2.202  1.00 59.90  ? 21  G   B C8    1 
ATOM   710  N  N7    . G   B 2 20 ? 11.536  -0.232  -2.394  1.00 59.85  ? 21  G   B N7    1 
ATOM   711  C  C5    . G   B 2 20 ? 10.543  0.177   -3.288  1.00 58.54  ? 21  G   B C5    1 
ATOM   712  C  C6    . G   B 2 20 ? 9.478   -0.557  -3.885  1.00 57.37  ? 21  G   B C6    1 
ATOM   713  O  O6    . G   B 2 20 ? 9.181   -1.754  -3.731  1.00 53.24  ? 21  G   B O6    1 
ATOM   714  N  N1    . G   B 2 20 ? 8.712   0.255   -4.733  1.00 56.64  ? 21  G   B N1    1 
ATOM   715  C  C2    . G   B 2 20 ? 8.927   1.583   -4.971  1.00 59.54  ? 21  G   B C2    1 
ATOM   716  N  N2    . G   B 2 20 ? 8.040   2.173   -5.765  1.00 56.99  ? 21  G   B N2    1 
ATOM   717  N  N3    . G   B 2 20 ? 9.920   2.277   -4.446  1.00 61.38  ? 21  G   B N3    1 
ATOM   718  C  C4    . G   B 2 20 ? 10.688  1.516   -3.616  1.00 59.00  ? 21  G   B C4    1 
ATOM   719  P  P     . A   B 2 21 ? 12.069  4.809   1.672   1.00 79.40  ? 22  A   B P     1 
ATOM   720  O  OP1   . A   B 2 21 ? 13.332  4.495   2.402   1.00 79.12  ? 22  A   B OP1   1 
ATOM   721  O  OP2   . A   B 2 21 ? 10.942  3.837   1.709   1.00 79.37  ? 22  A   B OP2   1 
ATOM   722  O  "O5'" . A   B 2 21 ? 11.489  6.200   2.168   1.00 75.78  ? 22  A   B "O5'" 1 
ATOM   723  C  "C5'" . A   B 2 21 ? 10.152  6.565   1.885   1.00 70.40  ? 22  A   B "C5'" 1 
ATOM   724  C  "C4'" . A   B 2 21 ? 10.127  7.706   0.899   1.00 73.44  ? 22  A   B "C4'" 1 
ATOM   725  O  "O4'" . A   B 2 21 ? 10.298  7.199   -0.458  1.00 71.98  ? 22  A   B "O4'" 1 
ATOM   726  C  "C3'" . A   B 2 21 ? 8.803   8.441   0.845   1.00 73.30  ? 22  A   B "C3'" 1 
ATOM   727  O  "O3'" . A   B 2 21 ? 8.740   9.406   1.886   1.00 71.68  ? 22  A   B "O3'" 1 
ATOM   728  C  "C2'" . A   B 2 21 ? 8.831   9.063   -0.548  1.00 72.64  ? 22  A   B "C2'" 1 
ATOM   729  O  "O2'" . A   B 2 21 ? 9.580   10.252  -0.631  1.00 72.51  ? 22  A   B "O2'" 1 
ATOM   730  C  "C1'" . A   B 2 21 ? 9.507   7.961   -1.364  1.00 69.54  ? 22  A   B "C1'" 1 
ATOM   731  N  N9    . A   B 2 21 ? 8.524   7.078   -2.002  1.00 66.98  ? 22  A   B N9    1 
ATOM   732  C  C8    . A   B 2 21 ? 8.246   5.765   -1.715  1.00 63.63  ? 22  A   B C8    1 
ATOM   733  N  N7    . A   B 2 21 ? 7.284   5.251   -2.450  1.00 61.44  ? 22  A   B N7    1 
ATOM   734  C  C5    . A   B 2 21 ? 6.903   6.294   -3.282  1.00 62.59  ? 22  A   B C5    1 
ATOM   735  C  C6    . A   B 2 21 ? 5.922   6.397   -4.280  1.00 64.65  ? 22  A   B C6    1 
ATOM   736  N  N6    . A   B 2 21 ? 5.113   5.397   -4.604  1.00 63.50  ? 22  A   B N6    1 
ATOM   737  N  N1    . A   B 2 21 ? 5.793   7.576   -4.932  1.00 64.19  ? 22  A   B N1    1 
ATOM   738  C  C2    . A   B 2 21 ? 6.598   8.581   -4.587  1.00 64.86  ? 22  A   B C2    1 
ATOM   739  N  N3    . A   B 2 21 ? 7.556   8.618   -3.652  1.00 64.79  ? 22  A   B N3    1 
ATOM   740  C  C4    . A   B 2 21 ? 7.661   7.425   -3.027  1.00 64.16  ? 22  A   B C4    1 
ATOM   741  P  P     . A   B 2 22 ? 7.346   9.708   2.625   1.00 75.21  ? 23  A   B P     1 
ATOM   742  O  OP1   . A   B 2 22 ? 7.594   10.812  3.584   1.00 79.94  ? 23  A   B OP1   1 
ATOM   743  O  OP2   . A   B 2 22 ? 6.728   8.451   3.103   1.00 70.76  ? 23  A   B OP2   1 
ATOM   744  O  "O5'" . A   B 2 22 ? 6.478   10.343  1.467   1.00 73.09  ? 23  A   B "O5'" 1 
ATOM   745  C  "C5'" . A   B 2 22 ? 6.901   11.550  0.848   1.00 70.33  ? 23  A   B "C5'" 1 
ATOM   746  C  "C4'" . A   B 2 22 ? 6.014   11.847  -0.323  1.00 71.48  ? 23  A   B "C4'" 1 
ATOM   747  O  "O4'" . A   B 2 22 ? 6.206   10.818  -1.324  1.00 73.77  ? 23  A   B "O4'" 1 
ATOM   748  C  "C3'" . A   B 2 22 ? 4.528   11.792  -0.016  1.00 73.03  ? 23  A   B "C3'" 1 
ATOM   749  O  "O3'" . A   B 2 22 ? 4.067   13.010  0.559   1.00 72.93  ? 23  A   B "O3'" 1 
ATOM   750  C  "C2'" . A   B 2 22 ? 3.935   11.501  -1.389  1.00 73.62  ? 23  A   B "C2'" 1 
ATOM   751  O  "O2'" . A   B 2 22 ? 3.837   12.614  -2.248  1.00 73.82  ? 23  A   B "O2'" 1 
ATOM   752  C  "C1'" . A   B 2 22 ? 4.969   10.531  -1.954  1.00 73.27  ? 23  A   B "C1'" 1 
ATOM   753  N  N9    . A   B 2 22 ? 4.584   9.139   -1.669  1.00 70.03  ? 23  A   B N9    1 
ATOM   754  C  C8    . A   B 2 22 ? 5.077   8.283   -0.720  1.00 67.98  ? 23  A   B C8    1 
ATOM   755  N  N7    . A   B 2 22 ? 4.479   7.115   -0.703  1.00 67.18  ? 23  A   B N7    1 
ATOM   756  C  C5    . A   B 2 22 ? 3.540   7.204   -1.722  1.00 65.37  ? 23  A   B C5    1 
ATOM   757  C  C6    . A   B 2 22 ? 2.598   6.305   -2.215  1.00 63.90  ? 23  A   B C6    1 
ATOM   758  N  N6    . A   B 2 22 ? 2.444   5.069   -1.747  1.00 63.49  ? 23  A   B N6    1 
ATOM   759  N  N1    . A   B 2 22 ? 1.808   6.719   -3.227  1.00 64.37  ? 23  A   B N1    1 
ATOM   760  C  C2    . A   B 2 22 ? 1.971   7.940   -3.715  1.00 66.57  ? 23  A   B C2    1 
ATOM   761  N  N3    . A   B 2 22 ? 2.824   8.871   -3.352  1.00 67.83  ? 23  A   B N3    1 
ATOM   762  C  C4    . A   B 2 22 ? 3.595   8.442   -2.329  1.00 65.40  ? 23  A   B C4    1 
ATOM   763  P  P     . A   B 2 23 ? 2.714   13.036  1.435   1.00 74.71  ? 24  A   B P     1 
ATOM   764  O  OP1   . A   B 2 23 ? 2.385   14.434  1.772   1.00 82.56  ? 24  A   B OP1   1 
ATOM   765  O  OP2   . A   B 2 23 ? 2.828   12.027  2.520   1.00 76.00  ? 24  A   B OP2   1 
ATOM   766  O  "O5'" . A   B 2 23 ? 1.600   12.571  0.416   1.00 72.36  ? 24  A   B "O5'" 1 
ATOM   767  C  "C5'" . A   B 2 23 ? 1.093   13.444  -0.586  1.00 69.39  ? 24  A   B "C5'" 1 
ATOM   768  C  "C4'" . A   B 2 23 ? -0.041  12.770  -1.301  1.00 68.39  ? 24  A   B "C4'" 1 
ATOM   769  O  "O4'" . A   B 2 23 ? 0.460   11.567  -1.922  1.00 68.00  ? 24  A   B "O4'" 1 
ATOM   770  C  "C3'" . A   B 2 23 ? -1.160  12.298  -0.405  1.00 66.82  ? 24  A   B "C3'" 1 
ATOM   771  O  "O3'" . A   B 2 23 ? -2.124  13.315  -0.139  1.00 63.21  ? 24  A   B "O3'" 1 
ATOM   772  C  "C2'" . A   B 2 23 ? -1.756  11.163  -1.214  1.00 64.48  ? 24  A   B "C2'" 1 
ATOM   773  O  "O2'" . A   B 2 23 ? -2.585  11.645  -2.238  1.00 66.79  ? 24  A   B "O2'" 1 
ATOM   774  C  "C1'" . A   B 2 23 ? -0.502  10.540  -1.812  1.00 63.94  ? 24  A   B "C1'" 1 
ATOM   775  N  N9    . A   B 2 23 ? 0.062   9.492   -0.949  1.00 61.22  ? 24  A   B N9    1 
ATOM   776  C  C8    . A   B 2 23 ? 1.155   9.551   -0.109  1.00 59.01  ? 24  A   B C8    1 
ATOM   777  N  N7    . A   B 2 23 ? 1.390   8.434   0.538   1.00 58.65  ? 24  A   B N7    1 
ATOM   778  C  C5    . A   B 2 23 ? 0.388   7.581   0.087   1.00 54.63  ? 24  A   B C5    1 
ATOM   779  C  C6    . A   B 2 23 ? 0.072   6.244   0.396   1.00 55.63  ? 24  A   B C6    1 
ATOM   780  N  N6    . A   B 2 23 ? 0.747   5.524   1.290   1.00 51.64  ? 24  A   B N6    1 
ATOM   781  N  N1    . A   B 2 23 ? -0.984  5.686   -0.237  1.00 56.03  ? 24  A   B N1    1 
ATOM   782  C  C2    . A   B 2 23 ? -1.678  6.437   -1.099  1.00 54.73  ? 24  A   B C2    1 
ATOM   783  N  N3    . A   B 2 23 ? -1.501  7.700   -1.458  1.00 56.65  ? 24  A   B N3    1 
ATOM   784  C  C4    . A   B 2 23 ? -0.434  8.223   -0.825  1.00 57.04  ? 24  A   B C4    1 
ATOM   785  P  P     . C   B 2 24 ? -2.932  13.296  1.249   1.00 69.15  ? 25  C   B P     1 
ATOM   786  O  OP1   . C   B 2 24 ? -3.997  14.321  1.269   1.00 71.83  ? 25  C   B OP1   1 
ATOM   787  O  OP2   . C   B 2 24 ? -1.888  13.272  2.298   1.00 61.80  ? 25  C   B OP2   1 
ATOM   788  O  "O5'" . C   B 2 24 ? -3.683  11.903  1.213   1.00 66.34  ? 25  C   B "O5'" 1 
ATOM   789  C  "C5'" . C   B 2 24 ? -4.821  11.717  0.381   1.00 63.20  ? 25  C   B "C5'" 1 
ATOM   790  C  "C4'" . C   B 2 24 ? -5.298  10.288  0.470   1.00 59.18  ? 25  C   B "C4'" 1 
ATOM   791  O  "O4'" . C   B 2 24 ? -4.197  9.407   0.159   1.00 64.13  ? 25  C   B "O4'" 1 
ATOM   792  C  "C3'" . C   B 2 24 ? -5.761  9.816   1.834   1.00 60.87  ? 25  C   B "C3'" 1 
ATOM   793  O  "O3'" . C   B 2 24 ? -7.124  10.129  1.997   1.00 62.88  ? 25  C   B "O3'" 1 
ATOM   794  C  "C2'" . C   B 2 24 ? -5.594  8.319   1.712   1.00 58.34  ? 25  C   B "C2'" 1 
ATOM   795  O  "O2'" . C   B 2 24 ? -6.617  7.791   0.908   1.00 57.94  ? 25  C   B "O2'" 1 
ATOM   796  C  "C1'" . C   B 2 24 ? -4.298  8.236   0.928   1.00 55.83  ? 25  C   B "C1'" 1 
ATOM   797  N  N1    . C   B 2 24 ? -3.110  8.125   1.778   1.00 52.41  ? 25  C   B N1    1 
ATOM   798  C  C2    . C   B 2 24 ? -2.817  6.889   2.326   1.00 50.78  ? 25  C   B C2    1 
ATOM   799  O  O2    . C   B 2 24 ? -3.579  5.942   2.090   1.00 51.08  ? 25  C   B O2    1 
ATOM   800  N  N3    . C   B 2 24 ? -1.709  6.741   3.100   1.00 51.87  ? 25  C   B N3    1 
ATOM   801  C  C4    . C   B 2 24 ? -0.918  7.781   3.331   1.00 54.88  ? 25  C   B C4    1 
ATOM   802  N  N4    . C   B 2 24 ? 0.161   7.577   4.093   1.00 55.13  ? 25  C   B N4    1 
ATOM   803  C  C5    . C   B 2 24 ? -1.198  9.064   2.795   1.00 55.07  ? 25  C   B C5    1 
ATOM   804  C  C6    . C   B 2 24 ? -2.301  9.194   2.024   1.00 52.56  ? 25  C   B C6    1 
ATOM   805  P  P     . A   B 2 25 ? -7.745  10.324  3.461   1.00 60.78  ? 26  A   B P     1 
ATOM   806  O  OP1   . A   B 2 25 ? -9.157  10.735  3.287   1.00 67.96  ? 26  A   B OP1   1 
ATOM   807  O  OP2   . A   B 2 25 ? -6.804  11.162  4.223   1.00 65.48  ? 26  A   B OP2   1 
ATOM   808  O  "O5'" . A   B 2 25 ? -7.763  8.862   4.066   1.00 62.82  ? 26  A   B "O5'" 1 
ATOM   809  C  "C5'" . A   B 2 25 ? -8.756  7.949   3.661   1.00 61.78  ? 26  A   B "C5'" 1 
ATOM   810  C  "C4'" . A   B 2 25 ? -8.433  6.595   4.186   1.00 62.06  ? 26  A   B "C4'" 1 
ATOM   811  O  "O4'" . A   B 2 25 ? -7.071  6.328   3.849   1.00 61.58  ? 26  A   B "O4'" 1 
ATOM   812  C  "C3'" . A   B 2 25 ? -8.406  6.542   5.694   1.00 62.04  ? 26  A   B "C3'" 1 
ATOM   813  O  "O3'" . A   B 2 25 ? -9.683  6.368   6.283   1.00 69.71  ? 26  A   B "O3'" 1 
ATOM   814  C  "C2'" . A   B 2 25 ? -7.515  5.354   5.948   1.00 60.85  ? 26  A   B "C2'" 1 
ATOM   815  O  "O2'" . A   B 2 25 ? -8.215  4.145   5.747   1.00 58.82  ? 26  A   B "O2'" 1 
ATOM   816  C  "C1'" . A   B 2 25 ? -6.475  5.583   4.877   1.00 58.24  ? 26  A   B "C1'" 1 
ATOM   817  N  N9    . A   B 2 25 ? -5.328  6.321   5.389   1.00 54.64  ? 26  A   B N9    1 
ATOM   818  C  C8    . A   B 2 25 ? -4.943  7.602   5.150   1.00 53.08  ? 26  A   B C8    1 
ATOM   819  N  N7    . A   B 2 25 ? -3.800  7.924   5.703   1.00 52.49  ? 26  A   B N7    1 
ATOM   820  C  C5    . A   B 2 25 ? -3.414  6.764   6.355   1.00 50.73  ? 26  A   B C5    1 
ATOM   821  C  C6    . A   B 2 25 ? -2.275  6.436   7.105   1.00 51.34  ? 26  A   B C6    1 
ATOM   822  N  N6    . A   B 2 25 ? -1.262  7.259   7.311   1.00 50.61  ? 26  A   B N6    1 
ATOM   823  N  N1    . A   B 2 25 ? -2.212  5.199   7.633   1.00 51.95  ? 26  A   B N1    1 
ATOM   824  C  C2    . A   B 2 25 ? -3.237  4.349   7.397   1.00 50.76  ? 26  A   B C2    1 
ATOM   825  N  N3    . A   B 2 25 ? -4.346  4.539   6.696   1.00 51.45  ? 26  A   B N3    1 
ATOM   826  C  C4    . A   B 2 25 ? -4.370  5.784   6.199   1.00 51.08  ? 26  A   B C4    1 
ATOM   827  P  P     . C   B 2 26 ? -10.035 7.138   7.645   1.00 68.21  ? 27  C   B P     1 
ATOM   828  O  OP1   . C   B 2 26 ? -11.477 6.894   7.850   1.00 69.40  ? 27  C   B OP1   1 
ATOM   829  O  OP2   . C   B 2 26 ? -9.507  8.520   7.575   1.00 65.56  ? 27  C   B OP2   1 
ATOM   830  O  "O5'" . C   B 2 26 ? -9.231  6.335   8.752   1.00 66.03  ? 27  C   B "O5'" 1 
ATOM   831  C  "C5'" . C   B 2 26 ? -9.508  4.973   8.959   1.00 59.71  ? 27  C   B "C5'" 1 
ATOM   832  C  "C4'" . C   B 2 26 ? -8.422  4.312   9.759   1.00 59.37  ? 27  C   B "C4'" 1 
ATOM   833  O  "O4'" . C   B 2 26 ? -7.155  4.443   9.089   1.00 56.00  ? 27  C   B "O4'" 1 
ATOM   834  C  "C3'" . C   B 2 26 ? -8.140  4.974   11.081  1.00 57.06  ? 27  C   B "C3'" 1 
ATOM   835  O  "O3'" . C   B 2 26 ? -9.088  4.579   12.053  1.00 67.62  ? 27  C   B "O3'" 1 
ATOM   836  C  "C2'" . C   B 2 26 ? -6.752  4.460   11.388  1.00 58.02  ? 27  C   B "C2'" 1 
ATOM   837  O  "O2'" . C   B 2 26 ? -6.807  3.116   11.780  1.00 60.46  ? 27  C   B "O2'" 1 
ATOM   838  C  "C1'" . C   B 2 26 ? -6.115  4.527   10.024  1.00 58.23  ? 27  C   B "C1'" 1 
ATOM   839  N  N1    . C   B 2 26 ? -5.375  5.773   9.831   1.00 54.95  ? 27  C   B N1    1 
ATOM   840  C  C2    . C   B 2 26 ? -4.065  5.852   10.345  1.00 54.01  ? 27  C   B C2    1 
ATOM   841  O  O2    . C   B 2 26 ? -3.588  4.877   10.930  1.00 57.94  ? 27  C   B O2    1 
ATOM   842  N  N3    . C   B 2 26 ? -3.365  7.000   10.184  1.00 53.54  ? 27  C   B N3    1 
ATOM   843  C  C4    . C   B 2 26 ? -3.920  8.036   9.549   1.00 54.30  ? 27  C   B C4    1 
ATOM   844  N  N4    . C   B 2 26 ? -3.198  9.139   9.424   1.00 48.60  ? 27  C   B N4    1 
ATOM   845  C  C5    . C   B 2 26 ? -5.235  7.981   9.015   1.00 53.83  ? 27  C   B C5    1 
ATOM   846  C  C6    . C   B 2 26 ? -5.925  6.840   9.173   1.00 55.65  ? 27  C   B C6    1 
ATOM   847  P  P     . A   B 2 27 ? -9.492  5.582   13.232  1.00 65.02  ? 28  A   B P     1 
ATOM   848  O  OP1   . A   B 2 27 ? -10.618 4.922   13.924  1.00 68.95  ? 28  A   B OP1   1 
ATOM   849  O  OP2   . A   B 2 27 ? -9.660  6.952   12.697  1.00 65.45  ? 28  A   B OP2   1 
ATOM   850  O  "O5'" . A   B 2 27 ? -8.230  5.546   14.191  1.00 63.02  ? 28  A   B "O5'" 1 
ATOM   851  C  "C5'" . A   B 2 27 ? -7.864  4.359   14.832  1.00 62.67  ? 28  A   B "C5'" 1 
ATOM   852  C  "C4'" . A   B 2 27 ? -6.561  4.534   15.539  1.00 63.85  ? 28  A   B "C4'" 1 
ATOM   853  O  "O4'" . A   B 2 27 ? -5.517  4.763   14.573  1.00 60.50  ? 28  A   B "O4'" 1 
ATOM   854  C  "C3'" . A   B 2 27 ? -6.469  5.735   16.449  1.00 61.34  ? 28  A   B "C3'" 1 
ATOM   855  O  "O3'" . A   B 2 27 ? -6.992  5.452   17.734  1.00 58.93  ? 28  A   B "O3'" 1 
ATOM   856  C  "C2'" . A   B 2 27 ? -4.971  5.920   16.525  1.00 60.81  ? 28  A   B "C2'" 1 
ATOM   857  O  "O2'" . A   B 2 27 ? -4.422  4.889   17.315  1.00 59.96  ? 28  A   B "O2'" 1 
ATOM   858  C  "C1'" . A   B 2 27 ? -4.573  5.670   15.084  1.00 61.37  ? 28  A   B "C1'" 1 
ATOM   859  N  N9    . A   B 2 27 ? -4.620  6.894   14.286  1.00 57.58  ? 28  A   B N9    1 
ATOM   860  C  C8    . A   B 2 27 ? -5.632  7.372   13.497  1.00 56.27  ? 28  A   B C8    1 
ATOM   861  N  N7    . A   B 2 27 ? -5.343  8.483   12.873  1.00 57.87  ? 28  A   B N7    1 
ATOM   862  C  C5    . A   B 2 27 ? -4.044  8.754   13.286  1.00 56.17  ? 28  A   B C5    1 
ATOM   863  C  C6    . A   B 2 27 ? -3.153  9.791   12.968  1.00 53.34  ? 28  A   B C6    1 
ATOM   864  N  N6    . A   B 2 27 ? -3.444  10.772  12.116  1.00 53.53  ? 28  A   B N6    1 
ATOM   865  N  N1    . A   B 2 27 ? -1.932  9.780   13.563  1.00 57.21  ? 28  A   B N1    1 
ATOM   866  C  C2    . A   B 2 27 ? -1.649  8.796   14.413  1.00 55.43  ? 28  A   B C2    1 
ATOM   867  N  N3    . A   B 2 27 ? -2.400  7.757   14.781  1.00 54.16  ? 28  A   B N3    1 
ATOM   868  C  C4    . A   B 2 27 ? -3.598  7.794   14.173  1.00 54.01  ? 28  A   B C4    1 
ATOM   869  P  P     . C   B 2 28 ? -7.679  6.624   18.601  1.00 64.14  ? 29  C   B P     1 
ATOM   870  O  OP1   . C   B 2 28 ? -8.348  5.917   19.705  1.00 68.21  ? 29  C   B OP1   1 
ATOM   871  O  OP2   . C   B 2 28 ? -8.467  7.511   17.723  1.00 58.47  ? 29  C   B OP2   1 
ATOM   872  O  "O5'" . C   B 2 28 ? -6.454  7.465   19.178  1.00 57.59  ? 29  C   B "O5'" 1 
ATOM   873  C  "C5'" . C   B 2 28 ? -5.466  6.851   20.001  1.00 54.99  ? 29  C   B "C5'" 1 
ATOM   874  C  "C4'" . C   B 2 28 ? -4.217  7.693   20.084  1.00 57.50  ? 29  C   B "C4'" 1 
ATOM   875  O  "O4'" . C   B 2 28 ? -3.604  7.776   18.777  1.00 56.31  ? 29  C   B "O4'" 1 
ATOM   876  C  "C3'" . C   B 2 28 ? -4.386  9.143   20.491  1.00 55.79  ? 29  C   B "C3'" 1 
ATOM   877  O  "O3'" . C   B 2 28 ? -4.450  9.308   21.905  1.00 58.67  ? 29  C   B "O3'" 1 
ATOM   878  C  "C2'" . C   B 2 28 ? -3.119  9.763   19.923  1.00 56.36  ? 29  C   B "C2'" 1 
ATOM   879  O  "O2'" . C   B 2 28 ? -1.934  9.488   20.635  1.00 55.08  ? 29  C   B "O2'" 1 
ATOM   880  C  "C1'" . C   B 2 28 ? -2.995  9.034   18.607  1.00 58.75  ? 29  C   B "C1'" 1 
ATOM   881  N  N1    . C   B 2 28 ? -3.681  9.795   17.560  1.00 53.63  ? 29  C   B N1    1 
ATOM   882  C  C2    . C   B 2 28 ? -2.963  10.788  16.920  1.00 52.22  ? 29  C   B C2    1 
ATOM   883  O  O2    . C   B 2 28 ? -1.782  10.992  17.258  1.00 55.74  ? 29  C   B O2    1 
ATOM   884  N  N3    . C   B 2 28 ? -3.565  11.505  15.950  1.00 52.18  ? 29  C   B N3    1 
ATOM   885  C  C4    . C   B 2 28 ? -4.833  11.250  15.621  1.00 51.95  ? 29  C   B C4    1 
ATOM   886  N  N4    . C   B 2 28 ? -5.390  11.973  14.642  1.00 50.33  ? 29  C   B N4    1 
ATOM   887  C  C5    . C   B 2 28 ? -5.588  10.253  16.268  1.00 53.75  ? 29  C   B C5    1 
ATOM   888  C  C6    . C   B 2 28 ? -4.979  9.547   17.220  1.00 51.92  ? 29  C   B C6    1 
ATOM   889  P  P     . G   B 2 29 ? -5.133  10.617  22.565  1.00 56.28  ? 30  G   B P     1 
ATOM   890  O  OP1   . G   B 2 29 ? -5.013  10.323  24.030  1.00 64.56  ? 30  G   B OP1   1 
ATOM   891  O  OP2   . G   B 2 29 ? -6.453  10.964  21.976  1.00 54.46  ? 30  G   B OP2   1 
ATOM   892  O  "O5'" . G   B 2 29 ? -4.144  11.812  22.222  1.00 54.57  ? 30  G   B "O5'" 1 
ATOM   893  C  "C5'" . G   B 2 29 ? -2.807  11.821  22.711  1.00 50.23  ? 30  G   B "C5'" 1 
ATOM   894  C  "C4'" . G   B 2 29 ? -2.055  13.051  22.211  1.00 55.02  ? 30  G   B "C4'" 1 
ATOM   895  O  "O4'" . G   B 2 29 ? -1.733  12.896  20.798  1.00 54.63  ? 30  G   B "O4'" 1 
ATOM   896  C  "C3'" . G   B 2 29 ? -2.767  14.405  22.274  1.00 58.46  ? 30  G   B "C3'" 1 
ATOM   897  O  "O3'" . G   B 2 29 ? -2.701  15.037  23.562  1.00 55.63  ? 30  G   B "O3'" 1 
ATOM   898  C  "C2'" . G   B 2 29 ? -1.977  15.190  21.236  1.00 53.01  ? 30  G   B "C2'" 1 
ATOM   899  O  "O2'" . G   B 2 29 ? -0.683  15.508  21.703  1.00 55.53  ? 30  G   B "O2'" 1 
ATOM   900  C  "C1'" . G   B 2 29 ? -1.792  14.147  20.148  1.00 55.21  ? 30  G   B "C1'" 1 
ATOM   901  N  N9    . G   B 2 29 ? -2.908  14.168  19.217  1.00 56.16  ? 30  G   B N9    1 
ATOM   902  C  C8    . G   B 2 29 ? -4.004  13.340  19.186  1.00 55.54  ? 30  G   B C8    1 
ATOM   903  N  N7    . G   B 2 29 ? -4.842  13.633  18.232  1.00 56.73  ? 30  G   B N7    1 
ATOM   904  C  C5    . G   B 2 29 ? -4.252  14.716  17.588  1.00 57.26  ? 30  G   B C5    1 
ATOM   905  C  C6    . G   B 2 29 ? -4.685  15.481  16.477  1.00 53.49  ? 30  G   B C6    1 
ATOM   906  O  O6    . G   B 2 29 ? -5.702  15.336  15.790  1.00 51.74  ? 30  G   B O6    1 
ATOM   907  N  N1    . G   B 2 29 ? -3.798  16.511  16.188  1.00 53.16  ? 30  G   B N1    1 
ATOM   908  C  C2    . G   B 2 29 ? -2.640  16.774  16.873  1.00 55.65  ? 30  G   B C2    1 
ATOM   909  N  N2    . G   B 2 29 ? -1.951  17.848  16.496  1.00 56.79  ? 30  G   B N2    1 
ATOM   910  N  N3    . G   B 2 29 ? -2.205  16.052  17.877  1.00 55.11  ? 30  G   B N3    1 
ATOM   911  C  C4    . G   B 2 29 ? -3.057  15.051  18.187  1.00 56.83  ? 30  G   B C4    1 
ATOM   912  P  P     . A   B 2 30 ? -3.906  15.973  24.089  1.00 60.91  ? 31  A   B P     1 
ATOM   913  O  OP1   . A   B 2 30 ? -3.432  16.356  25.442  1.00 62.51  ? 31  A   B OP1   1 
ATOM   914  O  OP2   . A   B 2 30 ? -5.200  15.302  23.929  1.00 53.41  ? 31  A   B OP2   1 
ATOM   915  O  "O5'" . A   B 2 30 ? -3.918  17.226  23.104  1.00 56.18  ? 31  A   B "O5'" 1 
ATOM   916  C  "C5'" . A   B 2 30 ? -2.765  18.069  22.984  1.00 53.79  ? 31  A   B "C5'" 1 
ATOM   917  C  "C4'" . A   B 2 30 ? -2.925  19.126  21.915  1.00 60.64  ? 31  A   B "C4'" 1 
ATOM   918  O  "O4'" . A   B 2 30 ? -2.918  18.494  20.616  1.00 64.39  ? 31  A   B "O4'" 1 
ATOM   919  C  "C3'" . A   B 2 30 ? -4.215  19.938  21.912  1.00 65.33  ? 31  A   B "C3'" 1 
ATOM   920  O  "O3'" . A   B 2 30 ? -4.401  20.919  22.921  1.00 70.20  ? 31  A   B "O3'" 1 
ATOM   921  C  "C2'" . A   B 2 30 ? -4.242  20.467  20.490  1.00 64.36  ? 31  A   B "C2'" 1 
ATOM   922  O  "O2'" . A   B 2 30 ? -3.300  21.488  20.249  1.00 70.24  ? 31  A   B "O2'" 1 
ATOM   923  C  "C1'" . A   B 2 30 ? -3.717  19.258  19.719  1.00 61.11  ? 31  A   B "C1'" 1 
ATOM   924  N  N9    . A   B 2 30 ? -4.813  18.453  19.199  1.00 58.25  ? 31  A   B N9    1 
ATOM   925  C  C8    . A   B 2 30 ? -5.443  17.394  19.790  1.00 59.62  ? 31  A   B C8    1 
ATOM   926  N  N7    . A   B 2 30 ? -6.448  16.927  19.093  1.00 55.31  ? 31  A   B N7    1 
ATOM   927  C  C5    . A   B 2 30 ? -6.471  17.722  17.958  1.00 54.42  ? 31  A   B C5    1 
ATOM   928  C  C6    . A   B 2 30 ? -7.312  17.750  16.848  1.00 52.08  ? 31  A   B C6    1 
ATOM   929  N  N6    . A   B 2 30 ? -8.324  16.898  16.687  1.00 45.15  ? 31  A   B N6    1 
ATOM   930  N  N1    . A   B 2 30 ? -7.083  18.691  15.903  1.00 49.04  ? 31  A   B N1    1 
ATOM   931  C  C2    . A   B 2 30 ? -6.058  19.531  16.075  1.00 48.33  ? 31  A   B C2    1 
ATOM   932  N  N3    . A   B 2 30 ? -5.189  19.596  17.078  1.00 52.21  ? 31  A   B N3    1 
ATOM   933  C  C4    . A   B 2 30 ? -5.456  18.651  17.997  1.00 55.59  ? 31  A   B C4    1 
ATOM   934  O  "O5'" . U   C 3 1  ? -9.610  18.827  7.812   1.00 66.22  ? 31  U   C "O5'" 1 
ATOM   935  C  "C5'" . U   C 3 1  ? -9.592  20.165  7.315   1.00 61.04  ? 31  U   C "C5'" 1 
ATOM   936  C  "C4'" . U   C 3 1  ? -8.764  21.102  8.162   1.00 63.25  ? 31  U   C "C4'" 1 
ATOM   937  O  "O4'" . U   C 3 1  ? -9.445  21.333  9.418   1.00 61.25  ? 31  U   C "O4'" 1 
ATOM   938  C  "C3'" . U   C 3 1  ? -7.382  20.602  8.553   1.00 60.61  ? 31  U   C "C3'" 1 
ATOM   939  O  "O3'" . U   C 3 1  ? -6.417  20.899  7.538   1.00 56.81  ? 31  U   C "O3'" 1 
ATOM   940  C  "C2'" . U   C 3 1  ? -7.115  21.411  9.812   1.00 59.38  ? 31  U   C "C2'" 1 
ATOM   941  O  "O2'" . U   C 3 1  ? -6.744  22.740  9.513   1.00 61.45  ? 31  U   C "O2'" 1 
ATOM   942  C  "C1'" . U   C 3 1  ? -8.491  21.425  10.461  1.00 60.60  ? 31  U   C "C1'" 1 
ATOM   943  N  N1    . U   C 3 1  ? -8.701  20.299  11.394  1.00 58.79  ? 31  U   C N1    1 
ATOM   944  C  C2    . U   C 3 1  ? -7.947  20.249  12.571  1.00 56.83  ? 31  U   C C2    1 
ATOM   945  O  O2    . U   C 3 1  ? -7.105  21.086  12.890  1.00 58.49  ? 31  U   C O2    1 
ATOM   946  N  N3    . U   C 3 1  ? -8.213  19.169  13.369  1.00 56.43  ? 31  U   C N3    1 
ATOM   947  C  C4    . U   C 3 1  ? -9.107  18.170  13.142  1.00 56.25  ? 31  U   C C4    1 
ATOM   948  O  O4    . U   C 3 1  ? -9.182  17.240  13.940  1.00 48.85  ? 31  U   C O4    1 
ATOM   949  C  C5    . U   C 3 1  ? -9.839  18.293  11.938  1.00 55.10  ? 31  U   C C5    1 
ATOM   950  C  C6    . U   C 3 1  ? -9.618  19.328  11.118  1.00 53.90  ? 31  U   C C6    1 
ATOM   951  P  P     . C   C 3 2  ? -5.211  19.880  7.208   1.00 62.75  ? 32  C   C P     1 
ATOM   952  O  OP1   . C   C 3 2  ? -4.689  20.325  5.910   1.00 62.36  ? 32  C   C OP1   1 
ATOM   953  O  OP2   . C   C 3 2  ? -5.589  18.482  7.413   1.00 57.97  ? 32  C   C OP2   1 
ATOM   954  O  "O5'" . C   C 3 2  ? -4.105  20.180  8.297   1.00 60.94  ? 32  C   C "O5'" 1 
ATOM   955  C  "C5'" . C   C 3 2  ? -3.563  21.475  8.425   1.00 56.95  ? 32  C   C "C5'" 1 
ATOM   956  C  "C4'" . C   C 3 2  ? -2.845  21.595  9.745   1.00 60.06  ? 32  C   C "C4'" 1 
ATOM   957  O  "O4'" . C   C 3 2  ? -3.809  21.552  10.821  1.00 61.75  ? 32  C   C "O4'" 1 
ATOM   958  C  "C3'" . C   C 3 2  ? -1.883  20.467  10.068  1.00 54.71  ? 32  C   C "C3'" 1 
ATOM   959  O  "O3'" . C   C 3 2  ? -0.593  20.715  9.526   1.00 47.76  ? 32  C   C "O3'" 1 
ATOM   960  C  "C2'" . C   C 3 2  ? -1.809  20.567  11.576  1.00 55.53  ? 32  C   C "C2'" 1 
ATOM   961  O  "O2'" . C   C 3 2  ? -1.051  21.683  11.958  1.00 50.09  ? 32  C   C "O2'" 1 
ATOM   962  C  "C1'" . C   C 3 2  ? -3.249  20.878  11.929  1.00 55.21  ? 32  C   C "C1'" 1 
ATOM   963  N  N1    . C   C 3 2  ? -4.003  19.650  12.196  1.00 57.48  ? 32  C   C N1    1 
ATOM   964  C  C2    . C   C 3 2  ? -3.763  18.966  13.384  1.00 54.94  ? 32  C   C C2    1 
ATOM   965  O  O2    . C   C 3 2  ? -2.889  19.367  14.147  1.00 46.93  ? 32  C   C O2    1 
ATOM   966  N  N3    . C   C 3 2  ? -4.483  17.874  13.667  1.00 54.19  ? 32  C   C N3    1 
ATOM   967  C  C4    . C   C 3 2  ? -5.412  17.447  12.818  1.00 58.08  ? 32  C   C C4    1 
ATOM   968  N  N4    . C   C 3 2  ? -6.148  16.395  13.174  1.00 57.78  ? 32  C   C N4    1 
ATOM   969  C  C5    . C   C 3 2  ? -5.644  18.089  11.578  1.00 59.31  ? 32  C   C C5    1 
ATOM   970  C  C6    . C   C 3 2  ? -4.927  19.187  11.313  1.00 56.03  ? 32  C   C C6    1 
ATOM   971  P  P     . G   C 3 3  ? 0.338   19.493  9.068   1.00 53.48  ? 33  G   C P     1 
ATOM   972  O  OP1   . G   C 3 3  ? 1.363   20.052  8.190   1.00 55.90  ? 33  G   C OP1   1 
ATOM   973  O  OP2   . G   C 3 3  ? -0.573  18.437  8.577   1.00 50.25  ? 33  G   C OP2   1 
ATOM   974  O  "O5'" . G   C 3 3  ? 1.070   18.981  10.381  1.00 53.10  ? 33  G   C "O5'" 1 
ATOM   975  C  "C5'" . G   C 3 3  ? 1.922   19.808  11.176  1.00 53.48  ? 33  G   C "C5'" 1 
ATOM   976  C  "C4'" . G   C 3 3  ? 2.203   19.113  12.487  1.00 52.57  ? 33  G   C "C4'" 1 
ATOM   977  O  "O4'" . G   C 3 3  ? 0.962   18.908  13.191  1.00 58.09  ? 33  G   C "O4'" 1 
ATOM   978  C  "C3'" . G   C 3 3  ? 2.771   17.721  12.338  1.00 54.29  ? 33  G   C "C3'" 1 
ATOM   979  O  "O3'" . G   C 3 3  ? 4.183   17.775  12.240  1.00 57.59  ? 33  G   C "O3'" 1 
ATOM   980  C  "C2'" . G   C 3 3  ? 2.334   17.040  13.627  1.00 51.31  ? 33  G   C "C2'" 1 
ATOM   981  O  "O2'" . G   C 3 3  ? 3.140   17.347  14.732  1.00 48.50  ? 33  G   C "O2'" 1 
ATOM   982  C  "C1'" . G   C 3 3  ? 0.969   17.662  13.845  1.00 51.80  ? 33  G   C "C1'" 1 
ATOM   983  N  N9    . G   C 3 3  ? -0.170  16.897  13.362  1.00 53.42  ? 33  G   C N9    1 
ATOM   984  C  C8    . G   C 3 3  ? -0.962  17.195  12.282  1.00 55.04  ? 33  G   C C8    1 
ATOM   985  N  N7    . G   C 3 3  ? -1.979  16.396  12.157  1.00 53.53  ? 33  G   C N7    1 
ATOM   986  C  C5    . G   C 3 3  ? -1.844  15.498  13.204  1.00 53.64  ? 33  G   C C5    1 
ATOM   987  C  C6    . G   C 3 3  ? -2.660  14.423  13.600  1.00 52.17  ? 33  G   C C6    1 
ATOM   988  O  O6    . G   C 3 3  ? -3.724  14.044  13.080  1.00 53.20  ? 33  G   C O6    1 
ATOM   989  N  N1    . G   C 3 3  ? -2.140  13.762  14.724  1.00 51.06  ? 33  G   C N1    1 
ATOM   990  C  C2    . G   C 3 3  ? -0.989  14.118  15.393  1.00 52.19  ? 33  G   C C2    1 
ATOM   991  N  N2    . G   C 3 3  ? -0.663  13.405  16.453  1.00 47.70  ? 33  G   C N2    1 
ATOM   992  N  N3    . G   C 3 3  ? -0.220  15.112  15.035  1.00 51.16  ? 33  G   C N3    1 
ATOM   993  C  C4    . G   C 3 3  ? -0.707  15.770  13.940  1.00 53.91  ? 33  G   C C4    1 
ATOM   994  P  P     . U   C 3 4  ? 4.976   16.601  11.518  1.00 59.74  ? 34  U   C P     1 
ATOM   995  O  OP1   . U   C 3 4  ? 6.432   16.942  11.512  1.00 63.60  ? 34  U   C OP1   1 
ATOM   996  O  OP2   . U   C 3 4  ? 4.258   16.357  10.257  1.00 57.36  ? 34  U   C OP2   1 
ATOM   997  O  "O5'" . U   C 3 4  ? 4.773   15.354  12.481  1.00 59.79  ? 34  U   C "O5'" 1 
ATOM   998  C  "C5'" . U   C 3 4  ? 5.504   15.279  13.683  1.00 56.65  ? 34  U   C "C5'" 1 
ATOM   999  C  "C4'" . U   C 3 4  ? 5.029   14.135  14.532  1.00 61.55  ? 34  U   C "C4'" 1 
ATOM   1000 O  "O4'" . U   C 3 4  ? 3.608   14.266  14.754  1.00 58.97  ? 34  U   C "O4'" 1 
ATOM   1001 C  "C3'" . U   C 3 4  ? 5.155   12.771  13.897  1.00 60.53  ? 34  U   C "C3'" 1 
ATOM   1002 O  "O3'" . U   C 3 4  ? 6.462   12.264  14.073  1.00 64.05  ? 34  U   C "O3'" 1 
ATOM   1003 C  "C2'" . U   C 3 4  ? 4.140   11.982  14.693  1.00 61.18  ? 34  U   C "C2'" 1 
ATOM   1004 O  "O2'" . U   C 3 4  ? 4.566   11.720  15.997  1.00 63.26  ? 34  U   C "O2'" 1 
ATOM   1005 C  "C1'" . U   C 3 4  ? 3.029   12.993  14.849  1.00 61.57  ? 34  U   C "C1'" 1 
ATOM   1006 N  N1    . U   C 3 4  ? 2.015   12.817  13.817  1.00 61.33  ? 34  U   C N1    1 
ATOM   1007 C  C2    . U   C 3 4  ? 1.173   11.778  14.020  1.00 62.68  ? 34  U   C C2    1 
ATOM   1008 O  O2    . U   C 3 4  ? 1.327   10.995  14.941  1.00 64.48  ? 34  U   C O2    1 
ATOM   1009 N  N3    . U   C 3 4  ? 0.165   11.663  13.111  1.00 60.85  ? 34  U   C N3    1 
ATOM   1010 C  C4    . U   C 3 4  ? -0.050  12.461  12.032  1.00 59.66  ? 34  U   C C4    1 
ATOM   1011 O  O4    . U   C 3 4  ? -1.062  12.296  11.368  1.00 59.07  ? 34  U   C O4    1 
ATOM   1012 C  C5    . U   C 3 4  ? 0.915   13.490  11.846  1.00 58.90  ? 34  U   C C5    1 
ATOM   1013 C  C6    . U   C 3 4  ? 1.888   13.637  12.732  1.00 62.17  ? 34  U   C C6    1 
ATOM   1014 P  P     . G   C 3 5  ? 6.990   11.086  13.128  1.00 65.11  ? 35  G   C P     1 
ATOM   1015 O  OP1   . G   C 3 5  ? 8.428   10.862  13.415  1.00 68.61  ? 35  G   C OP1   1 
ATOM   1016 O  OP2   . G   C 3 5  ? 6.538   11.351  11.744  1.00 65.46  ? 35  G   C OP2   1 
ATOM   1017 O  "O5'" . G   C 3 5  ? 6.183   9.804   13.605  1.00 65.41  ? 35  G   C "O5'" 1 
ATOM   1018 C  "C5'" . G   C 3 5  ? 6.278   9.312   14.936  1.00 61.88  ? 35  G   C "C5'" 1 
ATOM   1019 C  "C4'" . G   C 3 5  ? 5.394   8.107   15.123  1.00 62.00  ? 35  G   C "C4'" 1 
ATOM   1020 O  "O4'" . G   C 3 5  ? 4.000   8.497   15.058  1.00 58.88  ? 35  G   C "O4'" 1 
ATOM   1021 C  "C3'" . G   C 3 5  ? 5.520   7.017   14.078  1.00 59.59  ? 35  G   C "C3'" 1 
ATOM   1022 O  "O3'" . G   C 3 5  ? 6.593   6.143   14.449  1.00 64.43  ? 35  G   C "O3'" 1 
ATOM   1023 C  "C2'" . G   C 3 5  ? 4.173   6.314   14.220  1.00 60.63  ? 35  G   C "C2'" 1 
ATOM   1024 O  "O2'" . G   C 3 5  ? 4.124   5.567   15.413  1.00 60.44  ? 35  G   C "O2'" 1 
ATOM   1025 C  "C1'" . G   C 3 5  ? 3.230   7.478   14.462  1.00 58.21  ? 35  G   C "C1'" 1 
ATOM   1026 N  N9    . G   C 3 5  ? 2.580   8.024   13.279  1.00 59.89  ? 35  G   C N9    1 
ATOM   1027 C  C8    . G   C 3 5  ? 3.039   9.060   12.504  1.00 58.84  ? 35  G   C C8    1 
ATOM   1028 N  N7    . G   C 3 5  ? 2.209   9.403   11.558  1.00 59.25  ? 35  G   C N7    1 
ATOM   1029 C  C5    . G   C 3 5  ? 1.138   8.535   11.717  1.00 57.79  ? 35  G   C C5    1 
ATOM   1030 C  C6    . G   C 3 5  ? -0.076  8.450   11.001  1.00 58.18  ? 35  G   C C6    1 
ATOM   1031 O  O6    . G   C 3 5  ? -0.477  9.172   10.106  1.00 59.79  ? 35  G   C O6    1 
ATOM   1032 N  N1    . G   C 3 5  ? -0.867  7.393   11.446  1.00 55.80  ? 35  G   C N1    1 
ATOM   1033 C  C2    . G   C 3 5  ? -0.545  6.540   12.467  1.00 54.44  ? 35  G   C C2    1 
ATOM   1034 N  N2    . G   C 3 5  ? -1.433  5.579   12.703  1.00 56.21  ? 35  G   C N2    1 
ATOM   1035 N  N3    . G   C 3 5  ? 0.572   6.629   13.189  1.00 58.94  ? 35  G   C N3    1 
ATOM   1036 C  C4    . G   C 3 5  ? 1.368   7.649   12.752  1.00 57.97  ? 35  G   C C4    1 
ATOM   1037 P  P     . G   C 3 6  ? 7.322   5.205   13.360  1.00 67.94  ? 36  G   C P     1 
ATOM   1038 O  OP1   . G   C 3 6  ? 8.522   4.667   14.030  1.00 71.07  ? 36  G   C OP1   1 
ATOM   1039 O  OP2   . G   C 3 6  ? 7.467   5.944   12.095  1.00 67.83  ? 36  G   C OP2   1 
ATOM   1040 O  "O5'" . G   C 3 6  ? 6.326   3.975   13.187  1.00 64.02  ? 36  G   C "O5'" 1 
ATOM   1041 C  "C5'" . G   C 3 6  ? 6.008   3.126   14.296  1.00 62.38  ? 36  G   C "C5'" 1 
ATOM   1042 C  "C4'" . G   C 3 6  ? 4.906   2.169   13.924  1.00 64.22  ? 36  G   C "C4'" 1 
ATOM   1043 O  "O4'" . G   C 3 6  ? 3.811   2.879   13.310  1.00 59.49  ? 36  G   C "O4'" 1 
ATOM   1044 C  "C3'" . G   C 3 6  ? 5.393   1.169   12.882  1.00 61.68  ? 36  G   C "C3'" 1 
ATOM   1045 O  "O3'" . G   C 3 6  ? 4.661   -0.038  13.166  1.00 65.05  ? 36  G   C "O3'" 1 
ATOM   1046 C  "C2'" . G   C 3 6  ? 4.976   1.777   11.546  1.00 61.51  ? 36  G   C "C2'" 1 
ATOM   1047 O  "O2'" . G   C 3 6  ? 4.657   0.845   10.547  1.00 63.93  ? 36  G   C "O2'" 1 
ATOM   1048 C  "C1'" . G   C 3 6  ? 3.713   2.534   11.957  1.00 59.32  ? 36  G   C "C1'" 1 
ATOM   1049 N  N9    . G   C 3 6  ? 3.273   3.686   11.196  1.00 53.63  ? 36  G   C N9    1 
ATOM   1050 C  C8    . G   C 3 6  ? 4.027   4.739   10.761  1.00 55.26  ? 36  G   C C8    1 
ATOM   1051 N  N7    . G   C 3 6  ? 3.342   5.599   10.065  1.00 56.38  ? 36  G   C N7    1 
ATOM   1052 C  C5    . G   C 3 6  ? 2.061   5.080   10.044  1.00 55.25  ? 36  G   C C5    1 
ATOM   1053 C  C6    . G   C 3 6  ? 0.906   5.551   9.413   1.00 56.57  ? 36  G   C C6    1 
ATOM   1054 O  O6    . G   C 3 6  ? 0.783   6.549   8.696   1.00 61.27  ? 36  G   C O6    1 
ATOM   1055 N  N1    . G   C 3 6  ? -0.192  4.727   9.654   1.00 53.96  ? 36  G   C N1    1 
ATOM   1056 C  C2    . G   C 3 6  ? -0.170  3.580   10.395  1.00 54.09  ? 36  G   C C2    1 
ATOM   1057 N  N2    . G   C 3 6  ? -1.342  2.935   10.505  1.00 51.48  ? 36  G   C N2    1 
ATOM   1058 N  N3    . G   C 3 6  ? 0.922   3.110   10.979  1.00 52.34  ? 36  G   C N3    1 
ATOM   1059 C  C4    . G   C 3 6  ? 1.997   3.910   10.761  1.00 52.55  ? 36  G   C C4    1 
ATOM   1060 P  P     . U   C 3 7  ? 5.354   -1.494  13.122  1.00 67.03  ? 37  U   C P     1 
ATOM   1061 O  OP1   . U   C 3 7  ? 4.577   -2.311  14.090  1.00 63.01  ? 37  U   C OP1   1 
ATOM   1062 O  OP2   . U   C 3 7  ? 6.823   -1.323  13.293  1.00 61.85  ? 37  U   C OP2   1 
ATOM   1063 O  "O5'" . U   C 3 7  ? 5.052   -2.033  11.646  1.00 69.04  ? 37  U   C "O5'" 1 
ATOM   1064 C  "C5'" . U   C 3 7  ? 4.977   -3.428  11.366  1.00 67.72  ? 37  U   C "C5'" 1 
ATOM   1065 C  "C4'" . U   C 3 7  ? 3.792   -3.736  10.464  1.00 68.13  ? 37  U   C "C4'" 1 
ATOM   1066 O  "O4'" . U   C 3 7  ? 2.534   -3.420  11.144  1.00 70.31  ? 37  U   C "O4'" 1 
ATOM   1067 C  "C3'" . U   C 3 7  ? 3.828   -2.820  9.227   1.00 65.88  ? 37  U   C "C3'" 1 
ATOM   1068 O  "O3'" . U   C 3 7  ? 3.472   -3.495  8.017   1.00 62.09  ? 37  U   C "O3'" 1 
ATOM   1069 C  "C2'" . U   C 3 7  ? 2.859   -1.677  9.529   1.00 68.97  ? 37  U   C "C2'" 1 
ATOM   1070 O  "O2'" . U   C 3 7  ? 2.124   -1.195  8.424   1.00 72.55  ? 37  U   C "O2'" 1 
ATOM   1071 C  "C1'" . U   C 3 7  ? 1.873   -2.383  10.448  1.00 68.94  ? 37  U   C "C1'" 1 
ATOM   1072 N  N1    . U   C 3 7  ? 1.094   -1.507  11.312  1.00 68.76  ? 37  U   C N1    1 
ATOM   1073 C  C2    . U   C 3 7  ? -0.223  -1.264  10.895  1.00 69.50  ? 37  U   C C2    1 
ATOM   1074 O  O2    . U   C 3 7  ? -0.733  -1.776  9.920   1.00 69.58  ? 37  U   C O2    1 
ATOM   1075 N  N3    . U   C 3 7  ? -0.917  -0.400  11.707  1.00 70.50  ? 37  U   C N3    1 
ATOM   1076 C  C4    . U   C 3 7  ? -0.433  0.220   12.848  1.00 72.30  ? 37  U   C C4    1 
ATOM   1077 O  O4    . U   C 3 7  ? -1.158  0.965   13.502  1.00 72.90  ? 37  U   C O4    1 
ATOM   1078 C  C5    . U   C 3 7  ? 0.924   -0.088  13.183  1.00 71.73  ? 37  U   C C5    1 
ATOM   1079 C  C6    . U   C 3 7  ? 1.624   -0.919  12.409  1.00 69.86  ? 37  U   C C6    1 
HETATM 1080 P  P     . N6G C 3 8  ? 4.549   -3.778  6.874   1.00 60.78  ? 38  N6G C P     1 
HETATM 1081 O  OP1   . N6G C 3 8  ? 3.748   -4.479  5.830   1.00 58.72  ? 38  N6G C OP1   1 
HETATM 1082 O  OP2   . N6G C 3 8  ? 5.722   -4.441  7.494   1.00 65.95  ? 38  N6G C OP2   1 
HETATM 1083 O  "O5'" . N6G C 3 8  ? 5.017   -2.338  6.363   1.00 61.01  ? 38  N6G C "O5'" 1 
HETATM 1084 C  "C5'" . N6G C 3 8  ? 4.220   -1.579  5.452   1.00 51.53  ? 38  N6G C "C5'" 1 
HETATM 1085 C  "C4'" . N6G C 3 8  ? 4.845   -0.219  5.216   1.00 57.23  ? 38  N6G C "C4'" 1 
HETATM 1086 O  "O4'" . N6G C 3 8  ? 4.175   0.433   4.137   1.00 53.84  ? 38  N6G C "O4'" 1 
HETATM 1087 C  "C1'" . N6G C 3 8  ? 3.468   1.538   4.605   1.00 55.54  ? 38  N6G C "C1'" 1 
HETATM 1088 N  N9    . N6G C 3 8  ? 2.274   1.703   3.796   1.00 52.66  ? 38  N6G C N9    1 
HETATM 1089 C  C4    . N6G C 3 8  ? 1.275   0.786   3.689   1.00 52.56  ? 38  N6G C C4    1 
HETATM 1090 N  N3    . N6G C 3 8  ? 1.224   -0.422  4.281   1.00 56.15  ? 38  N6G C N3    1 
HETATM 1091 C  C2    . N6G C 3 8  ? 0.120   -1.057  3.959   1.00 55.33  ? 38  N6G C C2    1 
HETATM 1092 N  N2    . N6G C 3 8  ? 0.008   -2.293  4.474   1.00 57.05  ? 38  N6G C N2    1 
HETATM 1093 N  N1    . N6G C 3 8  ? -0.914  -0.625  3.169   1.00 58.94  ? 38  N6G C N1    1 
HETATM 1094 C  C6    . N6G C 3 8  ? -0.831  0.608   2.597   1.00 55.27  ? 38  N6G C C6    1 
HETATM 1095 N  N6    . N6G C 3 8  ? -1.835  1.030   1.830   1.00 53.62  ? 38  N6G C N6    1 
HETATM 1096 C  C5    . N6G C 3 8  ? 0.331   1.359   2.848   1.00 52.06  ? 38  N6G C C5    1 
HETATM 1097 N  N7    . N6G C 3 8  ? 0.756   2.612   2.413   1.00 52.48  ? 38  N6G C N7    1 
HETATM 1098 C  C8    . N6G C 3 8  ? 1.909   2.769   3.001   1.00 49.15  ? 38  N6G C C8    1 
HETATM 1099 C  "C2'" . N6G C 3 8  ? 3.384   1.455   6.128   1.00 55.98  ? 38  N6G C "C2'" 1 
HETATM 1100 O  "O2'" . N6G C 3 8  ? 3.336   2.765   6.655   1.00 60.03  ? 38  N6G C "O2'" 1 
HETATM 1101 C  "C3'" . N6G C 3 8  ? 4.667   0.680   6.419   1.00 54.98  ? 38  N6G C "C3'" 1 
HETATM 1102 O  "O3'" . N6G C 3 8  ? 5.770   1.604   6.449   1.00 61.13  ? 38  N6G C "O3'" 1 
ATOM   1103 P  P     . C   C 3 9  ? 7.027   1.401   7.427   1.00 63.34  ? 39  C   C P     1 
ATOM   1104 O  OP1   . C   C 3 9  ? 6.527   0.982   8.768   1.00 64.89  ? 39  C   C OP1   1 
ATOM   1105 O  OP2   . C   C 3 9  ? 7.834   2.654   7.304   1.00 62.72  ? 39  C   C OP2   1 
ATOM   1106 O  "O5'" . C   C 3 9  ? 7.852   0.180   6.799   1.00 64.95  ? 39  C   C "O5'" 1 
ATOM   1107 C  "C5'" . C   C 3 9  ? 8.652   0.286   5.606   1.00 65.84  ? 39  C   C "C5'" 1 
ATOM   1108 C  "C4'" . C   C 3 9  ? 9.419   -1.017  5.381   1.00 70.11  ? 39  C   C "C4'" 1 
ATOM   1109 O  "O4'" . C   C 3 9  ? 10.028  -1.435  6.634   1.00 72.95  ? 39  C   C "O4'" 1 
ATOM   1110 C  "C3'" . C   C 3 9  ? 8.471   -2.162  4.985   1.00 70.08  ? 39  C   C "C3'" 1 
ATOM   1111 O  "O3'" . C   C 3 9  ? 9.102   -3.124  4.140   1.00 66.69  ? 39  C   C "O3'" 1 
ATOM   1112 C  "C2'" . C   C 3 9  ? 8.154   -2.903  6.280   1.00 70.33  ? 39  C   C "C2'" 1 
ATOM   1113 O  "O2'" . C   C 3 9  ? 8.010   -4.298  6.108   1.00 73.19  ? 39  C   C "O2'" 1 
ATOM   1114 C  "C1'" . C   C 3 9  ? 9.433   -2.641  7.068   1.00 70.71  ? 39  C   C "C1'" 1 
ATOM   1115 N  N1    . C   C 3 9  ? 9.344   -2.710  8.519   1.00 75.50  ? 39  C   C N1    1 
ATOM   1116 C  C2    . C   C 3 9  ? 10.014  -3.730  9.119   1.00 77.90  ? 39  C   C C2    1 
ATOM   1117 O  O2    . C   C 3 9  ? 10.770  -4.432  8.434   1.00 77.55  ? 39  C   C O2    1 
ATOM   1118 N  N3    . C   C 3 9  ? 9.835   -3.926  10.445  1.00 77.85  ? 39  C   C N3    1 
ATOM   1119 C  C4    . C   C 3 9  ? 9.048   -3.121  11.163  1.00 77.87  ? 39  C   C C4    1 
ATOM   1120 N  N4    . C   C 3 9  ? 8.951   -3.370  12.466  1.00 75.27  ? 39  C   C N4    1 
ATOM   1121 C  C5    . C   C 3 9  ? 8.370   -2.029  10.565  1.00 76.62  ? 39  C   C C5    1 
ATOM   1122 C  C6    . C   C 3 9  ? 8.536   -1.870  9.229   1.00 75.81  ? 39  C   C C6    1 
ATOM   1123 P  P     . A   C 3 10 ? 9.222   -2.925  2.561   1.00 71.65  ? 40  A   C P     1 
ATOM   1124 O  OP1   . A   C 3 10 ? 9.867   -4.226  2.188   1.00 68.74  ? 40  A   C OP1   1 
ATOM   1125 O  OP2   . A   C 3 10 ? 9.861   -1.638  2.169   1.00 63.59  ? 40  A   C OP2   1 
ATOM   1126 O  "O5'" . A   C 3 10 ? 7.716   -2.934  2.069   1.00 65.16  ? 40  A   C "O5'" 1 
ATOM   1127 C  "C5'" . A   C 3 10 ? 6.811   -3.929  2.498   1.00 62.62  ? 40  A   C "C5'" 1 
ATOM   1128 C  "C4'" . A   C 3 10 ? 5.440   -3.543  2.047   1.00 66.21  ? 40  A   C "C4'" 1 
ATOM   1129 O  "O4'" . A   C 3 10 ? 5.126   -2.278  2.644   1.00 60.81  ? 40  A   C "O4'" 1 
ATOM   1130 C  "C3'" . A   C 3 10 ? 5.342   -3.257  0.559   1.00 60.86  ? 40  A   C "C3'" 1 
ATOM   1131 O  "O3'" . A   C 3 10 ? 5.082   -4.451  -0.170  1.00 64.41  ? 40  A   C "O3'" 1 
ATOM   1132 C  "C2'" . A   C 3 10 ? 4.148   -2.328  0.498   1.00 60.60  ? 40  A   C "C2'" 1 
ATOM   1133 O  "O2'" . A   C 3 10 ? 2.938   -3.028  0.640   1.00 60.38  ? 40  A   C "O2'" 1 
ATOM   1134 C  "C1'" . A   C 3 10 ? 4.368   -1.500  1.755   1.00 59.65  ? 40  A   C "C1'" 1 
ATOM   1135 N  N9    . A   C 3 10 ? 5.048   -0.230  1.557   1.00 57.75  ? 40  A   C N9    1 
ATOM   1136 C  C8    . A   C 3 10 ? 6.309   0.147   1.930   1.00 60.05  ? 40  A   C C8    1 
ATOM   1137 N  N7    . A   C 3 10 ? 6.569   1.401   1.688   1.00 57.92  ? 40  A   C N7    1 
ATOM   1138 C  C5    . A   C 3 10 ? 5.408   1.871   1.088   1.00 55.91  ? 40  A   C C5    1 
ATOM   1139 C  C6    . A   C 3 10 ? 5.039   3.125   0.589   1.00 55.36  ? 40  A   C C6    1 
ATOM   1140 N  N6    . A   C 3 10 ? 5.841   4.188   0.595   1.00 57.33  ? 40  A   C N6    1 
ATOM   1141 N  N1    . A   C 3 10 ? 3.805   3.256   0.074   1.00 56.89  ? 40  A   C N1    1 
ATOM   1142 C  C2    . A   C 3 10 ? 3.017   2.189   0.041   1.00 57.33  ? 40  A   C C2    1 
ATOM   1143 N  N3    . A   C 3 10 ? 3.253   0.964   0.454   1.00 56.72  ? 40  A   C N3    1 
ATOM   1144 C  C4    . A   C 3 10 ? 4.479   0.871   0.985   1.00 56.09  ? 40  A   C C4    1 
ATOM   1145 P  P     . U   C 3 11 ? 5.805   -4.708  -1.568  1.00 61.61  ? 41  U   C P     1 
ATOM   1146 O  OP1   . U   C 3 11 ? 5.219   -5.984  -2.030  1.00 66.64  ? 41  U   C OP1   1 
ATOM   1147 O  OP2   . U   C 3 11 ? 7.276   -4.554  -1.451  1.00 60.27  ? 41  U   C OP2   1 
ATOM   1148 O  "O5'" . U   C 3 11 ? 5.274   -3.548  -2.508  1.00 60.01  ? 41  U   C "O5'" 1 
ATOM   1149 C  "C5'" . U   C 3 11 ? 3.905   -3.459  -2.795  1.00 53.13  ? 41  U   C "C5'" 1 
ATOM   1150 C  "C4'" . U   C 3 11 ? 3.595   -2.208  -3.576  1.00 57.68  ? 41  U   C "C4'" 1 
ATOM   1151 O  "O4'" . U   C 3 11 ? 4.043   -1.027  -2.868  1.00 54.77  ? 41  U   C "O4'" 1 
ATOM   1152 C  "C3'" . U   C 3 11 ? 4.345   -2.199  -4.902  1.00 53.74  ? 41  U   C "C3'" 1 
ATOM   1153 O  "O3'" . U   C 3 11 ? 3.411   -1.713  -5.862  1.00 56.76  ? 41  U   C "O3'" 1 
ATOM   1154 C  "C2'" . U   C 3 11 ? 5.569   -1.317  -4.672  1.00 56.77  ? 41  U   C "C2'" 1 
ATOM   1155 O  "O2'" . U   C 3 11 ? 5.969   -0.522  -5.770  1.00 54.60  ? 41  U   C "O2'" 1 
ATOM   1156 C  "C1'" . U   C 3 11 ? 5.019   -0.376  -3.618  1.00 57.11  ? 41  U   C "C1'" 1 
ATOM   1157 N  N1    . U   C 3 11 ? 5.944   0.380   -2.781  1.00 54.47  ? 41  U   C N1    1 
ATOM   1158 C  C2    . U   C 3 11 ? 5.956   1.752   -2.965  1.00 58.61  ? 41  U   C C2    1 
ATOM   1159 O  O2    . U   C 3 11 ? 5.185   2.321   -3.706  1.00 58.53  ? 41  U   C O2    1 
ATOM   1160 N  N3    . U   C 3 11 ? 6.917   2.421   -2.247  1.00 53.41  ? 41  U   C N3    1 
ATOM   1161 C  C4    . U   C 3 11 ? 7.848   1.860   -1.372  1.00 60.70  ? 41  U   C C4    1 
ATOM   1162 O  O4    . U   C 3 11 ? 8.756   2.562   -0.895  1.00 61.28  ? 41  U   C O4    1 
ATOM   1163 C  C5    . U   C 3 11 ? 7.733   0.442   -1.209  1.00 58.02  ? 41  U   C C5    1 
ATOM   1164 C  C6    . U   C 3 11 ? 6.805   -0.233  -1.895  1.00 56.24  ? 41  U   C C6    1 
ATOM   1165 P  P     . U   C 3 12 ? 3.631   -1.908  -7.435  1.00 56.83  ? 42  U   C P     1 
ATOM   1166 O  OP1   . U   C 3 12 ? 2.800   -3.059  -7.804  1.00 50.64  ? 42  U   C OP1   1 
ATOM   1167 O  OP2   . U   C 3 12 ? 5.058   -1.886  -7.807  1.00 54.20  ? 42  U   C OP2   1 
ATOM   1168 O  "O5'" . U   C 3 12 ? 2.893   -0.624  -7.992  1.00 53.16  ? 42  U   C "O5'" 1 
ATOM   1169 C  "C5'" . U   C 3 12 ? 2.958   -0.244  -9.342  1.00 56.08  ? 42  U   C "C5'" 1 
ATOM   1170 C  "C4'" . U   C 3 12 ? 3.365   1.201   -9.436  1.00 58.84  ? 42  U   C "C4'" 1 
ATOM   1171 O  "O4'" . U   C 3 12 ? 2.500   2.007   -8.606  1.00 53.91  ? 42  U   C "O4'" 1 
ATOM   1172 C  "C3'" . U   C 3 12 ? 4.761   1.365   -8.842  1.00 59.10  ? 42  U   C "C3'" 1 
ATOM   1173 O  "O3'" . U   C 3 12 ? 5.379   2.453   -9.491  1.00 66.34  ? 42  U   C "O3'" 1 
ATOM   1174 C  "C2'" . U   C 3 12 ? 4.534   1.813   -7.410  1.00 58.41  ? 42  U   C "C2'" 1 
ATOM   1175 O  "O2'" . U   C 3 12 ? 5.462   2.754   -6.977  1.00 62.25  ? 42  U   C "O2'" 1 
ATOM   1176 C  "C1'" . U   C 3 12 ? 3.239   2.574   -7.556  1.00 56.69  ? 42  U   C "C1'" 1 
ATOM   1177 N  N1    . U   C 3 12 ? 2.429   2.763   -6.359  1.00 57.84  ? 42  U   C N1    1 
ATOM   1178 C  C2    . U   C 3 12 ? 2.267   4.045   -5.899  1.00 57.39  ? 42  U   C C2    1 
ATOM   1179 O  O2    . U   C 3 12 ? 2.736   5.013   -6.459  1.00 60.32  ? 42  U   C O2    1 
ATOM   1180 N  N3    . U   C 3 12 ? 1.523   4.160   -4.762  1.00 55.06  ? 42  U   C N3    1 
ATOM   1181 C  C4    . U   C 3 12 ? 0.919   3.157   -4.064  1.00 57.17  ? 42  U   C C4    1 
ATOM   1182 O  O4    . U   C 3 12 ? 0.155   3.438   -3.141  1.00 59.74  ? 42  U   C O4    1 
ATOM   1183 C  C5    . U   C 3 12 ? 1.137   1.856   -4.603  1.00 60.19  ? 42  U   C C5    1 
ATOM   1184 C  C6    . U   C 3 12 ? 1.858   1.713   -5.705  1.00 57.82  ? 42  U   C C6    1 
ATOM   1185 P  P     . A   C 3 13 ? 6.665   2.282   -10.407 1.00 67.17  ? 43  A   C P     1 
ATOM   1186 O  OP1   . A   C 3 13 ? 6.272   1.547   -11.600 1.00 67.09  ? 43  A   C OP1   1 
ATOM   1187 O  OP2   . A   C 3 13 ? 7.844   1.827   -9.592  1.00 64.65  ? 43  A   C OP2   1 
ATOM   1188 O  "O5'" . A   C 3 13 ? 6.846   3.809   -10.811 1.00 65.33  ? 43  A   C "O5'" 1 
ATOM   1189 C  "C5'" . A   C 3 13 ? 5.813   4.490   -11.519 1.00 65.41  ? 43  A   C "C5'" 1 
ATOM   1190 C  "C4'" . A   C 3 13 ? 5.782   5.955   -11.154 1.00 66.67  ? 43  A   C "C4'" 1 
ATOM   1191 O  "O4'" . A   C 3 13 ? 5.428   6.090   -9.763  1.00 68.24  ? 43  A   C "O4'" 1 
ATOM   1192 C  "C3'" . A   C 3 13 ? 7.070   6.742   -11.309 1.00 70.41  ? 43  A   C "C3'" 1 
ATOM   1193 O  "O3'" . A   C 3 13 ? 7.162   7.251   -12.625 1.00 73.40  ? 43  A   C "O3'" 1 
ATOM   1194 C  "C2'" . A   C 3 13 ? 6.884   7.872   -10.304 1.00 68.75  ? 43  A   C "C2'" 1 
ATOM   1195 O  "O2'" . A   C 3 13 ? 6.063   8.920   -10.762 1.00 63.12  ? 43  A   C "O2'" 1 
ATOM   1196 C  "C1'" . A   C 3 13 ? 6.174   7.133   -9.173  1.00 65.25  ? 43  A   C "C1'" 1 
ATOM   1197 N  N9    . A   C 3 13 ? 7.077   6.510   -8.215  1.00 64.22  ? 43  A   C N9    1 
ATOM   1198 C  C8    . A   C 3 13 ? 7.079   5.197   -7.826  1.00 62.01  ? 43  A   C C8    1 
ATOM   1199 N  N7    . A   C 3 13 ? 7.955   4.917   -6.890  1.00 63.54  ? 43  A   C N7    1 
ATOM   1200 C  C5    . A   C 3 13 ? 8.580   6.124   -6.659  1.00 63.81  ? 43  A   C C5    1 
ATOM   1201 C  C6    . A   C 3 13 ? 9.601   6.498   -5.773  1.00 64.63  ? 43  A   C C6    1 
ATOM   1202 N  N6    . A   C 3 13 ? 10.176  5.668   -4.901  1.00 62.99  ? 43  A   C N6    1 
ATOM   1203 N  N1    . A   C 3 13 ? 10.015  7.779   -5.809  1.00 64.01  ? 43  A   C N1    1 
ATOM   1204 C  C2    . A   C 3 13 ? 9.416   8.629   -6.682  1.00 64.41  ? 43  A   C C2    1 
ATOM   1205 N  N3    . A   C 3 13 ? 8.432   8.395   -7.552  1.00 65.11  ? 43  A   C N3    1 
ATOM   1206 C  C4    . A   C 3 13 ? 8.060   7.111   -7.488  1.00 65.01  ? 43  A   C C4    1 
ATOM   1207 P  P     . C   C 3 14 ? 8.447   6.922   -13.514 1.00 75.02  ? 44  C   C P     1 
ATOM   1208 O  OP1   . C   C 3 14 ? 8.246   7.728   -14.725 1.00 77.30  ? 44  C   C OP1   1 
ATOM   1209 O  OP2   . C   C 3 14 ? 8.587   5.458   -13.627 1.00 73.76  ? 44  C   C OP2   1 
ATOM   1210 O  "O5'" . C   C 3 14 ? 9.678   7.425   -12.633 1.00 71.85  ? 44  C   C "O5'" 1 
ATOM   1211 C  "C5'" . C   C 3 14 ? 9.968   8.814   -12.438 1.00 73.66  ? 44  C   C "C5'" 1 
ATOM   1212 C  "C4'" . C   C 3 14 ? 11.184  8.980   -11.535 1.00 76.88  ? 44  C   C "C4'" 1 
ATOM   1213 O  "O4'" . C   C 3 14 ? 10.828  8.674   -10.163 1.00 75.37  ? 44  C   C "O4'" 1 
ATOM   1214 C  "C3'" . C   C 3 14 ? 12.365  8.063   -11.823 1.00 78.55  ? 44  C   C "C3'" 1 
ATOM   1215 O  "O3'" . C   C 3 14 ? 13.208  8.540   -12.865 1.00 82.14  ? 44  C   C "O3'" 1 
ATOM   1216 C  "C2'" . C   C 3 14 ? 13.091  8.009   -10.483 1.00 78.79  ? 44  C   C "C2'" 1 
ATOM   1217 O  "O2'" . C   C 3 14 ? 13.956  9.104   -10.270 1.00 80.53  ? 44  C   C "O2'" 1 
ATOM   1218 C  "C1'" . C   C 3 14 ? 11.911  8.012   -9.509  1.00 74.50  ? 44  C   C "C1'" 1 
ATOM   1219 N  N1    . C   C 3 14 ? 11.467  6.643   -9.196  1.00 74.14  ? 44  C   C N1    1 
ATOM   1220 C  C2    . C   C 3 14 ? 12.143  5.889   -8.211  1.00 75.10  ? 44  C   C C2    1 
ATOM   1221 O  O2    . C   C 3 14 ? 13.112  6.383   -7.606  1.00 78.34  ? 44  C   C O2    1 
ATOM   1222 N  N3    . C   C 3 14 ? 11.716  4.629   -7.953  1.00 72.87  ? 44  C   C N3    1 
ATOM   1223 C  C4    . C   C 3 14 ? 10.680  4.119   -8.628  1.00 71.07  ? 44  C   C C4    1 
ATOM   1224 N  N4    . C   C 3 14 ? 10.311  2.872   -8.353  1.00 71.85  ? 44  C   C N4    1 
ATOM   1225 C  C5    . C   C 3 14 ? 9.980   4.864   -9.619  1.00 68.31  ? 44  C   C C5    1 
ATOM   1226 C  C6    . C   C 3 14 ? 10.399  6.111   -9.866  1.00 69.74  ? 44  C   C C6    1 
ATOM   1227 P  P     . C   C 3 15 ? 14.004  7.484   -13.775 1.00 85.82  ? 45  C   C P     1 
ATOM   1228 O  OP1   . C   C 3 15 ? 14.704  8.242   -14.829 1.00 89.46  ? 45  C   C OP1   1 
ATOM   1229 O  OP2   . C   C 3 15 ? 13.053  6.417   -14.166 1.00 87.78  ? 45  C   C OP2   1 
ATOM   1230 O  "O5'" . C   C 3 15 ? 15.090  6.854   -12.792 1.00 79.29  ? 45  C   C "O5'" 1 
ATOM   1231 C  "C5'" . C   C 3 15 ? 16.098  7.665   -12.240 1.00 75.73  ? 45  C   C "C5'" 1 
ATOM   1232 C  "C4'" . C   C 3 15 ? 17.001  6.864   -11.352 1.00 78.97  ? 45  C   C "C4'" 1 
ATOM   1233 O  "O4'" . C   C 3 15 ? 16.252  6.414   -10.198 1.00 81.06  ? 45  C   C "O4'" 1 
ATOM   1234 C  "C3'" . C   C 3 15 ? 17.548  5.584   -11.954 1.00 80.75  ? 45  C   C "C3'" 1 
ATOM   1235 O  "O3'" . C   C 3 15 ? 18.693  5.801   -12.756 1.00 87.19  ? 45  C   C "O3'" 1 
ATOM   1236 C  "C2'" . C   C 3 15 ? 17.888  4.764   -10.717 1.00 81.60  ? 45  C   C "C2'" 1 
ATOM   1237 O  "O2'" . C   C 3 15 ? 19.139  5.059   -10.125 1.00 79.82  ? 45  C   C "O2'" 1 
ATOM   1238 C  "C1'" . C   C 3 15 ? 16.737  5.141   -9.787  1.00 81.35  ? 45  C   C "C1'" 1 
ATOM   1239 N  N1    . C   C 3 15 ? 15.646  4.162   -9.893  1.00 81.65  ? 45  C   C N1    1 
ATOM   1240 C  C2    . C   C 3 15 ? 15.748  2.972   -9.174  1.00 80.59  ? 45  C   C C2    1 
ATOM   1241 O  O2    . C   C 3 15 ? 16.746  2.784   -8.450  1.00 81.30  ? 45  C   C O2    1 
ATOM   1242 N  N3    . C   C 3 15 ? 14.756  2.061   -9.284  1.00 79.70  ? 45  C   C N3    1 
ATOM   1243 C  C4    . C   C 3 15 ? 13.692  2.321   -10.059 1.00 79.48  ? 45  C   C C4    1 
ATOM   1244 N  N4    . C   C 3 15 ? 12.723  1.414   -10.119 1.00 77.72  ? 45  C   C N4    1 
ATOM   1245 C  C5    . C   C 3 15 ? 13.572  3.522   -10.799 1.00 79.33  ? 45  C   C C5    1 
ATOM   1246 C  C6    . C   C 3 15 ? 14.558  4.408   -10.688 1.00 81.42  ? 45  C   C C6    1 
ATOM   1247 P  P     . U   C 3 16 ? 19.045  4.765   -13.928 1.00 86.95  ? 46  U   C P     1 
ATOM   1248 O  OP1   . U   C 3 16 ? 20.220  5.309   -14.641 1.00 91.78  ? 46  U   C OP1   1 
ATOM   1249 O  OP2   . U   C 3 16 ? 17.789  4.504   -14.672 1.00 88.06  ? 46  U   C OP2   1 
ATOM   1250 O  "O5'" . U   C 3 16 ? 19.580  3.493   -13.139 1.00 82.74  ? 46  U   C "O5'" 1 
ATOM   1251 C  "C5'" . U   C 3 16 ? 20.768  3.611   -12.384 1.00 77.55  ? 46  U   C "C5'" 1 
ATOM   1252 C  "C4'" . U   C 3 16 ? 21.136  2.302   -11.749 1.00 78.67  ? 46  U   C "C4'" 1 
ATOM   1253 O  "O4'" . U   C 3 16 ? 20.116  1.955   -10.777 1.00 80.10  ? 46  U   C "O4'" 1 
ATOM   1254 C  "C3'" . U   C 3 16 ? 21.181  1.096   -12.672 1.00 80.14  ? 46  U   C "C3'" 1 
ATOM   1255 O  "O3'" . U   C 3 16 ? 22.371  0.984   -13.441 1.00 80.95  ? 46  U   C "O3'" 1 
ATOM   1256 C  "C2'" . U   C 3 16 ? 21.008  -0.040  -11.678 1.00 79.79  ? 46  U   C "C2'" 1 
ATOM   1257 O  "O2'" . U   C 3 16 ? 22.172  -0.275  -10.911 1.00 79.71  ? 46  U   C "O2'" 1 
ATOM   1258 C  "C1'" . U   C 3 16 ? 19.949  0.548   -10.752 1.00 80.25  ? 46  U   C "C1'" 1 
ATOM   1259 N  N1    . U   C 3 16 ? 18.587  0.209   -11.205 1.00 76.30  ? 46  U   C N1    1 
ATOM   1260 C  C2    . U   C 3 16 ? 18.100  -1.038  -10.860 1.00 74.76  ? 46  U   C C2    1 
ATOM   1261 O  O2    . U   C 3 16 ? 18.779  -1.885  -10.263 1.00 72.34  ? 46  U   C O2    1 
ATOM   1262 N  N3    . U   C 3 16 ? 16.801  -1.266  -11.248 1.00 74.44  ? 46  U   C N3    1 
ATOM   1263 C  C4    . U   C 3 16 ? 15.977  -0.406  -11.947 1.00 76.51  ? 46  U   C C4    1 
ATOM   1264 O  O4    . U   C 3 16 ? 14.798  -0.708  -12.131 1.00 75.16  ? 46  U   C O4    1 
ATOM   1265 C  C5    . U   C 3 16 ? 16.576  0.828   -12.302 1.00 74.51  ? 46  U   C C5    1 
ATOM   1266 C  C6    . U   C 3 16 ? 17.824  1.090   -11.930 1.00 75.74  ? 46  U   C C6    1 
ATOM   1267 P  P     . G   C 3 17 ? 22.325  0.279   -14.891 1.00 82.12  ? 47  G   C P     1 
ATOM   1268 O  OP1   . G   C 3 17 ? 23.615  0.552   -15.544 1.00 86.70  ? 47  G   C OP1   1 
ATOM   1269 O  OP2   . G   C 3 17 ? 21.065  0.666   -15.571 1.00 78.33  ? 47  G   C OP2   1 
ATOM   1270 O  "O5'" . G   C 3 17 ? 22.298  -1.270  -14.537 1.00 76.25  ? 47  G   C "O5'" 1 
ATOM   1271 C  "C5'" . G   C 3 17 ? 23.311  -1.831  -13.707 1.00 72.51  ? 47  G   C "C5'" 1 
ATOM   1272 C  "C4'" . G   C 3 17 ? 22.991  -3.271  -13.382 1.00 75.06  ? 47  G   C "C4'" 1 
ATOM   1273 O  "O4'" . G   C 3 17 ? 21.844  -3.325  -12.501 1.00 77.52  ? 47  G   C "O4'" 1 
ATOM   1274 C  "C3'" . G   C 3 17 ? 22.585  -4.137  -14.563 1.00 75.31  ? 47  G   C "C3'" 1 
ATOM   1275 O  "O3'" . G   C 3 17 ? 23.716  -4.611  -15.267 1.00 75.21  ? 47  G   C "O3'" 1 
ATOM   1276 C  "C2'" . G   C 3 17 ? 21.801  -5.254  -13.887 1.00 76.09  ? 47  G   C "C2'" 1 
ATOM   1277 O  "O2'" . G   C 3 17 ? 22.605  -6.236  -13.255 1.00 77.46  ? 47  G   C "O2'" 1 
ATOM   1278 C  "C1'" . G   C 3 17 ? 21.057  -4.465  -12.815 1.00 74.47  ? 47  G   C "C1'" 1 
ATOM   1279 N  N9    . G   C 3 17 ? 19.741  -4.033  -13.285 1.00 73.24  ? 47  G   C N9    1 
ATOM   1280 C  C8    . G   C 3 17 ? 19.353  -2.781  -13.731 1.00 70.00  ? 47  G   C C8    1 
ATOM   1281 N  N7    . G   C 3 17 ? 18.093  -2.728  -14.076 1.00 68.11  ? 47  G   C N7    1 
ATOM   1282 C  C5    . G   C 3 17 ? 17.623  -4.016  -13.836 1.00 68.33  ? 47  G   C C5    1 
ATOM   1283 C  C6    . G   C 3 17 ? 16.337  -4.572  -14.013 1.00 68.49  ? 47  G   C C6    1 
ATOM   1284 O  O6    . G   C 3 17 ? 15.316  -4.023  -14.425 1.00 69.94  ? 47  G   C O6    1 
ATOM   1285 N  N1    . G   C 3 17 ? 16.306  -5.920  -13.662 1.00 65.55  ? 47  G   C N1    1 
ATOM   1286 C  C2    . G   C 3 17 ? 17.377  -6.648  -13.207 1.00 67.89  ? 47  G   C C2    1 
ATOM   1287 N  N2    . G   C 3 17 ? 17.162  -7.947  -12.944 1.00 66.70  ? 47  G   C N2    1 
ATOM   1288 N  N3    . G   C 3 17 ? 18.579  -6.145  -13.024 1.00 69.22  ? 47  G   C N3    1 
ATOM   1289 C  C4    . G   C 3 17 ? 18.630  -4.831  -13.360 1.00 69.22  ? 47  G   C C4    1 
ATOM   1290 P  P     . C   C 3 18 ? 23.566  -5.077  -16.793 1.00 79.60  ? 48  C   C P     1 
ATOM   1291 O  OP1   . C   C 3 18 ? 24.912  -5.530  -17.189 1.00 82.54  ? 48  C   C OP1   1 
ATOM   1292 O  OP2   . C   C 3 18 ? 22.862  -4.038  -17.612 1.00 72.04  ? 48  C   C OP2   1 
ATOM   1293 O  "O5'" . C   C 3 18 ? 22.641  -6.361  -16.677 1.00 79.51  ? 48  C   C "O5'" 1 
ATOM   1294 C  "C5'" . C   C 3 18 ? 23.121  -7.536  -16.036 1.00 73.18  ? 48  C   C "C5'" 1 
ATOM   1295 C  "C4'" . C   C 3 18 ? 22.126  -8.655  -16.193 1.00 73.63  ? 48  C   C "C4'" 1 
ATOM   1296 O  "O4'" . C   C 3 18 ? 20.964  -8.373  -15.379 1.00 75.58  ? 48  C   C "O4'" 1 
ATOM   1297 C  "C3'" . C   C 3 18 ? 21.559  -8.823  -17.590 1.00 74.17  ? 48  C   C "C3'" 1 
ATOM   1298 O  "O3'" . C   C 3 18 ? 22.378  -9.628  -18.416 1.00 71.57  ? 48  C   C "O3'" 1 
ATOM   1299 C  "C2'" . C   C 3 18 ? 20.253  -9.538  -17.309 1.00 72.29  ? 48  C   C "C2'" 1 
ATOM   1300 O  "O2'" . C   C 3 18 ? 20.438  -10.905 -17.015 1.00 75.30  ? 48  C   C "O2'" 1 
ATOM   1301 C  "C1'" . C   C 3 18 ? 19.799  -8.835  -16.038 1.00 71.20  ? 48  C   C "C1'" 1 
ATOM   1302 N  N1    . C   C 3 18 ? 18.939  -7.694  -16.377 1.00 70.15  ? 48  C   C N1    1 
ATOM   1303 C  C2    . C   C 3 18 ? 17.611  -7.948  -16.688 1.00 67.51  ? 48  C   C C2    1 
ATOM   1304 O  O2    . C   C 3 18 ? 17.201  -9.130  -16.673 1.00 66.94  ? 48  C   C O2    1 
ATOM   1305 N  N3    . C   C 3 18 ? 16.804  -6.919  -17.003 1.00 64.68  ? 48  C   C N3    1 
ATOM   1306 C  C4    . C   C 3 18 ? 17.281  -5.678  -17.029 1.00 66.89  ? 48  C   C C4    1 
ATOM   1307 N  N4    . C   C 3 18 ? 16.443  -4.702  -17.348 1.00 64.83  ? 48  C   C N4    1 
ATOM   1308 C  C5    . C   C 3 18 ? 18.634  -5.389  -16.728 1.00 67.08  ? 48  C   C C5    1 
ATOM   1309 C  C6    . C   C 3 18 ? 19.420  -6.415  -16.402 1.00 68.60  ? 48  C   C C6    1 
ATOM   1310 P  P     . C   C 3 19 ? 22.351  -9.424  -20.013 1.00 71.47  ? 49  C   C P     1 
ATOM   1311 O  OP1   . C   C 3 19 ? 23.394  -10.341 -20.541 1.00 73.20  ? 49  C   C OP1   1 
ATOM   1312 O  OP2   . C   C 3 19 ? 22.373  -7.979  -20.352 1.00 70.88  ? 49  C   C OP2   1 
ATOM   1313 O  "O5'" . C   C 3 19 ? 20.941  -10.007 -20.474 1.00 72.33  ? 49  C   C "O5'" 1 
ATOM   1314 C  "C5'" . C   C 3 19 ? 20.636  -11.391 -20.278 1.00 70.52  ? 49  C   C "C5'" 1 
ATOM   1315 C  "C4'" . C   C 3 19 ? 19.170  -11.670 -20.553 1.00 67.64  ? 49  C   C "C4'" 1 
ATOM   1316 O  "O4'" . C   C 3 19 ? 18.357  -10.925 -19.604 1.00 68.11  ? 49  C   C "O4'" 1 
ATOM   1317 C  "C3'" . C   C 3 19 ? 18.619  -11.253 -21.905 1.00 67.86  ? 49  C   C "C3'" 1 
ATOM   1318 O  "O3'" . C   C 3 19 ? 18.991  -12.017 -23.050 1.00 69.74  ? 49  C   C "O3'" 1 
ATOM   1319 C  "C2'" . C   C 3 19 ? 17.136  -11.167 -21.604 1.00 63.52  ? 49  C   C "C2'" 1 
ATOM   1320 O  "O2'" . C   C 3 19 ? 16.623  -12.460 -21.387 1.00 58.56  ? 49  C   C "O2'" 1 
ATOM   1321 C  "C1'" . C   C 3 19 ? 17.157  -10.508 -20.234 1.00 64.80  ? 49  C   C "C1'" 1 
ATOM   1322 N  N1    . C   C 3 19 ? 17.095  -9.021  -20.278 1.00 63.56  ? 49  C   C N1    1 
ATOM   1323 C  C2    . C   C 3 19 ? 15.848  -8.426  -20.349 1.00 63.02  ? 49  C   C C2    1 
ATOM   1324 O  O2    . C   C 3 19 ? 14.840  -9.139  -20.424 1.00 60.30  ? 49  C   C O2    1 
ATOM   1325 N  N3    . C   C 3 19 ? 15.758  -7.093  -20.342 1.00 63.96  ? 49  C   C N3    1 
ATOM   1326 C  C4    . C   C 3 19 ? 16.843  -6.346  -20.280 1.00 64.39  ? 49  C   C C4    1 
ATOM   1327 N  N4    . C   C 3 19 ? 16.677  -5.019  -20.248 1.00 62.30  ? 49  C   C N4    1 
ATOM   1328 C  C5    . C   C 3 19 ? 18.138  -6.915  -20.239 1.00 64.61  ? 49  C   C C5    1 
ATOM   1329 C  C6    . C   C 3 19 ? 18.217  -8.248  -20.241 1.00 63.71  ? 49  C   C C6    1 
HETATM 1330 S  S     . SO4 D 4 .  ? -10.714 1.001   -10.906 1.00 173.15 ? 103 SO4 A S     1 
HETATM 1331 O  O1    . SO4 D 4 .  ? -10.976 2.117   -9.969  1.00 173.27 ? 103 SO4 A O1    1 
HETATM 1332 O  O2    . SO4 D 4 .  ? -9.291  0.625   -10.812 1.00 173.54 ? 103 SO4 A O2    1 
HETATM 1333 O  O3    . SO4 D 4 .  ? -11.533 -0.168  -10.534 1.00 172.24 ? 103 SO4 A O3    1 
HETATM 1334 O  O4    . SO4 D 4 .  ? -11.025 1.439   -12.283 1.00 173.72 ? 103 SO4 A O4    1 
HETATM 1335 CO CO    . NCO E 5 .  ? -8.246  4.860   -9.378  1.00 177.58 ? 102 NCO B CO    1 
HETATM 1336 N  N1    . NCO E 5 .  ? -10.100 4.822   -10.211 1.00 175.85 ? 102 NCO B N1    1 
HETATM 1337 N  N2    . NCO E 5 .  ? -8.357  6.850   -9.437  1.00 176.08 ? 102 NCO B N2    1 
HETATM 1338 N  N3    . NCO E 5 .  ? -8.927  4.644   -7.502  1.00 175.23 ? 102 NCO B N3    1 
HETATM 1339 N  N4    . NCO E 5 .  ? -7.416  5.010   -11.154 1.00 175.27 ? 102 NCO B N4    1 
HETATM 1340 N  N5    . NCO E 5 .  ? -6.429  4.880   -8.652  1.00 175.65 ? 102 NCO B N5    1 
HETATM 1341 N  N6    . NCO E 5 .  ? -8.190  2.825   -9.422  1.00 176.07 ? 102 NCO B N6    1 
HETATM 1342 CO CO    . NCO F 5 .  ? 11.277  -4.644  -1.393  1.00 92.77  ? 101 NCO C CO    1 
HETATM 1343 N  N1    . NCO F 5 .  ? 12.415  -6.168  -2.159  1.00 92.13  ? 101 NCO C N1    1 
HETATM 1344 N  N2    . NCO F 5 .  ? 12.268  -4.966  0.346   1.00 93.29  ? 101 NCO C N2    1 
HETATM 1345 N  N3    . NCO F 5 .  ? 12.464  -3.190  -2.038  1.00 93.08  ? 101 NCO C N3    1 
HETATM 1346 N  N4    . NCO F 5 .  ? 9.962   -5.979  -0.702  1.00 90.41  ? 101 NCO C N4    1 
HETATM 1347 N  N5    . NCO F 5 .  ? 10.190  -3.205  -0.606  1.00 92.16  ? 101 NCO C N5    1 
HETATM 1348 N  N6    . NCO F 5 .  ? 10.295  -4.455  -3.172  1.00 92.21  ? 101 NCO C N6    1 
HETATM 1349 O  O     . HOH G 6 .  ? -3.325  0.347   -1.939  1.00 54.51  ? 104 HOH A O     1 
HETATM 1350 O  O     . HOH G 6 .  ? -8.978  -3.347  13.503  1.00 88.54  ? 105 HOH A O     1 
HETATM 1351 O  O     . HOH G 6 .  ? -4.125  -7.068  -4.742  1.00 61.97  ? 106 HOH A O     1 
HETATM 1352 O  O     . HOH G 6 .  ? -4.820  -5.158  -7.468  1.00 57.17  ? 107 HOH A O     1 
HETATM 1353 O  O     . HOH G 6 .  ? 3.212   6.340   6.288   1.00 61.26  ? 108 HOH A O     1 
HETATM 1354 O  O     . HOH H 6 .  ? 3.402   6.235   2.264   1.00 61.06  ? 103 HOH B O     1 
HETATM 1355 O  O     . HOH H 6 .  ? 15.935  4.256   -5.352  1.00 78.15  ? 104 HOH B O     1 
HETATM 1356 O  O     . HOH H 6 .  ? -8.462  10.416  18.678  1.00 73.41  ? 105 HOH B O     1 
HETATM 1357 O  O     . HOH H 6 .  ? -0.469  10.319  6.421   1.00 71.78  ? 106 HOH B O     1 
HETATM 1358 O  O     . HOH H 6 .  ? -7.350  10.069  11.334  1.00 71.44  ? 107 HOH B O     1 
HETATM 1359 O  O     . HOH H 6 .  ? -6.989  10.492  6.937   1.00 60.69  ? 108 HOH B O     1 
HETATM 1360 O  O     . HOH H 6 .  ? -11.638 5.015   2.880   1.00 66.16  ? 109 HOH B O     1 
HETATM 1361 O  O     . HOH H 6 .  ? 15.673  -12.220 -11.959 1.00 67.82  ? 110 HOH B O     1 
HETATM 1362 O  O     . HOH H 6 .  ? 12.183  -0.722  -19.149 1.00 63.04  ? 111 HOH B O     1 
HETATM 1363 O  O     . HOH H 6 .  ? -8.009  14.760  19.688  1.00 59.29  ? 112 HOH B O     1 
HETATM 1364 O  O     . HOH H 6 .  ? -8.254  12.026  13.785  1.00 69.97  ? 113 HOH B O     1 
HETATM 1365 O  O     . HOH H 6 .  ? -0.961  6.229   16.748  1.00 74.36  ? 114 HOH B O     1 
HETATM 1366 O  O     . HOH H 6 .  ? -4.217  11.673  7.805   1.00 75.21  ? 115 HOH B O     1 
HETATM 1367 O  O     . HOH H 6 .  ? 1.504   7.106   17.700  1.00 80.06  ? 116 HOH B O     1 
HETATM 1368 O  O     . HOH I 6 .  ? -4.430  0.057   1.898   1.00 55.97  ? 102 HOH C O     1 
HETATM 1369 O  O     . HOH I 6 .  ? 0.324   -2.934  6.957   1.00 61.22  ? 103 HOH C O     1 
HETATM 1370 O  O     . HOH I 6 .  ? 1.614   -4.412  3.399   1.00 72.53  ? 104 HOH C O     1 
HETATM 1371 O  O     . HOH I 6 .  ? -0.734  3.550   15.002  1.00 56.72  ? 105 HOH C O     1 
HETATM 1372 O  O     . HOH I 6 .  ? 10.872  4.169   -13.303 1.00 73.03  ? 106 HOH C O     1 
HETATM 1373 O  O     . HOH I 6 .  ? -7.810  15.074  10.974  1.00 71.58  ? 107 HOH C O     1 
HETATM 1374 O  O     . HOH I 6 .  ? 1.195   11.135  8.458   1.00 71.11  ? 108 HOH C O     1 
HETATM 1375 O  O     . HOH I 6 .  ? 15.285  -1.588  -15.427 1.00 72.79  ? 109 HOH C O     1 
HETATM 1376 O  O     . HOH I 6 .  ? 7.590   13.266  10.268  1.00 78.82  ? 110 HOH C O     1 
HETATM 1377 O  O     . HOH I 6 .  ? -1.811  19.853  4.771   1.00 89.05  ? 111 HOH C O     1 
HETATM 1378 O  O     . HOH I 6 .  ? 17.443  -1.872  -17.737 1.00 69.48  ? 112 HOH C O     1 
HETATM 1379 O  O     . HOH I 6 .  ? 9.694   6.892   -17.475 1.00 92.75  ? 113 HOH C O     1 
HETATM 1380 O  O     . HOH I 6 .  ? 1.548   3.791   15.425  1.00 68.84  ? 114 HOH C O     1 
HETATM 1381 O  O     . HOH I 6 .  ? 20.387  3.232   -7.294  1.00 84.09  ? 115 HOH C O     1 
# 
loop_
_pdbx_poly_seq_scheme.asym_id 
_pdbx_poly_seq_scheme.entity_id 
_pdbx_poly_seq_scheme.seq_id 
_pdbx_poly_seq_scheme.mon_id 
_pdbx_poly_seq_scheme.ndb_seq_num 
_pdbx_poly_seq_scheme.pdb_seq_num 
_pdbx_poly_seq_scheme.auth_seq_num 
_pdbx_poly_seq_scheme.pdb_mon_id 
_pdbx_poly_seq_scheme.auth_mon_id 
_pdbx_poly_seq_scheme.pdb_strand_id 
_pdbx_poly_seq_scheme.pdb_ins_code 
_pdbx_poly_seq_scheme.hetero 
A 1 1  U   1  1  1  U   U   A . n 
A 1 2  C   2  2  2  C   C   A . n 
A 1 3  C   3  3  3  C   C   A . n 
A 1 4  C   4  4  4  C   C   A . n 
A 1 5  A2M 5  5  5  A2M A2M A . n 
A 1 6  G   6  6  6  G   G   A . n 
A 1 7  U   7  7  7  U   U   A . n 
A 1 8  C   8  8  8  C   C   A . n 
A 1 9  C   9  9  9  C   C   A . n 
A 1 10 A   10 10 10 A   A   A . n 
A 1 11 C   11 11 11 C   C   A . n 
A 1 12 C   12 12 12 C   C   A . n 
A 1 13 G   13 13 13 G   G   A . n 
B 2 1  C   1  2  2  C   C   B . n 
B 2 2  G   2  3  3  G   G   B . n 
B 2 3  G   3  4  4  G   G   B . n 
B 2 4  U   4  5  5  U   U   B . n 
B 2 5  G   5  6  6  G   G   B . n 
B 2 6  A   6  7  7  A   A   B . n 
B 2 7  G   7  8  8  G   G   B . n 
B 2 8  A   8  9  9  A   A   B . n 
B 2 9  A   9  10 10 A   A   B . n 
B 2 10 G   10 11 11 G   G   B . n 
B 2 11 G   11 12 12 G   G   B . n 
B 2 12 G   12 13 13 G   G   B . n 
B 2 13 S9L 13 14 14 S9L S9L B . n 
B 2 14 G   14 15 15 G   G   B . n 
B 2 15 G   15 16 16 G   G   B . n 
B 2 16 C   16 17 17 C   C   B . n 
B 2 17 A   17 18 18 A   A   B . n 
B 2 18 G   18 19 19 G   G   B . n 
B 2 19 A   19 20 20 A   A   B . n 
B 2 20 G   20 21 21 G   G   B . n 
B 2 21 A   21 22 22 A   A   B . n 
B 2 22 A   22 23 23 A   A   B . n 
B 2 23 A   23 24 24 A   A   B . n 
B 2 24 C   24 25 25 C   C   B . n 
B 2 25 A   25 26 26 A   A   B . n 
B 2 26 C   26 27 27 C   C   B . n 
B 2 27 A   27 28 28 A   A   B . n 
B 2 28 C   28 29 29 C   C   B . n 
B 2 29 G   29 30 30 G   G   B . n 
B 2 30 A   30 31 31 A   A   B . n 
C 3 1  U   1  31 31 U   U   C . n 
C 3 2  C   2  32 32 C   C   C . n 
C 3 3  G   3  33 33 G   G   C . n 
C 3 4  U   4  34 34 U   U   C . n 
C 3 5  G   5  35 35 G   G   C . n 
C 3 6  G   6  36 36 G   G   C . n 
C 3 7  U   7  37 37 U   U   C . n 
C 3 8  N6G 8  38 38 N6G N6G C . n 
C 3 9  C   9  39 39 C   C   C . n 
C 3 10 A   10 40 40 A   A   C . n 
C 3 11 U   11 41 41 U   U   C . n 
C 3 12 U   12 42 42 U   U   C . n 
C 3 13 A   13 43 43 A   A   C . n 
C 3 14 C   14 44 44 C   C   C . n 
C 3 15 C   15 45 45 C   C   C . n 
C 3 16 U   16 46 46 U   U   C . n 
C 3 17 G   17 47 47 G   G   C . n 
C 3 18 C   18 48 48 C   C   C . n 
C 3 19 C   19 49 49 C   C   C . n 
# 
loop_
_pdbx_nonpoly_scheme.asym_id 
_pdbx_nonpoly_scheme.entity_id 
_pdbx_nonpoly_scheme.mon_id 
_pdbx_nonpoly_scheme.ndb_seq_num 
_pdbx_nonpoly_scheme.pdb_seq_num 
_pdbx_nonpoly_scheme.auth_seq_num 
_pdbx_nonpoly_scheme.pdb_mon_id 
_pdbx_nonpoly_scheme.auth_mon_id 
_pdbx_nonpoly_scheme.pdb_strand_id 
_pdbx_nonpoly_scheme.pdb_ins_code 
D 4 SO4 1  103 103 SO4 SO4 A . 
E 5 NCO 1  102 102 NCO NCO B . 
F 5 NCO 1  101 101 NCO NCO C . 
G 6 HOH 1  104 1   HOH HOH A . 
G 6 HOH 2  105 13  HOH HOH A . 
G 6 HOH 3  106 14  HOH HOH A . 
G 6 HOH 4  107 15  HOH HOH A . 
G 6 HOH 5  108 20  HOH HOH A . 
H 6 HOH 1  103 5   HOH HOH B . 
H 6 HOH 2  104 7   HOH HOH B . 
H 6 HOH 3  105 9   HOH HOH B . 
H 6 HOH 4  106 10  HOH HOH B . 
H 6 HOH 5  107 16  HOH HOH B . 
H 6 HOH 6  108 17  HOH HOH B . 
H 6 HOH 7  109 18  HOH HOH B . 
H 6 HOH 8  110 22  HOH HOH B . 
H 6 HOH 9  111 25  HOH HOH B . 
H 6 HOH 10 112 27  HOH HOH B . 
H 6 HOH 11 113 28  HOH HOH B . 
H 6 HOH 12 114 29  HOH HOH B . 
H 6 HOH 13 115 30  HOH HOH B . 
H 6 HOH 14 116 32  HOH HOH B . 
I 6 HOH 1  102 52  HOH HOH C . 
I 6 HOH 2  103 3   HOH HOH C . 
I 6 HOH 3  104 4   HOH HOH C . 
I 6 HOH 4  105 6   HOH HOH C . 
I 6 HOH 5  106 8   HOH HOH C . 
I 6 HOH 6  107 11  HOH HOH C . 
I 6 HOH 7  108 12  HOH HOH C . 
I 6 HOH 8  109 19  HOH HOH C . 
I 6 HOH 9  110 21  HOH HOH C . 
I 6 HOH 10 111 23  HOH HOH C . 
I 6 HOH 11 112 24  HOH HOH C . 
I 6 HOH 12 113 26  HOH HOH C . 
I 6 HOH 13 114 31  HOH HOH C . 
I 6 HOH 14 115 33  HOH HOH C . 
# 
loop_
_pdbx_struct_mod_residue.id 
_pdbx_struct_mod_residue.label_asym_id 
_pdbx_struct_mod_residue.label_comp_id 
_pdbx_struct_mod_residue.label_seq_id 
_pdbx_struct_mod_residue.auth_asym_id 
_pdbx_struct_mod_residue.auth_comp_id 
_pdbx_struct_mod_residue.auth_seq_id 
_pdbx_struct_mod_residue.PDB_ins_code 
_pdbx_struct_mod_residue.parent_comp_id 
_pdbx_struct_mod_residue.details 
1 A A2M 5 A A2M 5  ? A "2'-O-METHYL-ADENOSINE-5'-MONOPHOSPHATE" 
2 C N6G 8 C N6G 38 ? G ?                                        
# 
_pdbx_struct_assembly.id                   1 
_pdbx_struct_assembly.details              author_and_software_defined_assembly 
_pdbx_struct_assembly.method_details       PISA 
_pdbx_struct_assembly.oligomeric_details   trimeric 
_pdbx_struct_assembly.oligomeric_count     3 
# 
_pdbx_struct_assembly_gen.assembly_id       1 
_pdbx_struct_assembly_gen.oper_expression   1 
_pdbx_struct_assembly_gen.asym_id_list      A,B,C,D,E,F,G,H,I 
# 
loop_
_pdbx_struct_assembly_prop.biol_id 
_pdbx_struct_assembly_prop.type 
_pdbx_struct_assembly_prop.value 
_pdbx_struct_assembly_prop.details 
1 'ABSA (A^2)' 6710 ? 
1 MORE         -31  ? 
1 'SSA (A^2)'  9140 ? 
# 
_pdbx_struct_oper_list.id                   1 
_pdbx_struct_oper_list.type                 'identity operation' 
_pdbx_struct_oper_list.name                 1_555 
_pdbx_struct_oper_list.symmetry_operation   x,y,z 
_pdbx_struct_oper_list.matrix[1][1]         1.0000000000 
_pdbx_struct_oper_list.matrix[1][2]         0.0000000000 
_pdbx_struct_oper_list.matrix[1][3]         0.0000000000 
_pdbx_struct_oper_list.vector[1]            0.0000000000 
_pdbx_struct_oper_list.matrix[2][1]         0.0000000000 
_pdbx_struct_oper_list.matrix[2][2]         1.0000000000 
_pdbx_struct_oper_list.matrix[2][3]         0.0000000000 
_pdbx_struct_oper_list.vector[2]            0.0000000000 
_pdbx_struct_oper_list.matrix[3][1]         0.0000000000 
_pdbx_struct_oper_list.matrix[3][2]         0.0000000000 
_pdbx_struct_oper_list.matrix[3][3]         1.0000000000 
_pdbx_struct_oper_list.vector[3]            0.0000000000 
# 
loop_
_pdbx_audit_revision_history.ordinal 
_pdbx_audit_revision_history.data_content_type 
_pdbx_audit_revision_history.major_revision 
_pdbx_audit_revision_history.minor_revision 
_pdbx_audit_revision_history.revision_date 
1 'Structure model' 1 0 2008-08-12 
2 'Structure model' 1 1 2011-07-13 
3 'Structure model' 1 2 2017-10-25 
4 'Structure model' 1 3 2023-08-30 
# 
_pdbx_audit_revision_details.ordinal             1 
_pdbx_audit_revision_details.revision_ordinal    1 
_pdbx_audit_revision_details.data_content_type   'Structure model' 
_pdbx_audit_revision_details.provider            repository 
_pdbx_audit_revision_details.type                'Initial release' 
_pdbx_audit_revision_details.description         ? 
_pdbx_audit_revision_details.details             ? 
# 
loop_
_pdbx_audit_revision_group.ordinal 
_pdbx_audit_revision_group.revision_ordinal 
_pdbx_audit_revision_group.data_content_type 
_pdbx_audit_revision_group.group 
1 2 'Structure model' 'Non-polymer description'   
2 2 'Structure model' 'Version format compliance' 
3 3 'Structure model' 'Refinement description'    
4 4 'Structure model' 'Data collection'           
5 4 'Structure model' 'Database references'       
6 4 'Structure model' 'Derived calculations'      
7 4 'Structure model' 'Refinement description'    
# 
loop_
_pdbx_audit_revision_category.ordinal 
_pdbx_audit_revision_category.revision_ordinal 
_pdbx_audit_revision_category.data_content_type 
_pdbx_audit_revision_category.category 
1 3 'Structure model' software                      
2 4 'Structure model' chem_comp_atom                
3 4 'Structure model' chem_comp_bond                
4 4 'Structure model' database_2                    
5 4 'Structure model' pdbx_initial_refinement_model 
6 4 'Structure model' struct_conn                   
# 
loop_
_pdbx_audit_revision_item.ordinal 
_pdbx_audit_revision_item.revision_ordinal 
_pdbx_audit_revision_item.data_content_type 
_pdbx_audit_revision_item.item 
1 3 'Structure model' '_software.classification'            
2 3 'Structure model' '_software.name'                      
3 4 'Structure model' '_database_2.pdbx_DOI'                
4 4 'Structure model' '_database_2.pdbx_database_accession' 
5 4 'Structure model' '_struct_conn.pdbx_leaving_atom_flag' 
# 
loop_
_software.name 
_software.classification 
_software.version 
_software.citation_id 
_software.pdbx_ordinal 
Adxv         'data processing' . ? 1 
CNS          refinement        . ? 2 
CrystalClear 'data reduction'  . ? 3 
CrystalClear 'data scaling'    . ? 4 
CNS          phasing           . ? 5 
# 
loop_
_pdbx_validate_rmsd_angle.id 
_pdbx_validate_rmsd_angle.PDB_model_num 
_pdbx_validate_rmsd_angle.auth_atom_id_1 
_pdbx_validate_rmsd_angle.auth_asym_id_1 
_pdbx_validate_rmsd_angle.auth_comp_id_1 
_pdbx_validate_rmsd_angle.auth_seq_id_1 
_pdbx_validate_rmsd_angle.PDB_ins_code_1 
_pdbx_validate_rmsd_angle.label_alt_id_1 
_pdbx_validate_rmsd_angle.auth_atom_id_2 
_pdbx_validate_rmsd_angle.auth_asym_id_2 
_pdbx_validate_rmsd_angle.auth_comp_id_2 
_pdbx_validate_rmsd_angle.auth_seq_id_2 
_pdbx_validate_rmsd_angle.PDB_ins_code_2 
_pdbx_validate_rmsd_angle.label_alt_id_2 
_pdbx_validate_rmsd_angle.auth_atom_id_3 
_pdbx_validate_rmsd_angle.auth_asym_id_3 
_pdbx_validate_rmsd_angle.auth_comp_id_3 
_pdbx_validate_rmsd_angle.auth_seq_id_3 
_pdbx_validate_rmsd_angle.PDB_ins_code_3 
_pdbx_validate_rmsd_angle.label_alt_id_3 
_pdbx_validate_rmsd_angle.angle_value 
_pdbx_validate_rmsd_angle.angle_target_value 
_pdbx_validate_rmsd_angle.angle_deviation 
_pdbx_validate_rmsd_angle.angle_standard_deviation 
_pdbx_validate_rmsd_angle.linker_flag 
1 1 "O4'" A C 4  ? ? "C1'" A C 4  ? ? N1 A C 4  ? ? 112.97 108.50 4.47 0.70 N 
2 1 "O4'" C U 37 ? ? "C1'" C U 37 ? ? N1 C U 37 ? ? 113.57 108.50 5.07 0.70 N 
# 
loop_
_chem_comp_atom.comp_id 
_chem_comp_atom.atom_id 
_chem_comp_atom.type_symbol 
_chem_comp_atom.pdbx_aromatic_flag 
_chem_comp_atom.pdbx_stereo_config 
_chem_comp_atom.pdbx_ordinal 
A   OP3    O  N N 1   
A   P      P  N N 2   
A   OP1    O  N N 3   
A   OP2    O  N N 4   
A   "O5'"  O  N N 5   
A   "C5'"  C  N N 6   
A   "C4'"  C  N R 7   
A   "O4'"  O  N N 8   
A   "C3'"  C  N S 9   
A   "O3'"  O  N N 10  
A   "C2'"  C  N R 11  
A   "O2'"  O  N N 12  
A   "C1'"  C  N R 13  
A   N9     N  Y N 14  
A   C8     C  Y N 15  
A   N7     N  Y N 16  
A   C5     C  Y N 17  
A   C6     C  Y N 18  
A   N6     N  N N 19  
A   N1     N  Y N 20  
A   C2     C  Y N 21  
A   N3     N  Y N 22  
A   C4     C  Y N 23  
A   HOP3   H  N N 24  
A   HOP2   H  N N 25  
A   "H5'"  H  N N 26  
A   "H5''" H  N N 27  
A   "H4'"  H  N N 28  
A   "H3'"  H  N N 29  
A   "HO3'" H  N N 30  
A   "H2'"  H  N N 31  
A   "HO2'" H  N N 32  
A   "H1'"  H  N N 33  
A   H8     H  N N 34  
A   H61    H  N N 35  
A   H62    H  N N 36  
A   H2     H  N N 37  
A2M P      P  N N 38  
A2M OP1    O  N N 39  
A2M OP3    O  N N 40  
A2M "O5'"  O  N N 41  
A2M "C5'"  C  N N 42  
A2M "C4'"  C  N R 43  
A2M "O4'"  O  N N 44  
A2M "C3'"  C  N R 45  
A2M "O3'"  O  N N 46  
A2M "C2'"  C  N R 47  
A2M "O2'"  O  N N 48  
A2M "C1'"  C  N R 49  
A2M "CM'"  C  N N 50  
A2M N9     N  Y N 51  
A2M C8     C  Y N 52  
A2M N7     N  Y N 53  
A2M C5     C  Y N 54  
A2M C6     C  Y N 55  
A2M N6     N  N N 56  
A2M N1     N  Y N 57  
A2M C2     C  Y N 58  
A2M N3     N  Y N 59  
A2M C4     C  Y N 60  
A2M HOP3   H  N N 61  
A2M "H5'"  H  N N 62  
A2M "H5''" H  N N 63  
A2M "H4'"  H  N N 64  
A2M "H3'"  H  N N 65  
A2M "HO3'" H  N N 66  
A2M "H2'"  H  N N 67  
A2M "H1'"  H  N N 68  
A2M "HM'1" H  N N 69  
A2M "HM'2" H  N N 70  
A2M "HM'3" H  N N 71  
A2M H8     H  N N 72  
A2M H61    H  N N 73  
A2M H62    H  N N 74  
A2M H2     H  N N 75  
A2M OP2    O  N N 76  
A2M HOP2   H  N N 77  
C   OP3    O  N N 78  
C   P      P  N N 79  
C   OP1    O  N N 80  
C   OP2    O  N N 81  
C   "O5'"  O  N N 82  
C   "C5'"  C  N N 83  
C   "C4'"  C  N R 84  
C   "O4'"  O  N N 85  
C   "C3'"  C  N S 86  
C   "O3'"  O  N N 87  
C   "C2'"  C  N R 88  
C   "O2'"  O  N N 89  
C   "C1'"  C  N R 90  
C   N1     N  N N 91  
C   C2     C  N N 92  
C   O2     O  N N 93  
C   N3     N  N N 94  
C   C4     C  N N 95  
C   N4     N  N N 96  
C   C5     C  N N 97  
C   C6     C  N N 98  
C   HOP3   H  N N 99  
C   HOP2   H  N N 100 
C   "H5'"  H  N N 101 
C   "H5''" H  N N 102 
C   "H4'"  H  N N 103 
C   "H3'"  H  N N 104 
C   "HO3'" H  N N 105 
C   "H2'"  H  N N 106 
C   "HO2'" H  N N 107 
C   "H1'"  H  N N 108 
C   H41    H  N N 109 
C   H42    H  N N 110 
C   H5     H  N N 111 
C   H6     H  N N 112 
G   OP3    O  N N 113 
G   P      P  N N 114 
G   OP1    O  N N 115 
G   OP2    O  N N 116 
G   "O5'"  O  N N 117 
G   "C5'"  C  N N 118 
G   "C4'"  C  N R 119 
G   "O4'"  O  N N 120 
G   "C3'"  C  N S 121 
G   "O3'"  O  N N 122 
G   "C2'"  C  N R 123 
G   "O2'"  O  N N 124 
G   "C1'"  C  N R 125 
G   N9     N  Y N 126 
G   C8     C  Y N 127 
G   N7     N  Y N 128 
G   C5     C  Y N 129 
G   C6     C  N N 130 
G   O6     O  N N 131 
G   N1     N  N N 132 
G   C2     C  N N 133 
G   N2     N  N N 134 
G   N3     N  N N 135 
G   C4     C  Y N 136 
G   HOP3   H  N N 137 
G   HOP2   H  N N 138 
G   "H5'"  H  N N 139 
G   "H5''" H  N N 140 
G   "H4'"  H  N N 141 
G   "H3'"  H  N N 142 
G   "HO3'" H  N N 143 
G   "H2'"  H  N N 144 
G   "HO2'" H  N N 145 
G   "H1'"  H  N N 146 
G   H8     H  N N 147 
G   H1     H  N N 148 
G   H21    H  N N 149 
G   H22    H  N N 150 
HOH O      O  N N 151 
HOH H1     H  N N 152 
HOH H2     H  N N 153 
N6G P      P  N N 154 
N6G OP1    O  N N 155 
N6G OP2    O  N N 156 
N6G "O5'"  O  N N 157 
N6G "C5'"  C  N N 158 
N6G "C4'"  C  N R 159 
N6G "O4'"  O  N N 160 
N6G "C1'"  C  N R 161 
N6G N9     N  Y N 162 
N6G C4     C  Y N 163 
N6G N3     N  Y N 164 
N6G C2     C  Y N 165 
N6G N2     N  N N 166 
N6G N1     N  Y N 167 
N6G C6     C  Y N 168 
N6G N6     N  N N 169 
N6G C5     C  Y N 170 
N6G N7     N  Y N 171 
N6G C8     C  Y N 172 
N6G "C2'"  C  N R 173 
N6G "O2'"  O  N N 174 
N6G "C3'"  C  N S 175 
N6G "O3'"  O  N N 176 
N6G OP3    O  N N 177 
N6G HOP2   H  N N 178 
N6G "H5'"  H  N N 179 
N6G "H5''" H  N N 180 
N6G "H4'"  H  N N 181 
N6G "H1'"  H  N N 182 
N6G HN21   H  N N 183 
N6G HN22   H  N N 184 
N6G HN61   H  N N 185 
N6G HN62   H  N N 186 
N6G H8     H  N N 187 
N6G "H2'"  H  N N 188 
N6G "HO2'" H  N N 189 
N6G "H3'"  H  N N 190 
N6G "HO3'" H  N N 191 
N6G HOP3   H  N N 192 
NCO CO     CO N N 193 
NCO N1     N  N N 194 
NCO N2     N  N N 195 
NCO N3     N  N N 196 
NCO N4     N  N N 197 
NCO N5     N  N N 198 
NCO N6     N  N N 199 
NCO HN11   H  N N 200 
NCO HN12   H  N N 201 
NCO HN13   H  N N 202 
NCO HN21   H  N N 203 
NCO HN22   H  N N 204 
NCO HN23   H  N N 205 
NCO HN31   H  N N 206 
NCO HN32   H  N N 207 
NCO HN33   H  N N 208 
NCO HN41   H  N N 209 
NCO HN42   H  N N 210 
NCO HN43   H  N N 211 
NCO HN51   H  N N 212 
NCO HN52   H  N N 213 
NCO HN53   H  N N 214 
NCO HN61   H  N N 215 
NCO HN62   H  N N 216 
NCO HN63   H  N N 217 
S9L O3P    O  N N 218 
S9L P      P  N N 219 
S9L O1P    O  N N 220 
S9L O2P    O  N N 221 
S9L "O5'"  O  N N 222 
S9L C12    C  N N 223 
S9L C22    C  N N 224 
S9L OH3    O  N N 225 
S9L C13    C  N N 226 
S9L C23    C  N N 227 
S9L OH4    O  N N 228 
S9L C14    C  N N 229 
S9L C24    C  N N 230 
S9L "O3'"  O  N N 231 
S9L HO3P   H  N N 232 
S9L HO1P   H  N N 233 
S9L H121   H  N N 234 
S9L H122   H  N N 235 
S9L H221   H  N N 236 
S9L H222   H  N N 237 
S9L H131   H  N N 238 
S9L H132   H  N N 239 
S9L H231   H  N N 240 
S9L H232   H  N N 241 
S9L H141   H  N N 242 
S9L H142   H  N N 243 
S9L H241   H  N N 244 
S9L H242   H  N N 245 
S9L "HO3'" H  N N 246 
SO4 S      S  N N 247 
SO4 O1     O  N N 248 
SO4 O2     O  N N 249 
SO4 O3     O  N N 250 
SO4 O4     O  N N 251 
U   OP3    O  N N 252 
U   P      P  N N 253 
U   OP1    O  N N 254 
U   OP2    O  N N 255 
U   "O5'"  O  N N 256 
U   "C5'"  C  N N 257 
U   "C4'"  C  N R 258 
U   "O4'"  O  N N 259 
U   "C3'"  C  N S 260 
U   "O3'"  O  N N 261 
U   "C2'"  C  N R 262 
U   "O2'"  O  N N 263 
U   "C1'"  C  N R 264 
U   N1     N  N N 265 
U   C2     C  N N 266 
U   O2     O  N N 267 
U   N3     N  N N 268 
U   C4     C  N N 269 
U   O4     O  N N 270 
U   C5     C  N N 271 
U   C6     C  N N 272 
U   HOP3   H  N N 273 
U   HOP2   H  N N 274 
U   "H5'"  H  N N 275 
U   "H5''" H  N N 276 
U   "H4'"  H  N N 277 
U   "H3'"  H  N N 278 
U   "HO3'" H  N N 279 
U   "H2'"  H  N N 280 
U   "HO2'" H  N N 281 
U   "H1'"  H  N N 282 
U   H3     H  N N 283 
U   H5     H  N N 284 
U   H6     H  N N 285 
# 
loop_
_chem_comp_bond.comp_id 
_chem_comp_bond.atom_id_1 
_chem_comp_bond.atom_id_2 
_chem_comp_bond.value_order 
_chem_comp_bond.pdbx_aromatic_flag 
_chem_comp_bond.pdbx_stereo_config 
_chem_comp_bond.pdbx_ordinal 
A   OP3   P      sing N N 1   
A   OP3   HOP3   sing N N 2   
A   P     OP1    doub N N 3   
A   P     OP2    sing N N 4   
A   P     "O5'"  sing N N 5   
A   OP2   HOP2   sing N N 6   
A   "O5'" "C5'"  sing N N 7   
A   "C5'" "C4'"  sing N N 8   
A   "C5'" "H5'"  sing N N 9   
A   "C5'" "H5''" sing N N 10  
A   "C4'" "O4'"  sing N N 11  
A   "C4'" "C3'"  sing N N 12  
A   "C4'" "H4'"  sing N N 13  
A   "O4'" "C1'"  sing N N 14  
A   "C3'" "O3'"  sing N N 15  
A   "C3'" "C2'"  sing N N 16  
A   "C3'" "H3'"  sing N N 17  
A   "O3'" "HO3'" sing N N 18  
A   "C2'" "O2'"  sing N N 19  
A   "C2'" "C1'"  sing N N 20  
A   "C2'" "H2'"  sing N N 21  
A   "O2'" "HO2'" sing N N 22  
A   "C1'" N9     sing N N 23  
A   "C1'" "H1'"  sing N N 24  
A   N9    C8     sing Y N 25  
A   N9    C4     sing Y N 26  
A   C8    N7     doub Y N 27  
A   C8    H8     sing N N 28  
A   N7    C5     sing Y N 29  
A   C5    C6     sing Y N 30  
A   C5    C4     doub Y N 31  
A   C6    N6     sing N N 32  
A   C6    N1     doub Y N 33  
A   N6    H61    sing N N 34  
A   N6    H62    sing N N 35  
A   N1    C2     sing Y N 36  
A   C2    N3     doub Y N 37  
A   C2    H2     sing N N 38  
A   N3    C4     sing Y N 39  
A2M P     OP1    doub N N 40  
A2M P     OP3    sing N N 41  
A2M P     "O5'"  sing N N 42  
A2M OP3   HOP3   sing N N 43  
A2M "O5'" "C5'"  sing N N 44  
A2M "C5'" "C4'"  sing N N 45  
A2M "C5'" "H5'"  sing N N 46  
A2M "C5'" "H5''" sing N N 47  
A2M "C4'" "O4'"  sing N N 48  
A2M "C4'" "C3'"  sing N N 49  
A2M "C4'" "H4'"  sing N N 50  
A2M "O4'" "C1'"  sing N N 51  
A2M "C3'" "O3'"  sing N N 52  
A2M "C3'" "C2'"  sing N N 53  
A2M "C3'" "H3'"  sing N N 54  
A2M "O3'" "HO3'" sing N N 55  
A2M "C2'" "O2'"  sing N N 56  
A2M "C2'" "C1'"  sing N N 57  
A2M "C2'" "H2'"  sing N N 58  
A2M "O2'" "CM'"  sing N N 59  
A2M "C1'" N9     sing N N 60  
A2M "C1'" "H1'"  sing N N 61  
A2M "CM'" "HM'1" sing N N 62  
A2M "CM'" "HM'2" sing N N 63  
A2M "CM'" "HM'3" sing N N 64  
A2M N9    C8     sing Y N 65  
A2M N9    C4     sing Y N 66  
A2M C8    N7     doub Y N 67  
A2M C8    H8     sing N N 68  
A2M N7    C5     sing Y N 69  
A2M C5    C6     sing Y N 70  
A2M C5    C4     doub Y N 71  
A2M C6    N6     sing N N 72  
A2M C6    N1     doub Y N 73  
A2M N6    H61    sing N N 74  
A2M N6    H62    sing N N 75  
A2M N1    C2     sing Y N 76  
A2M C2    N3     doub Y N 77  
A2M C2    H2     sing N N 78  
A2M N3    C4     sing Y N 79  
A2M P     OP2    sing N N 80  
A2M OP2   HOP2   sing N N 81  
C   OP3   P      sing N N 82  
C   OP3   HOP3   sing N N 83  
C   P     OP1    doub N N 84  
C   P     OP2    sing N N 85  
C   P     "O5'"  sing N N 86  
C   OP2   HOP2   sing N N 87  
C   "O5'" "C5'"  sing N N 88  
C   "C5'" "C4'"  sing N N 89  
C   "C5'" "H5'"  sing N N 90  
C   "C5'" "H5''" sing N N 91  
C   "C4'" "O4'"  sing N N 92  
C   "C4'" "C3'"  sing N N 93  
C   "C4'" "H4'"  sing N N 94  
C   "O4'" "C1'"  sing N N 95  
C   "C3'" "O3'"  sing N N 96  
C   "C3'" "C2'"  sing N N 97  
C   "C3'" "H3'"  sing N N 98  
C   "O3'" "HO3'" sing N N 99  
C   "C2'" "O2'"  sing N N 100 
C   "C2'" "C1'"  sing N N 101 
C   "C2'" "H2'"  sing N N 102 
C   "O2'" "HO2'" sing N N 103 
C   "C1'" N1     sing N N 104 
C   "C1'" "H1'"  sing N N 105 
C   N1    C2     sing N N 106 
C   N1    C6     sing N N 107 
C   C2    O2     doub N N 108 
C   C2    N3     sing N N 109 
C   N3    C4     doub N N 110 
C   C4    N4     sing N N 111 
C   C4    C5     sing N N 112 
C   N4    H41    sing N N 113 
C   N4    H42    sing N N 114 
C   C5    C6     doub N N 115 
C   C5    H5     sing N N 116 
C   C6    H6     sing N N 117 
G   OP3   P      sing N N 118 
G   OP3   HOP3   sing N N 119 
G   P     OP1    doub N N 120 
G   P     OP2    sing N N 121 
G   P     "O5'"  sing N N 122 
G   OP2   HOP2   sing N N 123 
G   "O5'" "C5'"  sing N N 124 
G   "C5'" "C4'"  sing N N 125 
G   "C5'" "H5'"  sing N N 126 
G   "C5'" "H5''" sing N N 127 
G   "C4'" "O4'"  sing N N 128 
G   "C4'" "C3'"  sing N N 129 
G   "C4'" "H4'"  sing N N 130 
G   "O4'" "C1'"  sing N N 131 
G   "C3'" "O3'"  sing N N 132 
G   "C3'" "C2'"  sing N N 133 
G   "C3'" "H3'"  sing N N 134 
G   "O3'" "HO3'" sing N N 135 
G   "C2'" "O2'"  sing N N 136 
G   "C2'" "C1'"  sing N N 137 
G   "C2'" "H2'"  sing N N 138 
G   "O2'" "HO2'" sing N N 139 
G   "C1'" N9     sing N N 140 
G   "C1'" "H1'"  sing N N 141 
G   N9    C8     sing Y N 142 
G   N9    C4     sing Y N 143 
G   C8    N7     doub Y N 144 
G   C8    H8     sing N N 145 
G   N7    C5     sing Y N 146 
G   C5    C6     sing N N 147 
G   C5    C4     doub Y N 148 
G   C6    O6     doub N N 149 
G   C6    N1     sing N N 150 
G   N1    C2     sing N N 151 
G   N1    H1     sing N N 152 
G   C2    N2     sing N N 153 
G   C2    N3     doub N N 154 
G   N2    H21    sing N N 155 
G   N2    H22    sing N N 156 
G   N3    C4     sing N N 157 
HOH O     H1     sing N N 158 
HOH O     H2     sing N N 159 
N6G P     OP1    doub N N 160 
N6G P     OP2    sing N N 161 
N6G P     "O5'"  sing N N 162 
N6G P     OP3    sing N N 163 
N6G OP2   HOP2   sing N N 164 
N6G "O5'" "C5'"  sing N N 165 
N6G "C5'" "C4'"  sing N N 166 
N6G "C5'" "H5'"  sing N N 167 
N6G "C5'" "H5''" sing N N 168 
N6G "C4'" "O4'"  sing N N 169 
N6G "C4'" "C3'"  sing N N 170 
N6G "C4'" "H4'"  sing N N 171 
N6G "O4'" "C1'"  sing N N 172 
N6G "C1'" N9     sing N N 173 
N6G "C1'" "C2'"  sing N N 174 
N6G "C1'" "H1'"  sing N N 175 
N6G N9    C4     sing Y N 176 
N6G N9    C8     sing Y N 177 
N6G C4    N3     sing Y N 178 
N6G C4    C5     doub Y N 179 
N6G N3    C2     doub Y N 180 
N6G C2    N2     sing N N 181 
N6G C2    N1     sing Y N 182 
N6G N2    HN21   sing N N 183 
N6G N2    HN22   sing N N 184 
N6G N1    C6     doub Y N 185 
N6G C6    N6     sing N N 186 
N6G C6    C5     sing Y N 187 
N6G N6    HN61   sing N N 188 
N6G N6    HN62   sing N N 189 
N6G C5    N7     sing Y N 190 
N6G N7    C8     doub Y N 191 
N6G C8    H8     sing N N 192 
N6G "C2'" "O2'"  sing N N 193 
N6G "C2'" "C3'"  sing N N 194 
N6G "C2'" "H2'"  sing N N 195 
N6G "O2'" "HO2'" sing N N 196 
N6G "C3'" "O3'"  sing N N 197 
N6G "C3'" "H3'"  sing N N 198 
N6G "O3'" "HO3'" sing N N 199 
N6G OP3   HOP3   sing N N 200 
NCO CO    N1     sing N N 201 
NCO CO    N2     sing N N 202 
NCO CO    N3     sing N N 203 
NCO CO    N4     sing N N 204 
NCO CO    N5     sing N N 205 
NCO CO    N6     sing N N 206 
NCO N1    HN11   sing N N 207 
NCO N1    HN12   sing N N 208 
NCO N1    HN13   sing N N 209 
NCO N2    HN21   sing N N 210 
NCO N2    HN22   sing N N 211 
NCO N2    HN23   sing N N 212 
NCO N3    HN31   sing N N 213 
NCO N3    HN32   sing N N 214 
NCO N3    HN33   sing N N 215 
NCO N4    HN41   sing N N 216 
NCO N4    HN42   sing N N 217 
NCO N4    HN43   sing N N 218 
NCO N5    HN51   sing N N 219 
NCO N5    HN52   sing N N 220 
NCO N5    HN53   sing N N 221 
NCO N6    HN61   sing N N 222 
NCO N6    HN62   sing N N 223 
NCO N6    HN63   sing N N 224 
S9L O3P   P      sing N N 225 
S9L O3P   HO3P   sing N N 226 
S9L P     O2P    doub N N 227 
S9L P     O1P    sing N N 228 
S9L P     "O5'"  sing N N 229 
S9L O1P   HO1P   sing N N 230 
S9L "O5'" C12    sing N N 231 
S9L C12   C22    sing N N 232 
S9L C12   H121   sing N N 233 
S9L C12   H122   sing N N 234 
S9L C22   OH3    sing N N 235 
S9L C22   H221   sing N N 236 
S9L C22   H222   sing N N 237 
S9L OH3   C23    sing N N 238 
S9L C13   C23    sing N N 239 
S9L C13   OH4    sing N N 240 
S9L C13   H131   sing N N 241 
S9L C13   H132   sing N N 242 
S9L C23   H231   sing N N 243 
S9L C23   H232   sing N N 244 
S9L OH4   C24    sing N N 245 
S9L C14   C24    sing N N 246 
S9L C14   "O3'"  sing N N 247 
S9L C14   H141   sing N N 248 
S9L C14   H142   sing N N 249 
S9L C24   H241   sing N N 250 
S9L C24   H242   sing N N 251 
S9L "O3'" "HO3'" sing N N 252 
SO4 S     O1     doub N N 253 
SO4 S     O2     doub N N 254 
SO4 S     O3     sing N N 255 
SO4 S     O4     sing N N 256 
U   OP3   P      sing N N 257 
U   OP3   HOP3   sing N N 258 
U   P     OP1    doub N N 259 
U   P     OP2    sing N N 260 
U   P     "O5'"  sing N N 261 
U   OP2   HOP2   sing N N 262 
U   "O5'" "C5'"  sing N N 263 
U   "C5'" "C4'"  sing N N 264 
U   "C5'" "H5'"  sing N N 265 
U   "C5'" "H5''" sing N N 266 
U   "C4'" "O4'"  sing N N 267 
U   "C4'" "C3'"  sing N N 268 
U   "C4'" "H4'"  sing N N 269 
U   "O4'" "C1'"  sing N N 270 
U   "C3'" "O3'"  sing N N 271 
U   "C3'" "C2'"  sing N N 272 
U   "C3'" "H3'"  sing N N 273 
U   "O3'" "HO3'" sing N N 274 
U   "C2'" "O2'"  sing N N 275 
U   "C2'" "C1'"  sing N N 276 
U   "C2'" "H2'"  sing N N 277 
U   "O2'" "HO2'" sing N N 278 
U   "C1'" N1     sing N N 279 
U   "C1'" "H1'"  sing N N 280 
U   N1    C2     sing N N 281 
U   N1    C6     sing N N 282 
U   C2    O2     doub N N 283 
U   C2    N3     sing N N 284 
U   N3    C4     sing N N 285 
U   N3    H3     sing N N 286 
U   C4    O4     doub N N 287 
U   C4    C5     sing N N 288 
U   C5    C6     doub N N 289 
U   C5    H5     sing N N 290 
U   C6    H6     sing N N 291 
# 
loop_
_ndb_struct_conf_na.entry_id 
_ndb_struct_conf_na.feature 
3B5S 'double helix'         
3B5S 'a-form double helix'  
3B5S 'mismatched base pair' 
3B5S 'internal loop'        
# 
loop_
_ndb_struct_na_base_pair.model_number 
_ndb_struct_na_base_pair.i_label_asym_id 
_ndb_struct_na_base_pair.i_label_comp_id 
_ndb_struct_na_base_pair.i_label_seq_id 
_ndb_struct_na_base_pair.i_symmetry 
_ndb_struct_na_base_pair.j_label_asym_id 
_ndb_struct_na_base_pair.j_label_comp_id 
_ndb_struct_na_base_pair.j_label_seq_id 
_ndb_struct_na_base_pair.j_symmetry 
_ndb_struct_na_base_pair.shear 
_ndb_struct_na_base_pair.stretch 
_ndb_struct_na_base_pair.stagger 
_ndb_struct_na_base_pair.buckle 
_ndb_struct_na_base_pair.propeller 
_ndb_struct_na_base_pair.opening 
_ndb_struct_na_base_pair.pair_number 
_ndb_struct_na_base_pair.pair_name 
_ndb_struct_na_base_pair.i_auth_asym_id 
_ndb_struct_na_base_pair.i_auth_seq_id 
_ndb_struct_na_base_pair.i_PDB_ins_code 
_ndb_struct_na_base_pair.j_auth_asym_id 
_ndb_struct_na_base_pair.j_auth_seq_id 
_ndb_struct_na_base_pair.j_PDB_ins_code 
_ndb_struct_na_base_pair.hbond_type_28 
_ndb_struct_na_base_pair.hbond_type_12 
1 A C   2  1_555 B G   12 1_555 0.255  -0.096 -0.305 8.032   -17.303 2.830    1  A_C2:G13_B    A 2  ? B 13 ? 19 1  
1 A C   3  1_555 B G   11 1_555 0.270  -0.192 -0.093 -0.642  -6.391  -1.496   2  A_C3:G12_B    A 3  ? B 12 ? 19 1  
1 A C   4  1_555 B G   10 1_555 0.412  -0.161 -0.066 4.395   -2.903  2.921    3  A_C4:G11_B    A 4  ? B 11 ? 19 1  
1 A A2M 5  1_555 B A   8  1_555 6.763  -3.897 -0.299 15.560  9.240   -26.921  4  A_A2M5:A9_B   A 5  ? B 9  ? ?  ?  
1 A U   7  1_555 B G   7  1_555 -7.741 -2.837 -0.317 13.221  0.038   1.901    5  A_U7:G8_B     A 7  ? B 8  ? ?  ?  
1 A C   8  1_555 B A   6  1_555 -2.096 0.458  -0.829 22.721  -13.217 10.311   6  A_C8:A7_B     A 8  ? B 7  ? ?  ?  
1 A C   9  1_555 B G   5  1_555 0.032  0.046  -0.218 13.766  -14.007 6.628    7  A_C9:G6_B     A 9  ? B 6  ? 19 1  
1 A A   10 1_555 B U   4  1_555 0.273  -0.035 0.348  0.972   -11.083 7.369    8  A_A10:U5_B    A 10 ? B 5  ? 20 1  
1 A C   11 1_555 B G   3  1_555 0.236  -0.027 0.425  2.119   -12.679 4.331    9  A_C11:G4_B    A 11 ? B 4  ? 19 1  
1 A C   12 1_555 B G   2  1_555 0.289  -0.148 0.205  2.871   -11.935 4.703    10 A_C12:G3_B    A 12 ? B 3  ? 19 1  
1 A G   13 1_555 B C   1  1_555 -0.290 0.073  0.054  -3.055  -9.300  8.191    11 A_G13:C2_B    A 13 ? B 2  ? 19 1  
1 B G   14 1_555 C C   19 1_555 -0.328 -0.178 0.334  0.513   -8.980  -0.373   12 B_G15:C49_C   B 15 ? C 49 ? 19 1  
1 B G   15 1_555 C C   18 1_555 -0.203 -0.179 0.561  12.377  -8.916  -2.478   13 B_G16:C48_C   B 16 ? C 48 ? 19 1  
1 B C   16 1_555 C G   17 1_555 0.181  -0.064 -0.016 8.850   -12.271 -0.738   14 B_C17:G47_C   B 17 ? C 47 ? 19 1  
1 B A   17 1_555 C U   16 1_555 0.000  -0.080 -0.182 -3.089  -10.215 5.169    15 B_A18:U46_C   B 18 ? C 46 ? 20 1  
1 B G   18 1_555 C C   15 1_555 -0.305 -0.185 -0.480 -9.557  -9.288  5.654    16 B_G19:C45_C   B 19 ? C 45 ? 19 1  
1 B A   19 1_555 C C   14 1_555 2.298  0.275  -0.360 -15.219 -6.148  16.505   17 B_A20:C44_C   B 20 ? C 44 ? ?  1  
1 B G   20 1_555 C A   13 1_555 7.030  -4.545 -0.179 -6.516  1.408   -9.019   18 B_G21:A43_C   B 21 ? C 43 ? 11 10 
1 B A   21 1_555 C U   11 1_555 -4.168 -1.670 -0.255 -2.845  -10.376 -104.077 19 B_A22:U41_C   B 22 ? C 41 ? 24 4  
1 B A   22 1_555 C A   10 1_555 -4.232 1.215  -0.489 -0.949  -23.363 -99.979  20 B_A23:A40_C   B 23 ? C 40 ? 5  4  
1 B A   23 1_555 C N6G 8  1_555 5.227  3.401  -0.387 -4.198  -9.729  -155.851 21 B_A24:N6G38_C B 24 ? C 38 ? ?  ?  
1 B C   24 1_555 A G   6  1_555 0.118  -0.113 0.140  19.301  -14.038 0.520    22 B_C25:G6_A    B 25 ? A 6  ? 19 1  
1 B A   25 1_555 C G   6  1_555 0.035  1.355  -0.639 -9.129  -16.115 -23.306  23 B_A26:G36_C   B 26 ? C 36 ? 8  ?  
1 B C   26 1_555 C G   5  1_555 0.025  -0.204 -0.017 5.147   -21.043 -2.648   24 B_C27:G35_C   B 27 ? C 35 ? 19 1  
1 B A   27 1_555 C U   4  1_555 0.252  -0.117 0.436  5.236   -17.112 -2.477   25 B_A28:U34_C   B 28 ? C 34 ? 20 1  
1 B C   28 1_555 C G   3  1_555 0.058  -0.053 0.007  5.543   -13.407 2.426    26 B_C29:G33_C   B 29 ? C 33 ? 19 1  
1 B G   29 1_555 C C   2  1_555 -0.300 -0.153 0.138  -7.067  -13.799 -2.979   27 B_G30:C32_C   B 30 ? C 32 ? 19 1  
1 B A   30 1_555 C U   1  1_555 0.567  -0.149 0.211  -1.092  -8.290  -1.630   28 B_A31:U31_C   B 31 ? C 31 ? 20 1  
# 
loop_
_ndb_struct_na_base_pair_step.model_number 
_ndb_struct_na_base_pair_step.i_label_asym_id_1 
_ndb_struct_na_base_pair_step.i_label_comp_id_1 
_ndb_struct_na_base_pair_step.i_label_seq_id_1 
_ndb_struct_na_base_pair_step.i_symmetry_1 
_ndb_struct_na_base_pair_step.j_label_asym_id_1 
_ndb_struct_na_base_pair_step.j_label_comp_id_1 
_ndb_struct_na_base_pair_step.j_label_seq_id_1 
_ndb_struct_na_base_pair_step.j_symmetry_1 
_ndb_struct_na_base_pair_step.i_label_asym_id_2 
_ndb_struct_na_base_pair_step.i_label_comp_id_2 
_ndb_struct_na_base_pair_step.i_label_seq_id_2 
_ndb_struct_na_base_pair_step.i_symmetry_2 
_ndb_struct_na_base_pair_step.j_label_asym_id_2 
_ndb_struct_na_base_pair_step.j_label_comp_id_2 
_ndb_struct_na_base_pair_step.j_label_seq_id_2 
_ndb_struct_na_base_pair_step.j_symmetry_2 
_ndb_struct_na_base_pair_step.shift 
_ndb_struct_na_base_pair_step.slide 
_ndb_struct_na_base_pair_step.rise 
_ndb_struct_na_base_pair_step.tilt 
_ndb_struct_na_base_pair_step.roll 
_ndb_struct_na_base_pair_step.twist 
_ndb_struct_na_base_pair_step.x_displacement 
_ndb_struct_na_base_pair_step.y_displacement 
_ndb_struct_na_base_pair_step.helical_rise 
_ndb_struct_na_base_pair_step.inclination 
_ndb_struct_na_base_pair_step.tip 
_ndb_struct_na_base_pair_step.helical_twist 
_ndb_struct_na_base_pair_step.step_number 
_ndb_struct_na_base_pair_step.step_name 
_ndb_struct_na_base_pair_step.i_auth_asym_id_1 
_ndb_struct_na_base_pair_step.i_auth_seq_id_1 
_ndb_struct_na_base_pair_step.i_PDB_ins_code_1 
_ndb_struct_na_base_pair_step.j_auth_asym_id_1 
_ndb_struct_na_base_pair_step.j_auth_seq_id_1 
_ndb_struct_na_base_pair_step.j_PDB_ins_code_1 
_ndb_struct_na_base_pair_step.i_auth_asym_id_2 
_ndb_struct_na_base_pair_step.i_auth_seq_id_2 
_ndb_struct_na_base_pair_step.i_PDB_ins_code_2 
_ndb_struct_na_base_pair_step.j_auth_asym_id_2 
_ndb_struct_na_base_pair_step.j_auth_seq_id_2 
_ndb_struct_na_base_pair_step.j_PDB_ins_code_2 
1 A C   2  1_555 B G   12 1_555 A C   3  1_555 B G   11 1_555 -0.602 -1.650 3.573 -1.842 8.919  32.881  -4.280 0.724  3.062 15.392 
3.180   34.086  1  AA_C2C3:G12G13_BB     A 2  ? B 13 ? A 3  ? B 12 ? 
1 A C   3  1_555 B G   11 1_555 A C   4  1_555 B G   10 1_555 0.914  -1.648 3.236 1.845  9.825  26.631  -5.418 -1.476 2.535 20.436 
-3.838  28.414  2  AA_C3C4:G11G12_BB     A 3  ? B 12 ? A 4  ? B 11 ? 
1 A C   4  1_555 B G   10 1_555 A A2M 5  1_555 B A   8  1_555 0.409  -0.601 5.263 -2.071 30.647 72.380  -1.872 -0.420 4.735 24.889 
1.682   77.801  3  AA_C4A2M5:A9G11_BB    A 4  ? B 11 ? A 5  ? B 9  ? 
1 A A2M 5  1_555 B A   8  1_555 A U   7  1_555 B G   7  1_555 -0.895 0.195  3.479 4.102  3.340  7.695   -6.046 14.399 2.546 21.808 
-26.790 9.336   4  AA_A2M5U7:G8A9_BB     A 5  ? B 9  ? A 7  ? B 8  ? 
1 A U   7  1_555 B G   7  1_555 A C   8  1_555 B A   6  1_555 0.231  -0.687 3.197 -2.539 6.089  51.841  -1.169 -0.424 3.090 6.933  
2.891   52.230  5  AA_U7C8:A7G8_BB       A 7  ? B 8  ? A 8  ? B 7  ? 
1 A C   8  1_555 B A   6  1_555 A C   9  1_555 B G   5  1_555 -0.169 -1.368 3.648 -4.557 9.569  39.926  -3.047 -0.286 3.249 13.722 
6.535   41.253  6  AA_C8C9:G6A7_BB       A 8  ? B 7  ? A 9  ? B 6  ? 
1 A C   9  1_555 B G   5  1_555 A A   10 1_555 B U   4  1_555 -0.270 -1.640 3.372 -4.003 12.460 32.260  -4.552 -0.128 2.595 21.360 
6.863   34.748  7  AA_C9A10:U5G6_BB      A 9  ? B 6  ? A 10 ? B 5  ? 
1 A A   10 1_555 B U   4  1_555 A C   11 1_555 B G   3  1_555 -0.349 -1.420 3.205 -2.368 4.627  31.644  -3.366 0.226  2.990 8.415  
4.305   32.057  8  AA_A10C11:G4U5_BB     A 10 ? B 5  ? A 11 ? B 4  ? 
1 A C   11 1_555 B G   3  1_555 A C   12 1_555 B G   2  1_555 0.099  -2.016 3.059 1.011  5.627  32.287  -4.430 -0.022 2.681 10.020 
-1.800  32.776  9  AA_C11C12:G3G4_BB     A 11 ? B 4  ? A 12 ? B 3  ? 
1 A C   12 1_555 B G   2  1_555 A G   13 1_555 B C   1  1_555 0.148  -1.766 3.258 2.059  9.741  29.206  -5.058 0.088  2.555 18.648 
-3.942  30.821  10 AA_C12G13:C2G3_BB     A 12 ? B 3  ? A 13 ? B 2  ? 
1 B G   14 1_555 C C   19 1_555 B G   15 1_555 C C   18 1_555 -0.712 -1.168 2.873 -4.671 5.194  34.361  -2.617 0.574  2.743 8.681  
7.806   35.043  11 BB_G15G16:C48C49_CC   B 15 ? C 49 ? B 16 ? C 48 ? 
1 B G   15 1_555 C C   18 1_555 B C   16 1_555 C G   17 1_555 0.208  -1.375 3.329 4.118  9.398  35.082  -3.455 0.220  2.883 15.193 
-6.658  36.506  12 BB_G16C17:G47C48_CC   B 16 ? C 48 ? B 17 ? C 47 ? 
1 B C   16 1_555 C G   17 1_555 B A   17 1_555 C U   16 1_555 0.400  -1.661 3.478 0.308  12.004 30.567  -4.951 -0.657 2.658 21.745 
-0.558  32.789  13 BB_C17A18:U46G47_CC   B 17 ? C 47 ? B 18 ? C 46 ? 
1 B A   17 1_555 C U   16 1_555 B G   18 1_555 C C   15 1_555 0.180  -2.021 3.541 1.035  7.984  29.129  -5.507 -0.135 2.902 15.504 
-2.009  30.198  14 BB_A18G19:C45U46_CC   B 18 ? C 46 ? B 19 ? C 45 ? 
1 B G   18 1_555 C C   15 1_555 B A   19 1_555 C C   14 1_555 0.820  -1.457 3.445 1.521  7.973  38.256  -3.151 -1.040 3.121 12.000 
-2.290  39.076  15 BB_G19A20:C44C45_CC   B 19 ? C 45 ? B 20 ? C 44 ? 
1 B A   19 1_555 C C   14 1_555 B G   20 1_555 C A   13 1_555 -0.611 -0.979 3.125 6.620  5.626  58.258  -1.267 0.940  2.949 5.743  
-6.758  58.846  16 BB_A20G21:A43C44_CC   B 20 ? C 44 ? B 21 ? C 43 ? 
1 B G   20 1_555 C A   13 1_555 B A   21 1_555 C U   11 1_555 -2.249 -0.418 3.464 2.482  0.381  11.813  -2.468 13.831 2.915 1.824  
-11.884 12.076  17 BB_G21A22:U41A43_CC   B 21 ? C 43 ? B 22 ? C 41 ? 
1 B A   21 1_555 C U   11 1_555 B A   22 1_555 C A   10 1_555 -0.095 -2.384 3.502 -9.457 4.269  44.589  -3.456 -0.737 3.227 5.538  
12.268  45.720  18 BB_A22A23:A40U41_CC   B 22 ? C 41 ? B 23 ? C 40 ? 
1 B A   22 1_555 C A   10 1_555 B A   23 1_555 C N6G 8  1_555 -3.249 -3.129 3.585 -3.197 0.896  74.506  -2.614 2.572  3.670 0.740  
2.640   74.569  19 BB_A23A24:N6G38A40_CC B 23 ? C 40 ? B 24 ? C 38 ? 
1 B A   23 1_555 C N6G 8  1_555 B C   24 1_555 A G   6  1_555 2.592  -0.167 2.891 -1.409 3.986  -31.330 -0.362 4.523  3.000 -7.339 
-2.594  -31.607 20 BB_A24C25:G6N6G38_AC  B 24 ? C 38 ? B 25 ? A 6  ? 
1 B C   24 1_555 A G   6  1_555 B A   25 1_555 C G   6  1_555 0.092  -2.087 3.855 6.741  5.652  46.694  -3.115 0.509  3.573 7.057  
-8.417  47.469  21 BB_C25A26:G36G6_CA    B 25 ? A 6  ? B 26 ? C 36 ? 
1 B A   25 1_555 C G   6  1_555 B C   26 1_555 C G   5  1_555 1.064  -0.699 2.942 -5.091 4.355  29.614  -2.087 -2.911 2.600 8.386  
9.802   30.346  22 BB_A26C27:G35G36_CC   B 26 ? C 36 ? B 27 ? C 35 ? 
1 B C   26 1_555 C G   5  1_555 B A   27 1_555 C U   4  1_555 0.297  -1.210 3.195 -1.803 8.320  37.410  -2.818 -0.663 2.855 12.770 
2.767   38.333  23 BB_C27A28:U34G35_CC   B 27 ? C 35 ? B 28 ? C 34 ? 
1 B A   27 1_555 C U   4  1_555 B C   28 1_555 C G   3  1_555 0.516  -1.126 3.305 4.733  -0.368 31.350  -1.993 -0.051 3.358 -0.676 
-8.696  31.699  24 BB_A28C29:G33U34_CC   B 28 ? C 34 ? B 29 ? C 33 ? 
1 B C   28 1_555 C G   3  1_555 B G   29 1_555 C C   2  1_555 0.110  -1.516 3.398 0.657  11.872 34.476  -4.022 -0.089 2.746 19.332 
-1.070  36.410  25 BB_C29G30:C32G33_CC   B 29 ? C 33 ? B 30 ? C 32 ? 
1 B G   29 1_555 C C   2  1_555 B A   30 1_555 C U   1  1_555 0.751  -1.664 3.019 3.885  3.392  35.091  -3.186 -0.714 2.915 5.589  
-6.401  35.456  26 BB_G30A31:U31C32_CC   B 30 ? C 32 ? B 31 ? C 31 ? 
# 
loop_
_pdbx_entity_nonpoly.entity_id 
_pdbx_entity_nonpoly.name 
_pdbx_entity_nonpoly.comp_id 
4 'SULFATE ION'           SO4 
5 'COBALT HEXAMMINE(III)' NCO 
6 water                   HOH 
# 
_pdbx_initial_refinement_model.id               1 
_pdbx_initial_refinement_model.entity_id_list   ? 
_pdbx_initial_refinement_model.type             'experimental model' 
_pdbx_initial_refinement_model.source_name      PDB 
_pdbx_initial_refinement_model.accession_code   2OUE 
_pdbx_initial_refinement_model.details          ? 
# 
